data_8Z9Y
#
_entry.id   8Z9Y
#
_cell.length_a   1.00
_cell.length_b   1.00
_cell.length_c   1.00
_cell.angle_alpha   90.00
_cell.angle_beta   90.00
_cell.angle_gamma   90.00
#
_symmetry.space_group_name_H-M   'P 1'
#
loop_
_entity.id
_entity.type
_entity.pdbx_description
1 polymer 'Protein TIC 214'
2 polymer 'Protein TIC 20-I, chloroplastic'
3 polymer 'Actin T1-like protein'
4 polymer 'Protein TIC 100'
5 polymer 'Protein TIC 56, chloroplastic'
6 polymer 'Nucleusenvelope protein'
#
loop_
_entity_poly.entity_id
_entity_poly.type
_entity_poly.pdbx_seq_one_letter_code
_entity_poly.pdbx_strand_id
1 'polypeptide(L)'
;MMVFQSFILGNLVSLCMKIINSVVVVGLYYGFLTTFSIGPSYLFLLRARVMDEGEEGTEKKVSATTGFIAGQLMMFISIY
YAPLHLALGRPHTITVLALPYLLFHFFWNNHKHFFDYGSTTRNEMRNLRIQCVFLNNLIFQLFNHFILPSSMLARLVNIY
MFRCNNKMLFVTSSFVGWLIGHILFMKWVGLVLVWIQQNNSIRSNVVIRSNKYKFLVSELRNSMARIFSILLFITCVYYL
GRIPSPIFTKKLKGTSETGGTKQDQEVSTEEAPFPSLFSEEGEDLDKIDEMEEIRVNGKDKINKDDEFHVRTYYNYKTVS
ENLYGNKENSNLEFFKIKKKEDHFLWFEKPFVTLVFDYKRWNRPNRYIKNDKIENIVRNEMSQYFFYTCQSDGKERISFT
YPPNLSTFFEMIQKRIPSFTKEKKTFDQVSTYWSLIHEEKRENLKKEFLNRIEALDKEWSVENILEKTTRFCYNEAKKEY
LPKIYDPFLHGISRGRIKKLPPFQIITETYRKNNLGGSWINKIHGLLLKINYKKFEQTIEKFNRKSLSIEKKLSFFSEPQ
QEEKINSEEEIKTFKFLFDIVRTDSNDQTLIKNFMDFPEINKKVPRWSYKLISELEELEGENEENVPMEPGIRSRKAKRV
VVFTDKEPHGEIYTNLKDNQNSDQNDEMALIRYSQQSDFRREIIKGSMRSQRRKTVIWEFFQAKVHSPLFFDRIDKLFFF
SFDIWGLKKKIIKNFIWKKKIDKKEEEQSKREETRRIEIAETWDSFLFAQIIRGSLLVTQSILRKYIILPLLIIIKNSVR
MLLFQFPEWSQDLKDWKREMHVKCTYNGVQLSETEFPRNWLTDGIQIKILFPFYLKPWHKSKFQASQKARLKKTKDKGEK
NDFCFLTVWGMETELPFGSAQRKPSFFEPISKELKKRIKKLKKKSFVVLKIFKERAPIFLKVAKETKNWILKNFIFIKGI
SKRNLIPLFGPREIYELNEPKKDSIISNQMIHELSVQNKSLEWTNSSLSEKKIKNLIDRKKTIRNQIEEISKEKQNLTNS
CTKLRYDSKIIESSKKIWQTFKRKNTRLIRKSIFFFKFCIEQMSIAIFLGIINIPRITTQLFFESTKKILDKYIYKNEEN
GEKKKNTLYFISTIKNLISNKKKMSYDLCSLSQAYVFYKLSQIKVSNFCKLKAVLEYNICITSFFVKNKIKVFFQEHGIF
HYELKNKTFLNSEVNQWKNWLRSQYQYNLPQISWARLVTQNWKNKINKDSLVLNPSLTKEDSYEKKKFDNYKKQKFFEAD
SLLNPKHNVKKDSIYNLFCYKSIHSTEKNFDMSIGIALDNCLVSSFLEKYNIRGMGEIRHRKYLDWRILNFWFTKKVTIE
PWVDTKSKKKYINTKVQNYQKIDKITQTDLANKKRNFFDWMGMNEEILNQRITNFEFFFFPEFFLFSSTYKMKPWVIPIK
LLLLNFNENINVNKKIIRKKKGFIPSNEKESLRFYNLNKEEKESAGQVELESDKETKRNPEAARLNQEKNIEENFAESTI
KKRKNKKQYKSNTEAELDLFLTRYSRFQLRWNCFFNQKILNNVKVYCLLVRLNNPNEIAVSSIERGEMSLDILMIEKNFT
FAKLMKKGILIIEPVRLSVQNDGQLIIYRTIGISLVHKNKHKISKRYKKKSYINKKFFEKSITKYQNKTVNKKKNNYDFF
VPEKILSPKRRREFRILICFNLKKKNARDTNSRFDKNIQNLTTVLHKKKDLDLDKDKNNLINLKSFLWPNFKLEDLACMN
RYWFNTTNGNHFSMIRIRMYTRFPIP
;
A
2 'polypeptide(L)'
;MITGYSTPSAHVLMSSRAFKSSSYRAAAGQTQHYLARSSLPVVKNSWGSPPSPFNELPRVSRGVPLSYLSASSSLLLNGE
QGSLSGTLPVLPVRRKTLLTPRASKDVPSSFRFPPMTKKPQWWWRTLACLPYLMPLHETWMYAETAYHLHPFLEDFEFLT
YPFLGAIGRLPSWFLMAYFFVAYLGIVRRKEWPHFFRFHVVMGMLLEIALQVIGTVSKWMPLGVYWGKFGMHFWTAVAFA
YLFTVLESIRCALAGMYADIPFVCDAAYIQIPYD
;
B
3 'polypeptide(L)'
;MEKYFGNAYRGDPGVPHADADRFVNIWIGSAAFSVLTWVNPYMWQLSNQFNYHDKWMLFEQYHWKKARAKKQPYEFKWNK
IPKEVRDSYYYNWPVYFP
;
C
4 'polypeptide(L)'
;MANEELTESQQQEDPSQQLPNADEEKGSDSDSNSDSDASSQSSGDDFYISESENEAEGDNTIFNYVRPSDIPPDPNANPE
TNIRRFNRVLDGKRVKRMQEEEEDKYTFYEDLFDFPRDPERWKEQDLREIWADGPLEMTKPGWDPAWADEDDWDVVNDEI
QEGRDPGIQPFYVPYRKPYPAIPDNHYDIENAKGVVEELDRIEEFLQWVSYIFPDGSSYEGTVWDDLAQGKGVYIAENGL
VRYEGEWLQNDMEGHGVIDVDIPDIEPIPGSKLEAKMRAEGRIIKRDYMTPEDRKWLEMDVEDSVALTDGNFQVPFYENE
EWVTQFGEKPEKGRYRYAGQWKHSRMHGCGVYEVNERILYGRFYFGELLEEEHGCTVDICALHSGLAEVAAAKARMFVNK
PDGMIREERGPYGDPQHPYFYEEDDVWMAPGFINQFYEVPEYWETYVGEVDQEREMWLNSFYKAPLRLPMPAELEHWWEN
VEVTPEFVLLNKEPEPDPNDPSKLVQKEDPVILHTPTGRIINYVEDEKHGIRLFWQPPLEEGEEVDPSKVEFLPLGFDEF
YGKEVVVKKEHPIKSFVLGIEKSVKPMLDGLEKWTEEKKKAYEERKEMIQQELELVEAEICLEEAIEDMDEELKKKEQEE
EKKTEMGLTEEDEDVLVPVYKEEKVVTAKEKIQENKQEEKYKDDDDEDDDDGDDDDDDDDDDDLGPSSFGSADKGRRNSP
FSSSSLSFASCTLFPAVQSRLESSFLAWKQHRAEPSKVNTGIIKGADTASASIHFPPLSSNNARLKMGKVANRGCVQRSY
GSSRSQSQLMSLSRLLSCNASSSSSPPDSSSSEYLKDSGLWETPVGDMSVVLSLQIQTKCSDLFAETPAVS
;
D
5 'polypeptide(L)'
;MSSMNFNPFQNWFEKPPNPVPSINFVSLADSFFPKSQSPNFASIGLPKFSKKSPKPETAGTDEPGPYKQIAEQFLWECEN
IPDYRHTPEVDKLLNEDPVFEKKENPSTEEIEAEQKWWESFRASPVVQFMTRAEEIADDMNKMELEDNDTPYRKEDKDYW
RAIPHVPGFDGRPMPRKAIKSKEESDDKFWDFMKQFLFGLWGFRQRPYPPGRPIDVAQAIGYKRLEKRYYDFIMKTGGWW
YKDRLGRSRGPCEIITLKTAYGAGIIDRDTFIWGEDMDEWAPIHMVYGLEPAIATWEVRLGAAATAFLHKLQKGIPPWVP
LKGREPKTYKQLQKEAIESKKRDMAVLEANGGVWPGVRTPSHALFLWASGSELTTVLESDHMPNKFIPKQLRLELAKVIP
GLRPWEVISIEQAMDQISYGGEWYREPLGTYTTGPPYIREWNRSVMRLFRIFYNLSVRVGQKLERTVPGFDTIMDKVQKD
YDKRIARRMKRREEELREEDLKHYSGRTDEDEEEEEEEDDDSNSKKD
;
E
6 'polypeptide(L)'
;MSFTQANCFRPSYYPARITRPNCISSVPIRSSVRFDHFPRTSFTLRATAAVSTQFSPLLDHRRRLPTGKSKQSSAVCLFG
GKDKPDGSDEISPWKAIEKAMGKKSVEDMLREQIQKKDFYDTDSGGNMPPRGGGSGGGGGNGEERPEGSGGEDGGLAGIA
DETLQVVLATLGFIFLYTYIITGEELVKLARDYIRFLMGRPKTVRLTRAMDSWNGFLEKMSRQRVYDEYWLEKAIINTPT
WYDSPEKYRRVIKAYVDSNSDEAYVESNSDEVSY
;
F
#
# COMPACT_ATOMS: atom_id res chain seq x y z
N LEU A 15 1.58 48.95 -17.38
CA LEU A 15 2.88 48.28 -17.28
C LEU A 15 2.79 46.85 -17.80
N CYS A 16 1.57 46.31 -17.84
CA CYS A 16 1.23 44.96 -18.28
C CYS A 16 1.79 43.89 -17.34
N MET A 17 2.50 44.27 -16.29
CA MET A 17 3.02 43.33 -15.30
C MET A 17 2.18 43.29 -14.03
N LYS A 18 1.76 44.45 -13.54
CA LYS A 18 0.84 44.49 -12.41
C LYS A 18 -0.55 43.98 -12.80
N ILE A 19 -0.96 44.23 -14.05
CA ILE A 19 -2.27 43.76 -14.50
C ILE A 19 -2.34 42.24 -14.44
N ILE A 20 -1.28 41.57 -14.91
CA ILE A 20 -1.25 40.11 -14.86
C ILE A 20 -1.24 39.61 -13.42
N ASN A 21 -0.46 40.26 -12.56
CA ASN A 21 -0.38 39.88 -11.15
C ASN A 21 -1.48 40.54 -10.33
N SER A 22 -2.73 40.36 -10.76
CA SER A 22 -3.89 40.93 -10.10
C SER A 22 -4.91 39.86 -9.80
N VAL A 23 -5.66 40.05 -8.71
CA VAL A 23 -6.67 39.07 -8.32
C VAL A 23 -7.79 39.03 -9.35
N VAL A 24 -8.14 40.18 -9.93
CA VAL A 24 -9.23 40.23 -10.90
C VAL A 24 -8.87 39.39 -12.14
N VAL A 25 -7.64 39.54 -12.63
CA VAL A 25 -7.22 38.82 -13.82
C VAL A 25 -7.19 37.32 -13.56
N VAL A 26 -6.67 36.90 -12.39
CA VAL A 26 -6.65 35.49 -12.06
C VAL A 26 -8.07 34.93 -11.95
N GLY A 27 -8.97 35.69 -11.32
CA GLY A 27 -10.34 35.25 -11.21
C GLY A 27 -11.01 35.07 -12.56
N LEU A 28 -10.83 36.06 -13.45
CA LEU A 28 -11.38 35.94 -14.80
C LEU A 28 -10.79 34.75 -15.53
N TYR A 29 -9.48 34.56 -15.43
CA TYR A 29 -8.80 33.49 -16.15
C TYR A 29 -9.29 32.12 -15.70
N TYR A 30 -9.45 31.94 -14.38
CA TYR A 30 -9.87 30.63 -13.88
C TYR A 30 -11.39 30.45 -13.88
N GLY A 31 -12.16 31.52 -14.09
CA GLY A 31 -13.59 31.38 -14.27
C GLY A 31 -13.95 31.09 -15.71
N PHE A 32 -13.11 31.55 -16.64
CA PHE A 32 -13.36 31.27 -18.04
C PHE A 32 -13.20 29.79 -18.37
N LEU A 33 -12.37 29.07 -17.61
CA LEU A 33 -12.09 27.68 -17.93
C LEU A 33 -13.28 26.78 -17.67
N THR A 34 -14.16 27.16 -16.73
CA THR A 34 -15.32 26.34 -16.41
C THR A 34 -16.33 26.26 -17.54
N THR A 35 -16.21 27.10 -18.57
CA THR A 35 -17.13 27.05 -19.70
C THR A 35 -17.03 25.75 -20.48
N PHE A 36 -15.92 25.03 -20.34
CA PHE A 36 -15.69 23.80 -21.10
C PHE A 36 -16.35 22.58 -20.47
N SER A 37 -17.36 22.79 -19.63
CA SER A 37 -18.08 21.71 -18.97
C SER A 37 -19.53 21.70 -19.41
N ILE A 38 -20.23 20.63 -19.04
CA ILE A 38 -21.65 20.47 -19.37
C ILE A 38 -22.26 19.52 -18.36
N GLY A 39 -23.59 19.55 -18.25
CA GLY A 39 -24.29 18.71 -17.30
C GLY A 39 -25.79 18.73 -17.50
N PRO A 40 -26.51 18.06 -16.59
CA PRO A 40 -27.98 18.01 -16.71
C PRO A 40 -28.66 19.36 -16.56
N SER A 41 -27.97 20.37 -16.02
CA SER A 41 -28.59 21.66 -15.77
C SER A 41 -29.05 22.35 -17.05
N TYR A 42 -28.54 21.94 -18.20
CA TYR A 42 -28.90 22.53 -19.49
C TYR A 42 -30.14 21.89 -20.10
N LEU A 43 -30.72 20.89 -19.44
CA LEU A 43 -31.92 20.24 -19.97
C LEU A 43 -33.08 21.23 -20.07
N PHE A 44 -33.28 22.04 -19.03
CA PHE A 44 -34.35 23.03 -19.10
C PHE A 44 -34.00 24.19 -20.02
N LEU A 45 -32.71 24.45 -20.22
CA LEU A 45 -32.32 25.42 -21.25
C LEU A 45 -32.72 24.93 -22.63
N LEU A 46 -32.57 23.62 -22.88
CA LEU A 46 -33.05 23.04 -24.13
C LEU A 46 -34.57 23.03 -24.19
N ARG A 47 -35.21 22.83 -23.04
CA ARG A 47 -36.67 22.92 -22.99
C ARG A 47 -37.16 24.33 -23.28
N ALA A 48 -36.31 25.33 -23.05
CA ALA A 48 -36.64 26.70 -23.46
C ALA A 48 -36.79 26.77 -24.98
N ARG A 49 -35.94 26.05 -25.71
CA ARG A 49 -35.97 26.11 -27.18
C ARG A 49 -36.89 25.09 -27.81
N VAL A 50 -37.33 24.07 -27.07
CA VAL A 50 -38.23 23.10 -27.70
C VAL A 50 -39.56 23.77 -28.05
N MET A 51 -40.02 24.71 -27.23
CA MET A 51 -41.28 25.41 -27.44
C MET A 51 -41.05 26.87 -27.79
N ASP A 52 -39.96 27.17 -28.51
CA ASP A 52 -39.71 28.55 -28.93
C ASP A 52 -40.60 28.99 -30.08
N GLU A 53 -41.33 28.06 -30.71
CA GLU A 53 -42.24 28.41 -31.78
C GLU A 53 -43.39 29.27 -31.25
N GLY A 54 -43.47 30.51 -31.71
CA GLY A 54 -44.50 31.44 -31.29
C GLY A 54 -43.90 32.70 -30.69
N GLU A 55 -44.82 33.63 -30.38
CA GLU A 55 -44.40 34.89 -29.78
C GLU A 55 -43.80 34.68 -28.39
N GLU A 56 -44.40 33.79 -27.60
CA GLU A 56 -43.93 33.53 -26.24
C GLU A 56 -42.57 32.84 -26.21
N GLY A 57 -42.07 32.35 -27.35
CA GLY A 57 -40.79 31.68 -27.36
C GLY A 57 -39.65 32.58 -26.92
N THR A 58 -39.66 33.84 -27.36
CA THR A 58 -38.66 34.80 -26.91
C THR A 58 -38.75 35.01 -25.41
N GLU A 59 -39.98 35.17 -24.90
CA GLU A 59 -40.17 35.31 -23.47
C GLU A 59 -39.73 34.06 -22.73
N LYS A 60 -40.08 32.89 -23.26
CA LYS A 60 -39.64 31.63 -22.66
C LYS A 60 -38.12 31.56 -22.60
N LYS A 61 -37.46 31.91 -23.71
CA LYS A 61 -36.00 31.82 -23.77
C LYS A 61 -35.34 32.77 -22.79
N VAL A 62 -35.80 34.02 -22.75
CA VAL A 62 -35.17 34.98 -21.85
C VAL A 62 -35.43 34.62 -20.40
N SER A 63 -36.64 34.14 -20.09
CA SER A 63 -36.95 33.74 -18.72
C SER A 63 -36.08 32.57 -18.29
N ALA A 64 -35.93 31.56 -19.14
CA ALA A 64 -35.10 30.41 -18.79
C ALA A 64 -33.64 30.81 -18.62
N THR A 65 -33.12 31.64 -19.53
CA THR A 65 -31.74 32.07 -19.42
C THR A 65 -31.50 32.88 -18.15
N THR A 66 -32.41 33.80 -17.83
CA THR A 66 -32.26 34.59 -16.61
C THR A 66 -32.36 33.72 -15.37
N GLY A 67 -33.26 32.73 -15.37
CA GLY A 67 -33.34 31.83 -14.24
C GLY A 67 -32.08 31.01 -14.05
N PHE A 68 -31.51 30.51 -15.15
CA PHE A 68 -30.27 29.76 -15.08
C PHE A 68 -29.14 30.63 -14.51
N ILE A 69 -29.02 31.85 -15.03
CA ILE A 69 -27.98 32.76 -14.57
C ILE A 69 -28.17 33.09 -13.09
N ALA A 70 -29.41 33.35 -12.68
CA ALA A 70 -29.68 33.69 -11.29
C ALA A 70 -29.39 32.51 -10.36
N GLY A 71 -29.71 31.29 -10.80
CA GLY A 71 -29.39 30.13 -10.00
C GLY A 71 -27.90 29.94 -9.83
N GLN A 72 -27.13 30.12 -10.91
CA GLN A 72 -25.68 30.01 -10.80
C GLN A 72 -25.12 31.11 -9.89
N LEU A 73 -25.66 32.33 -10.01
CA LEU A 73 -25.19 33.42 -9.16
C LEU A 73 -25.48 33.15 -7.69
N MET A 74 -26.67 32.62 -7.38
CA MET A 74 -26.99 32.29 -5.99
C MET A 74 -26.10 31.17 -5.48
N MET A 75 -25.81 30.18 -6.33
CA MET A 75 -24.91 29.11 -5.92
C MET A 75 -23.52 29.65 -5.60
N PHE A 76 -23.04 30.61 -6.41
CA PHE A 76 -21.76 31.24 -6.11
C PHE A 76 -21.82 32.05 -4.82
N ILE A 77 -22.89 32.81 -4.62
CA ILE A 77 -23.00 33.69 -3.44
C ILE A 77 -23.10 32.87 -2.16
N SER A 78 -23.68 31.68 -2.23
CA SER A 78 -23.94 30.90 -1.02
C SER A 78 -22.67 30.49 -0.29
N ILE A 79 -21.50 30.62 -0.91
CA ILE A 79 -20.26 30.23 -0.25
C ILE A 79 -19.99 31.12 0.96
N TYR A 80 -20.19 32.43 0.83
CA TYR A 80 -19.79 33.38 1.86
C TYR A 80 -20.94 34.03 2.60
N TYR A 81 -22.17 33.91 2.11
CA TYR A 81 -23.32 34.50 2.78
C TYR A 81 -23.90 33.48 3.76
N ALA A 82 -23.91 33.84 5.05
CA ALA A 82 -24.28 32.88 6.09
C ALA A 82 -25.68 32.31 5.93
N PRO A 83 -26.74 33.09 5.69
CA PRO A 83 -28.07 32.46 5.55
C PRO A 83 -28.14 31.50 4.36
N LEU A 84 -27.63 31.92 3.20
CA LEU A 84 -27.65 31.03 2.04
C LEU A 84 -26.76 29.81 2.26
N HIS A 85 -25.63 29.99 2.94
CA HIS A 85 -24.75 28.87 3.23
C HIS A 85 -25.45 27.84 4.12
N LEU A 86 -26.16 28.32 5.14
CA LEU A 86 -26.92 27.40 5.99
C LEU A 86 -28.05 26.73 5.20
N ALA A 87 -28.72 27.48 4.33
CA ALA A 87 -29.82 26.92 3.56
C ALA A 87 -29.35 25.82 2.61
N LEU A 88 -28.21 26.03 1.94
CA LEU A 88 -27.73 25.12 0.91
C LEU A 88 -26.52 24.30 1.38
N GLY A 89 -26.28 24.23 2.68
CA GLY A 89 -25.13 23.50 3.18
C GLY A 89 -25.47 22.12 3.68
N ARG A 90 -26.61 21.58 3.26
CA ARG A 90 -27.05 20.27 3.72
C ARG A 90 -26.86 19.23 2.62
N PRO A 91 -25.89 18.34 2.74
CA PRO A 91 -25.69 17.32 1.69
C PRO A 91 -26.79 16.28 1.66
N HIS A 92 -27.16 15.77 2.83
CA HIS A 92 -28.13 14.68 2.91
C HIS A 92 -29.48 15.11 2.34
N THR A 93 -29.95 16.29 2.72
CA THR A 93 -31.27 16.74 2.28
C THR A 93 -31.32 16.91 0.77
N ILE A 94 -30.32 17.58 0.20
CA ILE A 94 -30.30 17.82 -1.25
C ILE A 94 -30.19 16.50 -2.00
N THR A 95 -29.30 15.61 -1.54
CA THR A 95 -29.11 14.34 -2.23
C THR A 95 -30.39 13.50 -2.18
N VAL A 96 -31.08 13.51 -1.04
CA VAL A 96 -32.33 12.76 -0.94
C VAL A 96 -33.40 13.36 -1.84
N LEU A 97 -33.51 14.69 -1.85
CA LEU A 97 -34.58 15.36 -2.58
C LEU A 97 -34.34 15.46 -4.08
N ALA A 98 -33.12 15.18 -4.55
CA ALA A 98 -32.85 15.31 -5.98
C ALA A 98 -33.74 14.41 -6.83
N LEU A 99 -33.82 13.13 -6.47
CA LEU A 99 -34.56 12.16 -7.30
C LEU A 99 -36.05 12.45 -7.41
N PRO A 100 -36.81 12.67 -6.32
CA PRO A 100 -38.25 12.90 -6.49
C PRO A 100 -38.59 14.09 -7.37
N TYR A 101 -37.80 15.16 -7.27
CA TYR A 101 -38.01 16.32 -8.12
C TYR A 101 -37.88 15.94 -9.59
N LEU A 102 -36.84 15.19 -9.93
CA LEU A 102 -36.64 14.79 -11.32
C LEU A 102 -37.76 13.88 -11.81
N LEU A 103 -38.15 12.90 -11.00
CA LEU A 103 -39.19 11.96 -11.43
C LEU A 103 -40.54 12.67 -11.62
N PHE A 104 -40.92 13.52 -10.65
CA PHE A 104 -42.15 14.28 -10.78
C PHE A 104 -42.09 15.20 -11.99
N HIS A 105 -40.95 15.87 -12.19
CA HIS A 105 -40.85 16.81 -13.30
C HIS A 105 -40.97 16.10 -14.63
N PHE A 106 -40.38 14.92 -14.76
CA PHE A 106 -40.58 14.11 -15.96
C PHE A 106 -42.05 13.75 -16.15
N PHE A 107 -42.62 13.03 -15.19
CA PHE A 107 -43.95 12.46 -15.37
C PHE A 107 -45.03 13.52 -15.51
N TRP A 108 -44.80 14.75 -15.04
CA TRP A 108 -45.79 15.81 -15.18
C TRP A 108 -45.31 16.98 -16.04
N ASN A 109 -44.16 16.84 -16.70
CA ASN A 109 -43.89 17.60 -17.91
C ASN A 109 -44.47 16.89 -19.12
N ASN A 110 -44.63 15.56 -19.02
CA ASN A 110 -45.48 14.88 -19.98
C ASN A 110 -46.89 15.46 -19.98
N HIS A 111 -47.46 15.64 -18.79
CA HIS A 111 -48.82 16.17 -18.55
C HIS A 111 -49.58 16.73 -19.74
N GLU A 124 -54.57 35.62 -16.84
CA GLU A 124 -53.34 34.87 -16.64
C GLU A 124 -52.42 35.03 -17.84
N MET A 125 -53.02 34.96 -19.04
CA MET A 125 -52.29 34.99 -20.30
C MET A 125 -51.08 34.07 -20.26
N ARG A 126 -49.88 34.67 -20.14
CA ARG A 126 -48.65 33.89 -20.06
C ARG A 126 -47.72 34.36 -18.95
N ASN A 127 -48.12 35.36 -18.16
CA ASN A 127 -47.24 35.85 -17.09
C ASN A 127 -46.99 34.77 -16.04
N LEU A 128 -48.03 34.03 -15.66
CA LEU A 128 -47.86 32.96 -14.69
C LEU A 128 -46.91 31.89 -15.22
N ARG A 129 -47.04 31.54 -16.50
CA ARG A 129 -46.14 30.55 -17.08
C ARG A 129 -44.71 31.06 -17.11
N ILE A 130 -44.52 32.34 -17.41
CA ILE A 130 -43.18 32.91 -17.44
C ILE A 130 -42.54 32.85 -16.05
N GLN A 131 -43.30 33.24 -15.02
CA GLN A 131 -42.78 33.16 -13.66
C GLN A 131 -42.49 31.71 -13.27
N CYS A 132 -43.36 30.78 -13.68
CA CYS A 132 -43.15 29.38 -13.34
C CYS A 132 -41.88 28.84 -13.98
N VAL A 133 -41.64 29.16 -15.26
CA VAL A 133 -40.45 28.65 -15.92
C VAL A 133 -39.18 29.29 -15.33
N PHE A 134 -39.26 30.58 -15.01
CA PHE A 134 -38.10 31.23 -14.37
C PHE A 134 -37.80 30.60 -13.03
N LEU A 135 -38.84 30.34 -12.22
CA LEU A 135 -38.62 29.74 -10.92
C LEU A 135 -38.09 28.32 -11.05
N ASN A 136 -38.59 27.55 -12.01
CA ASN A 136 -38.11 26.20 -12.21
C ASN A 136 -36.64 26.19 -12.60
N ASN A 137 -36.25 27.07 -13.52
CA ASN A 137 -34.86 27.12 -13.93
C ASN A 137 -33.96 27.58 -12.79
N LEU A 138 -34.44 28.52 -11.96
CA LEU A 138 -33.67 28.94 -10.80
C LEU A 138 -33.49 27.80 -9.80
N ILE A 139 -34.57 27.05 -9.55
CA ILE A 139 -34.53 26.00 -8.53
C ILE A 139 -33.65 24.84 -8.99
N PHE A 140 -33.69 24.51 -10.28
CA PHE A 140 -32.95 23.35 -10.76
C PHE A 140 -31.44 23.49 -10.53
N GLN A 141 -30.93 24.73 -10.50
CA GLN A 141 -29.50 24.95 -10.36
C GLN A 141 -28.99 24.72 -8.95
N LEU A 142 -29.88 24.61 -7.96
CA LEU A 142 -29.48 24.51 -6.57
C LEU A 142 -29.30 23.07 -6.08
N PHE A 143 -29.44 22.08 -6.97
CA PHE A 143 -29.38 20.69 -6.57
C PHE A 143 -27.98 20.09 -6.64
N ASN A 144 -26.99 20.87 -7.05
CA ASN A 144 -25.59 20.42 -7.11
C ASN A 144 -25.46 19.19 -8.01
N HIS A 145 -25.77 19.39 -9.29
CA HIS A 145 -25.72 18.31 -10.26
C HIS A 145 -24.28 17.93 -10.59
N PHE A 146 -24.12 16.75 -11.20
CA PHE A 146 -22.82 16.31 -11.65
C PHE A 146 -22.49 16.95 -13.01
N ILE A 147 -21.23 16.84 -13.40
CA ILE A 147 -20.71 17.52 -14.58
C ILE A 147 -19.88 16.55 -15.40
N LEU A 148 -20.09 16.56 -16.72
CA LEU A 148 -19.36 15.79 -17.72
C LEU A 148 -18.25 16.64 -18.35
N PRO A 149 -17.04 16.10 -18.47
CA PRO A 149 -16.60 14.76 -18.06
C PRO A 149 -16.32 14.67 -16.57
N SER A 150 -15.91 15.78 -15.95
CA SER A 150 -15.66 15.83 -14.52
C SER A 150 -15.75 17.28 -14.06
N SER A 151 -15.91 17.45 -12.75
CA SER A 151 -16.07 18.77 -12.15
C SER A 151 -14.75 19.34 -11.63
N MET A 152 -13.62 18.94 -12.21
CA MET A 152 -12.33 19.45 -11.74
C MET A 152 -12.20 20.95 -11.96
N LEU A 153 -12.62 21.43 -13.14
CA LEU A 153 -12.46 22.83 -13.47
C LEU A 153 -13.24 23.73 -12.53
N ALA A 154 -14.36 23.23 -11.99
CA ALA A 154 -15.09 23.99 -10.99
C ALA A 154 -14.32 24.08 -9.68
N ARG A 155 -13.63 23.00 -9.30
CA ARG A 155 -12.90 22.97 -8.04
C ARG A 155 -11.57 23.69 -8.12
N LEU A 156 -11.05 23.92 -9.32
CA LEU A 156 -9.88 24.79 -9.47
C LEU A 156 -10.18 26.19 -8.94
N VAL A 157 -11.40 26.67 -9.19
CA VAL A 157 -11.81 27.98 -8.70
C VAL A 157 -11.82 27.99 -7.18
N ASN A 158 -12.26 26.91 -6.55
CA ASN A 158 -12.22 26.84 -5.08
C ASN A 158 -10.78 26.82 -4.58
N ILE A 159 -9.90 26.07 -5.27
CA ILE A 159 -8.50 26.03 -4.88
C ILE A 159 -7.89 27.42 -4.89
N TYR A 160 -8.16 28.19 -5.93
CA TYR A 160 -7.62 29.54 -5.99
C TYR A 160 -8.40 30.53 -5.13
N MET A 161 -9.63 30.20 -4.75
CA MET A 161 -10.34 30.99 -3.75
C MET A 161 -9.68 30.88 -2.39
N PHE A 162 -9.19 29.68 -2.05
CA PHE A 162 -8.67 29.45 -0.70
C PHE A 162 -7.48 30.35 -0.39
N ARG A 163 -6.55 30.49 -1.33
CA ARG A 163 -5.30 31.18 -1.04
C ARG A 163 -5.25 32.61 -1.56
N CYS A 164 -6.33 33.12 -2.16
CA CYS A 164 -6.35 34.51 -2.59
C CYS A 164 -6.63 35.42 -1.40
N ASN A 165 -6.38 36.71 -1.59
CA ASN A 165 -6.48 37.68 -0.51
C ASN A 165 -7.87 38.35 -0.47
N ASN A 166 -8.26 39.02 -1.55
CA ASN A 166 -9.55 39.70 -1.61
C ASN A 166 -10.56 38.73 -2.19
N LYS A 167 -11.40 38.16 -1.33
CA LYS A 167 -12.27 37.05 -1.73
C LYS A 167 -13.44 37.52 -2.59
N MET A 168 -14.09 38.63 -2.22
CA MET A 168 -15.23 39.11 -2.99
C MET A 168 -14.83 39.49 -4.41
N LEU A 169 -13.70 40.18 -4.56
CA LEU A 169 -13.24 40.55 -5.89
C LEU A 169 -12.96 39.31 -6.73
N PHE A 170 -12.32 38.31 -6.13
CA PHE A 170 -12.04 37.08 -6.85
C PHE A 170 -13.31 36.37 -7.28
N VAL A 171 -14.31 36.30 -6.39
CA VAL A 171 -15.56 35.61 -6.71
C VAL A 171 -16.29 36.33 -7.83
N THR A 172 -16.39 37.66 -7.75
CA THR A 172 -17.06 38.40 -8.80
C THR A 172 -16.31 38.26 -10.13
N SER A 173 -14.98 38.29 -10.09
CA SER A 173 -14.21 38.12 -11.32
C SER A 173 -14.43 36.75 -11.94
N SER A 174 -14.47 35.71 -11.11
CA SER A 174 -14.70 34.35 -11.62
C SER A 174 -16.08 34.23 -12.23
N PHE A 175 -17.10 34.79 -11.56
CA PHE A 175 -18.45 34.73 -12.12
C PHE A 175 -18.54 35.48 -13.43
N VAL A 176 -17.91 36.66 -13.51
CA VAL A 176 -17.92 37.44 -14.75
C VAL A 176 -17.21 36.68 -15.86
N GLY A 177 -16.10 36.02 -15.55
CA GLY A 177 -15.40 35.25 -16.56
C GLY A 177 -16.23 34.08 -17.06
N TRP A 178 -16.90 33.37 -16.16
CA TRP A 178 -17.77 32.27 -16.57
C TRP A 178 -18.90 32.77 -17.46
N LEU A 179 -19.52 33.90 -17.07
CA LEU A 179 -20.58 34.48 -17.88
C LEU A 179 -20.09 34.88 -19.26
N ILE A 180 -18.90 35.49 -19.32
CA ILE A 180 -18.33 35.91 -20.60
C ILE A 180 -18.09 34.70 -21.49
N GLY A 181 -17.50 33.64 -20.93
CA GLY A 181 -17.25 32.45 -21.73
C GLY A 181 -18.53 31.81 -22.23
N HIS A 182 -19.56 31.74 -21.36
CA HIS A 182 -20.84 31.16 -21.77
C HIS A 182 -21.48 31.97 -22.89
N ILE A 183 -21.50 33.30 -22.74
CA ILE A 183 -22.05 34.15 -23.78
C ILE A 183 -21.28 33.98 -25.08
N LEU A 184 -19.95 33.94 -24.98
CA LEU A 184 -19.11 33.84 -26.17
C LEU A 184 -19.36 32.54 -26.93
N PHE A 185 -19.39 31.41 -26.21
CA PHE A 185 -19.50 30.15 -26.95
C PHE A 185 -20.90 29.99 -27.50
N MET A 186 -21.94 30.44 -26.77
CA MET A 186 -23.28 30.41 -27.33
C MET A 186 -23.37 31.25 -28.59
N LYS A 187 -22.83 32.48 -28.55
CA LYS A 187 -22.88 33.35 -29.71
C LYS A 187 -22.15 32.75 -30.91
N TRP A 188 -20.95 32.21 -30.68
CA TRP A 188 -20.17 31.69 -31.79
C TRP A 188 -20.80 30.43 -32.37
N VAL A 189 -21.30 29.54 -31.51
CA VAL A 189 -21.97 28.34 -32.01
C VAL A 189 -23.21 28.71 -32.81
N GLY A 190 -24.00 29.65 -32.30
CA GLY A 190 -25.19 30.07 -33.03
C GLY A 190 -24.86 30.68 -34.38
N LEU A 191 -23.86 31.56 -34.43
CA LEU A 191 -23.52 32.18 -35.71
C LEU A 191 -22.96 31.16 -36.69
N VAL A 192 -22.13 30.22 -36.21
CA VAL A 192 -21.58 29.22 -37.13
C VAL A 192 -22.66 28.26 -37.59
N LEU A 193 -23.70 28.02 -36.78
CA LEU A 193 -24.78 27.15 -37.21
C LEU A 193 -25.69 27.84 -38.22
N VAL A 194 -26.01 29.12 -38.00
CA VAL A 194 -26.86 29.83 -38.96
C VAL A 194 -26.10 30.25 -40.20
N TRP A 195 -24.77 30.20 -40.20
CA TRP A 195 -24.01 30.52 -41.40
C TRP A 195 -24.28 29.51 -42.51
N ILE A 196 -24.13 28.22 -42.19
CA ILE A 196 -24.38 27.16 -43.15
C ILE A 196 -25.32 26.12 -42.54
N LEU A 216 -35.46 17.18 -43.07
CA LEU A 216 -34.28 16.99 -42.24
C LEU A 216 -34.24 18.05 -41.14
N VAL A 217 -34.35 19.33 -41.54
CA VAL A 217 -34.33 20.42 -40.57
C VAL A 217 -35.57 20.37 -39.69
N SER A 218 -36.75 20.24 -40.31
CA SER A 218 -37.97 20.08 -39.53
C SER A 218 -38.02 18.73 -38.83
N GLU A 219 -37.44 17.70 -39.46
CA GLU A 219 -37.34 16.40 -38.80
C GLU A 219 -36.50 16.52 -37.53
N LEU A 220 -35.39 17.25 -37.58
CA LEU A 220 -34.60 17.48 -36.38
C LEU A 220 -35.32 18.38 -35.39
N ARG A 221 -36.13 19.32 -35.87
CA ARG A 221 -36.89 20.19 -34.96
C ARG A 221 -37.89 19.38 -34.15
N ASN A 222 -38.54 18.40 -34.79
CA ASN A 222 -39.40 17.49 -34.03
C ASN A 222 -38.59 16.50 -33.21
N SER A 223 -37.43 16.09 -33.71
CA SER A 223 -36.61 15.11 -33.02
C SER A 223 -36.04 15.66 -31.71
N MET A 224 -35.75 16.96 -31.64
CA MET A 224 -35.27 17.52 -30.40
C MET A 224 -36.35 17.50 -29.33
N ALA A 225 -37.60 17.78 -29.73
CA ALA A 225 -38.73 17.63 -28.81
C ALA A 225 -38.85 16.18 -28.36
N ARG A 226 -38.65 15.24 -29.29
CA ARG A 226 -38.72 13.82 -28.93
C ARG A 226 -37.60 13.45 -27.95
N ILE A 227 -36.38 13.94 -28.17
CA ILE A 227 -35.23 13.49 -27.40
C ILE A 227 -35.05 14.22 -26.08
N PHE A 228 -35.77 15.32 -25.86
CA PHE A 228 -35.75 15.90 -24.52
C PHE A 228 -36.23 14.89 -23.49
N SER A 229 -37.31 14.17 -23.80
CA SER A 229 -37.80 13.14 -22.91
C SER A 229 -36.79 12.02 -22.72
N ILE A 230 -36.11 11.63 -23.80
CA ILE A 230 -35.12 10.57 -23.71
C ILE A 230 -33.97 10.97 -22.79
N LEU A 231 -33.47 12.20 -22.97
CA LEU A 231 -32.40 12.68 -22.11
C LEU A 231 -32.84 12.80 -20.66
N LEU A 232 -34.08 13.25 -20.44
CA LEU A 232 -34.60 13.34 -19.08
C LEU A 232 -34.68 11.96 -18.44
N PHE A 233 -35.14 10.97 -19.20
CA PHE A 233 -35.22 9.60 -18.68
C PHE A 233 -33.84 9.05 -18.37
N ILE A 234 -32.86 9.32 -19.25
CA ILE A 234 -31.50 8.86 -19.00
C ILE A 234 -30.94 9.49 -17.74
N THR A 235 -31.17 10.79 -17.56
CA THR A 235 -30.71 11.47 -16.36
C THR A 235 -31.39 10.91 -15.11
N CYS A 236 -32.70 10.62 -15.21
CA CYS A 236 -33.41 10.04 -14.09
C CYS A 236 -32.83 8.69 -13.71
N VAL A 237 -32.53 7.85 -14.70
CA VAL A 237 -31.94 6.55 -14.42
C VAL A 237 -30.56 6.70 -13.79
N TYR A 238 -29.75 7.61 -14.33
CA TYR A 238 -28.41 7.83 -13.80
C TYR A 238 -28.46 8.27 -12.34
N TYR A 239 -29.35 9.21 -12.03
CA TYR A 239 -29.49 9.63 -10.63
C TYR A 239 -30.02 8.51 -9.75
N LEU A 240 -30.99 7.75 -10.26
CA LEU A 240 -31.52 6.61 -9.52
C LEU A 240 -30.43 5.60 -9.20
N GLY A 241 -29.40 5.52 -10.04
CA GLY A 241 -28.26 4.70 -9.73
C GLY A 241 -27.28 5.30 -8.74
N ARG A 242 -27.55 6.51 -8.26
CA ARG A 242 -26.63 7.20 -7.36
C ARG A 242 -27.29 7.87 -6.16
N ILE A 243 -28.61 8.08 -6.17
CA ILE A 243 -29.25 8.80 -5.06
C ILE A 243 -29.17 8.04 -3.73
N PRO A 244 -29.53 6.74 -3.65
CA PRO A 244 -29.54 6.01 -2.37
C PRO A 244 -28.35 6.29 -1.45
N LEU A 345 -24.85 28.08 14.92
CA LEU A 345 -25.62 27.81 13.72
C LEU A 345 -25.97 26.32 13.63
N TRP A 346 -26.94 25.91 14.46
CA TRP A 346 -27.36 24.52 14.56
C TRP A 346 -28.49 24.18 13.60
N PHE A 347 -28.91 25.12 12.75
CA PHE A 347 -30.11 24.94 11.94
C PHE A 347 -29.97 23.82 10.91
N GLU A 348 -28.76 23.32 10.67
CA GLU A 348 -28.59 22.12 9.87
C GLU A 348 -29.32 20.96 10.51
N LYS A 349 -30.36 20.45 9.86
CA LYS A 349 -31.20 19.39 10.42
C LYS A 349 -31.37 18.24 9.42
N PRO A 350 -30.31 17.50 9.13
CA PRO A 350 -30.47 16.17 8.53
C PRO A 350 -30.64 15.08 9.57
N PHE A 351 -30.68 15.44 10.86
CA PHE A 351 -30.82 14.45 11.92
C PHE A 351 -32.14 13.68 11.82
N VAL A 352 -33.16 14.30 11.24
CA VAL A 352 -34.45 13.61 11.12
C VAL A 352 -34.36 12.45 10.15
N THR A 353 -33.43 12.52 9.19
CA THR A 353 -33.33 11.49 8.15
C THR A 353 -32.95 10.12 8.71
N LEU A 354 -31.72 10.00 9.21
CA LEU A 354 -31.16 8.74 9.70
C LEU A 354 -31.27 7.59 8.70
N VAL A 355 -31.42 7.90 7.41
CA VAL A 355 -31.57 6.84 6.41
C VAL A 355 -30.26 6.41 5.78
N PHE A 356 -29.19 7.20 5.93
CA PHE A 356 -27.94 6.88 5.27
C PHE A 356 -27.23 5.70 5.94
N ASP A 357 -27.29 5.62 7.27
CA ASP A 357 -26.83 4.46 8.03
C ASP A 357 -25.36 4.14 7.74
N TYR A 358 -24.50 5.06 8.18
CA TYR A 358 -23.07 4.93 7.94
C TYR A 358 -22.48 3.64 8.48
N LYS A 359 -23.19 2.91 9.33
CA LYS A 359 -22.71 1.64 9.85
C LYS A 359 -22.94 0.48 8.89
N ARG A 360 -23.69 0.69 7.81
CA ARG A 360 -23.96 -0.37 6.84
C ARG A 360 -22.76 -0.56 5.92
N TRP A 361 -22.80 -1.64 5.14
CA TRP A 361 -21.73 -1.99 4.22
C TRP A 361 -22.04 -1.41 2.85
N ASN A 362 -21.27 -0.39 2.46
CA ASN A 362 -21.39 0.22 1.14
C ASN A 362 -20.29 -0.23 0.19
N ARG A 363 -19.49 -1.23 0.58
CA ARG A 363 -18.40 -1.73 -0.21
C ARG A 363 -18.52 -3.23 -0.37
N PRO A 364 -18.12 -3.78 -1.52
CA PRO A 364 -18.14 -5.25 -1.71
C PRO A 364 -16.93 -5.93 -1.08
N ASN A 365 -16.81 -5.80 0.24
CA ASN A 365 -15.69 -6.35 0.99
C ASN A 365 -16.10 -7.63 1.71
N ARG A 366 -15.11 -8.29 2.30
CA ARG A 366 -15.34 -9.57 2.94
C ARG A 366 -16.02 -9.40 4.31
N TYR A 367 -16.53 -10.52 4.82
CA TYR A 367 -17.18 -10.58 6.12
C TYR A 367 -16.30 -11.43 7.04
N ILE A 368 -15.77 -10.81 8.10
CA ILE A 368 -14.74 -11.43 8.94
C ILE A 368 -15.40 -12.20 10.08
N LYS A 369 -15.53 -13.51 9.89
CA LYS A 369 -16.21 -14.43 10.81
C LYS A 369 -15.29 -15.61 11.13
N ASN A 370 -14.06 -15.29 11.57
CA ASN A 370 -13.06 -16.35 11.76
C ASN A 370 -13.55 -17.41 12.74
N ASP A 371 -13.98 -17.00 13.95
CA ASP A 371 -14.76 -17.89 14.80
C ASP A 371 -16.12 -17.31 15.13
N LYS A 372 -16.18 -16.22 15.90
CA LYS A 372 -17.45 -15.54 16.16
C LYS A 372 -17.31 -14.02 16.27
N ILE A 373 -16.08 -13.55 16.40
CA ILE A 373 -15.83 -12.27 17.07
C ILE A 373 -16.38 -11.09 16.26
N GLU A 374 -16.04 -11.02 14.97
CA GLU A 374 -16.35 -9.83 14.17
C GLU A 374 -16.01 -8.52 14.85
N ASN A 375 -16.79 -7.48 14.54
CA ASN A 375 -16.56 -6.14 15.06
C ASN A 375 -15.13 -5.69 14.82
N ILE A 376 -14.62 -5.96 13.61
CA ILE A 376 -13.28 -5.52 13.25
C ILE A 376 -13.27 -4.00 13.13
N VAL A 377 -12.11 -3.40 13.43
CA VAL A 377 -12.02 -1.94 13.43
C VAL A 377 -12.03 -1.42 11.99
N ARG A 378 -12.41 -0.15 11.87
CA ARG A 378 -12.40 0.54 10.58
C ARG A 378 -11.12 1.35 10.45
N ASN A 379 -10.66 1.51 9.21
CA ASN A 379 -9.41 2.23 8.96
C ASN A 379 -9.51 3.69 9.37
N GLU A 380 -10.63 4.33 9.06
CA GLU A 380 -10.80 5.75 9.39
C GLU A 380 -11.12 5.89 10.87
N MET A 381 -10.31 6.68 11.57
CA MET A 381 -10.45 6.86 13.01
C MET A 381 -10.41 8.33 13.41
N SER A 382 -10.35 9.26 12.47
CA SER A 382 -10.30 10.69 12.76
C SER A 382 -11.71 11.27 12.77
N GLN A 383 -11.80 12.59 12.75
CA GLN A 383 -13.09 13.28 12.76
C GLN A 383 -12.94 14.59 12.00
N TYR A 384 -14.00 15.39 12.01
CA TYR A 384 -14.01 16.72 11.41
C TYR A 384 -14.36 17.73 12.49
N PHE A 385 -13.41 18.60 12.81
CA PHE A 385 -13.60 19.58 13.87
C PHE A 385 -12.57 20.69 13.68
N PHE A 386 -13.04 21.93 13.56
CA PHE A 386 -12.17 23.06 13.27
C PHE A 386 -11.57 23.62 14.55
N TYR A 387 -10.29 23.98 14.47
CA TYR A 387 -9.59 24.61 15.58
C TYR A 387 -8.38 25.35 15.05
N THR A 388 -7.91 26.33 15.81
CA THR A 388 -6.73 27.11 15.45
C THR A 388 -5.55 26.62 16.25
N CYS A 389 -4.53 26.12 15.55
CA CYS A 389 -3.34 25.58 16.19
C CYS A 389 -2.10 26.06 15.46
N GLN A 390 -0.98 26.09 16.16
CA GLN A 390 0.30 26.46 15.57
C GLN A 390 0.81 25.30 14.73
N SER A 391 1.08 25.55 13.45
CA SER A 391 1.58 24.50 12.58
C SER A 391 3.07 24.27 12.78
N ASP A 392 3.89 25.24 12.39
CA ASP A 392 5.31 25.21 12.69
C ASP A 392 5.69 26.34 13.63
N GLY A 393 5.40 27.58 13.27
CA GLY A 393 5.56 28.72 14.15
C GLY A 393 4.51 29.76 13.87
N LYS A 394 3.55 29.41 13.01
CA LYS A 394 2.53 30.32 12.53
C LYS A 394 1.15 29.79 12.90
N GLU A 395 0.19 30.70 13.02
CA GLU A 395 -1.17 30.31 13.34
C GLU A 395 -1.86 29.74 12.10
N ARG A 396 -2.44 28.54 12.24
CA ARG A 396 -3.17 27.90 11.17
C ARG A 396 -4.42 27.26 11.74
N ILE A 397 -5.35 26.90 10.86
CA ILE A 397 -6.61 26.28 11.24
C ILE A 397 -6.53 24.80 10.90
N SER A 398 -6.80 23.96 11.89
CA SER A 398 -6.80 22.51 11.73
C SER A 398 -8.24 22.01 11.63
N PHE A 399 -8.53 21.21 10.62
CA PHE A 399 -9.86 20.69 10.38
C PHE A 399 -10.05 19.26 10.87
N THR A 400 -9.13 18.76 11.69
CA THR A 400 -9.24 17.41 12.26
C THR A 400 -8.87 17.40 13.73
N TYR A 401 -9.12 18.50 14.43
CA TYR A 401 -8.73 18.60 15.83
C TYR A 401 -9.65 17.77 16.72
N PRO A 402 -9.13 17.21 17.81
CA PRO A 402 -9.97 16.51 18.77
C PRO A 402 -10.92 17.48 19.47
N PRO A 403 -12.17 17.08 19.70
CA PRO A 403 -13.12 17.98 20.36
C PRO A 403 -12.90 18.11 21.86
N ASN A 404 -12.52 17.00 22.49
CA ASN A 404 -12.30 17.02 23.94
C ASN A 404 -11.15 17.95 24.31
N LEU A 405 -10.09 17.96 23.50
CA LEU A 405 -8.97 18.87 23.75
C LEU A 405 -9.43 20.32 23.73
N SER A 406 -10.23 20.69 22.72
CA SER A 406 -10.71 22.06 22.62
C SER A 406 -11.64 22.40 23.78
N THR A 407 -12.51 21.46 24.17
CA THR A 407 -13.41 21.71 25.28
C THR A 407 -12.64 21.97 26.56
N PHE A 408 -11.64 21.12 26.85
CA PHE A 408 -10.83 21.33 28.03
C PHE A 408 -10.05 22.65 27.94
N PHE A 409 -9.57 23.00 26.74
CA PHE A 409 -8.83 24.23 26.58
C PHE A 409 -9.70 25.44 26.90
N GLU A 410 -10.93 25.47 26.39
CA GLU A 410 -11.83 26.58 26.71
C GLU A 410 -12.18 26.60 28.19
N MET A 411 -12.43 25.43 28.78
CA MET A 411 -12.79 25.38 30.19
C MET A 411 -11.67 25.91 31.07
N ILE A 412 -10.42 25.54 30.77
CA ILE A 412 -9.30 26.03 31.55
C ILE A 412 -8.93 27.47 31.20
N GLN A 413 -9.28 27.93 29.99
CA GLN A 413 -9.01 29.31 29.60
C GLN A 413 -9.93 30.28 30.32
N LYS A 414 -11.18 29.88 30.53
CA LYS A 414 -12.13 30.75 31.23
C LYS A 414 -11.79 30.94 32.71
N ARG A 415 -10.68 30.38 33.20
CA ARG A 415 -10.33 30.46 34.60
C ARG A 415 -9.09 31.28 34.89
N ILE A 416 -8.22 31.51 33.91
CA ILE A 416 -7.00 32.28 34.15
C ILE A 416 -6.87 33.36 33.08
N PRO A 417 -6.48 34.56 33.50
CA PRO A 417 -6.34 35.66 32.54
C PRO A 417 -4.91 35.85 32.03
N SER A 418 -4.78 36.56 30.91
CA SER A 418 -3.49 37.03 30.40
C SER A 418 -2.49 35.88 30.21
N PHE A 419 -2.93 34.84 29.50
CA PHE A 419 -2.02 33.76 29.15
C PHE A 419 -2.00 33.57 27.64
N THR A 420 -3.17 33.68 27.00
CA THR A 420 -3.29 33.59 25.56
C THR A 420 -3.26 34.96 24.89
N LYS A 421 -3.24 36.04 25.67
CA LYS A 421 -3.14 37.39 25.11
C LYS A 421 -1.67 37.77 24.96
N GLU A 422 -0.95 36.96 24.17
CA GLU A 422 0.48 37.17 24.00
C GLU A 422 0.74 38.37 23.10
N LYS A 423 -0.15 38.64 22.13
CA LYS A 423 -0.14 39.86 21.33
C LYS A 423 1.19 40.05 20.58
N LYS A 424 1.46 39.13 19.66
CA LYS A 424 2.64 39.21 18.81
C LYS A 424 2.27 38.59 17.46
N THR A 425 3.28 38.31 16.64
CA THR A 425 3.05 37.85 15.28
C THR A 425 2.51 36.43 15.24
N PHE A 426 1.20 36.29 15.05
CA PHE A 426 0.60 34.97 14.92
C PHE A 426 0.88 34.37 13.55
N ASP A 427 0.50 35.08 12.48
CA ASP A 427 0.71 34.57 11.12
C ASP A 427 2.19 34.48 10.77
N GLN A 428 3.04 35.29 11.39
CA GLN A 428 4.48 35.20 11.18
C GLN A 428 5.08 34.26 12.21
N VAL A 429 6.39 34.03 12.13
CA VAL A 429 7.05 33.09 13.02
C VAL A 429 6.99 33.61 14.46
N SER A 430 6.92 32.70 15.42
CA SER A 430 6.89 33.05 16.82
C SER A 430 8.30 33.07 17.39
N THR A 431 8.64 34.16 18.10
CA THR A 431 9.97 34.27 18.68
C THR A 431 10.21 33.21 19.74
N TYR A 432 9.16 32.72 20.39
CA TYR A 432 9.30 31.65 21.36
C TYR A 432 9.86 30.39 20.71
N TRP A 433 9.38 30.06 19.51
CA TRP A 433 9.85 28.90 18.78
C TRP A 433 11.35 28.98 18.53
N SER A 434 11.81 30.11 17.98
CA SER A 434 13.22 30.28 17.68
C SER A 434 14.07 30.29 18.94
N LEU A 435 13.58 30.93 20.01
CA LEU A 435 14.34 30.96 21.25
C LEU A 435 14.51 29.56 21.84
N ILE A 436 13.43 28.76 21.81
CA ILE A 436 13.53 27.39 22.30
C ILE A 436 14.51 26.59 21.45
N HIS A 437 14.45 26.76 20.13
CA HIS A 437 15.37 26.04 19.26
C HIS A 437 16.82 26.42 19.55
N GLU A 438 17.09 27.71 19.75
CA GLU A 438 18.45 28.15 20.02
C GLU A 438 18.95 27.61 21.36
N GLU A 439 18.11 27.64 22.39
CA GLU A 439 18.51 27.12 23.69
C GLU A 439 18.82 25.63 23.60
N LYS A 440 17.97 24.87 22.91
CA LYS A 440 18.20 23.45 22.75
C LYS A 440 19.50 23.18 21.99
N ARG A 441 19.76 23.97 20.94
CA ARG A 441 20.98 23.79 20.17
C ARG A 441 22.21 24.05 21.03
N GLU A 442 22.19 25.11 21.83
CA GLU A 442 23.34 25.43 22.67
C GLU A 442 23.57 24.34 23.71
N ASN A 443 22.50 23.86 24.35
CA ASN A 443 22.66 22.80 25.34
C ASN A 443 23.22 21.52 24.71
N LEU A 444 22.70 21.17 23.53
CA LEU A 444 23.18 19.99 22.83
C LEU A 444 24.65 20.13 22.47
N LYS A 445 25.06 21.30 21.99
CA LYS A 445 26.46 21.52 21.64
C LYS A 445 27.35 21.39 22.86
N LYS A 446 26.94 21.97 24.00
CA LYS A 446 27.73 21.86 25.21
C LYS A 446 27.89 20.40 25.64
N GLU A 447 26.79 19.65 25.63
CA GLU A 447 26.86 18.25 26.04
C GLU A 447 27.75 17.45 25.09
N PHE A 448 27.61 17.67 23.79
CA PHE A 448 28.42 16.95 22.81
C PHE A 448 29.90 17.26 22.98
N LEU A 449 30.24 18.53 23.18
CA LEU A 449 31.63 18.91 23.35
C LEU A 449 32.21 18.32 24.63
N ASN A 450 31.44 18.31 25.72
CA ASN A 450 31.92 17.69 26.95
C ASN A 450 32.15 16.19 26.76
N ARG A 451 31.22 15.51 26.08
CA ARG A 451 31.38 14.09 25.84
C ARG A 451 32.62 13.81 25.01
N ILE A 452 32.87 14.62 23.98
CA ILE A 452 34.06 14.42 23.16
C ILE A 452 35.32 14.70 23.96
N GLU A 453 35.32 15.77 24.77
CA GLU A 453 36.49 16.10 25.58
C GLU A 453 36.79 14.99 26.58
N ALA A 454 35.77 14.27 27.04
CA ALA A 454 36.02 13.16 27.95
C ALA A 454 36.88 12.07 27.32
N LEU A 455 36.88 11.97 25.99
CA LEU A 455 37.68 10.94 25.31
C LEU A 455 39.16 11.17 25.49
N ASP A 456 39.61 12.43 25.41
CA ASP A 456 41.03 12.74 25.46
C ASP A 456 41.64 12.56 26.85
N LYS A 457 40.88 12.07 27.83
CA LYS A 457 41.36 11.88 29.19
C LYS A 457 41.31 10.42 29.60
N GLU A 458 41.73 9.53 28.70
CA GLU A 458 41.83 8.10 28.97
C GLU A 458 40.48 7.51 29.38
N TRP A 459 39.49 7.66 28.51
CA TRP A 459 38.17 7.09 28.69
C TRP A 459 37.80 6.25 27.47
N SER A 460 37.22 5.08 27.72
CA SER A 460 36.78 4.23 26.63
C SER A 460 35.55 4.84 25.95
N VAL A 461 35.36 4.48 24.68
CA VAL A 461 34.23 5.00 23.92
C VAL A 461 32.92 4.56 24.54
N GLU A 462 32.84 3.30 24.98
CA GLU A 462 31.62 2.80 25.58
C GLU A 462 31.29 3.48 26.90
N ASN A 463 32.26 4.12 27.55
CA ASN A 463 32.00 4.82 28.80
C ASN A 463 31.49 6.24 28.59
N ILE A 464 31.55 6.76 27.37
CA ILE A 464 31.04 8.09 27.06
C ILE A 464 29.91 8.06 26.04
N LEU A 465 29.50 6.88 25.59
CA LEU A 465 28.41 6.78 24.64
C LEU A 465 27.11 7.27 25.27
N GLU A 466 26.24 7.86 24.46
CA GLU A 466 24.95 8.32 24.95
C GLU A 466 23.97 7.16 24.92
N LYS A 467 23.48 6.77 26.09
CA LYS A 467 22.59 5.63 26.24
C LYS A 467 21.38 6.03 27.06
N THR A 468 20.26 5.37 26.79
CA THR A 468 19.07 5.59 27.61
C THR A 468 19.35 5.21 29.05
N THR A 469 18.98 6.08 29.98
CA THR A 469 19.33 5.93 31.38
C THR A 469 18.10 5.60 32.20
N ARG A 470 18.35 5.24 33.47
CA ARG A 470 17.31 4.84 34.39
C ARG A 470 17.74 5.23 35.79
N PHE A 471 16.82 5.81 36.55
CA PHE A 471 17.15 6.28 37.89
C PHE A 471 17.36 5.11 38.83
N CYS A 472 18.49 5.10 39.52
CA CYS A 472 18.85 4.05 40.46
C CYS A 472 18.81 4.60 41.88
N TYR A 473 18.19 3.84 42.78
CA TYR A 473 18.03 4.25 44.17
C TYR A 473 19.13 3.73 45.08
N ASN A 474 19.62 2.52 44.84
CA ASN A 474 20.65 1.93 45.70
C ASN A 474 21.40 0.90 44.87
N GLU A 475 22.66 1.22 44.52
CA GLU A 475 23.46 0.29 43.73
C GLU A 475 23.97 -0.87 44.56
N ALA A 476 23.96 -0.76 45.89
CA ALA A 476 24.38 -1.89 46.73
C ALA A 476 23.43 -3.07 46.56
N LYS A 477 22.13 -2.82 46.54
CA LYS A 477 21.12 -3.86 46.35
C LYS A 477 20.57 -3.90 44.94
N LYS A 478 21.07 -3.04 44.04
CA LYS A 478 20.59 -2.96 42.66
C LYS A 478 19.08 -2.74 42.61
N GLU A 479 18.58 -1.88 43.50
CA GLU A 479 17.15 -1.59 43.59
C GLU A 479 16.85 -0.27 42.89
N TYR A 480 16.05 -0.34 41.84
CA TYR A 480 15.69 0.82 41.03
C TYR A 480 14.25 1.20 41.29
N LEU A 481 13.82 2.31 40.70
CA LEU A 481 12.42 2.68 40.71
C LEU A 481 11.64 1.79 39.76
N PRO A 482 10.35 1.55 40.04
CA PRO A 482 9.53 0.82 39.07
C PRO A 482 9.50 1.55 37.74
N LYS A 483 9.54 0.77 36.65
CA LYS A 483 9.67 1.38 35.33
C LYS A 483 8.46 2.20 34.94
N ILE A 484 7.30 1.97 35.56
CA ILE A 484 6.13 2.78 35.26
C ILE A 484 6.30 4.19 35.83
N TYR A 485 6.90 4.30 37.02
CA TYR A 485 7.07 5.58 37.69
C TYR A 485 8.32 6.33 37.24
N ASP A 486 9.12 5.76 36.35
CA ASP A 486 10.38 6.38 35.97
C ASP A 486 10.13 7.49 34.96
N PRO A 487 10.51 8.74 35.25
CA PRO A 487 10.30 9.82 34.27
C PRO A 487 11.09 9.65 32.98
N PHE A 488 12.17 8.89 32.99
CA PHE A 488 12.98 8.72 31.79
C PHE A 488 12.46 7.59 30.90
N LEU A 489 12.18 6.43 31.50
CA LEU A 489 11.70 5.30 30.72
C LEU A 489 10.23 5.44 30.33
N HIS A 490 9.41 6.02 31.21
CA HIS A 490 7.97 6.00 31.05
C HIS A 490 7.34 7.39 31.19
N GLY A 491 8.14 8.45 31.05
CA GLY A 491 7.64 9.79 31.32
C GLY A 491 6.51 10.20 30.39
N ILE A 492 6.69 9.98 29.09
CA ILE A 492 5.65 10.34 28.13
C ILE A 492 4.44 9.43 28.29
N SER A 493 4.69 8.14 28.54
CA SER A 493 3.59 7.17 28.62
C SER A 493 2.71 7.38 29.84
N ARG A 494 3.11 8.22 30.79
CA ARG A 494 2.22 8.60 31.87
C ARG A 494 1.02 9.35 31.31
N GLY A 495 0.02 9.56 32.17
CA GLY A 495 -1.19 10.23 31.74
C GLY A 495 -1.99 9.45 30.72
N ARG A 496 -1.84 8.12 30.72
CA ARG A 496 -2.53 7.27 29.74
C ARG A 496 -2.68 5.90 30.38
N ILE A 497 -3.87 5.60 30.87
CA ILE A 497 -4.15 4.39 31.63
C ILE A 497 -5.11 3.51 30.83
N LYS A 498 -4.74 2.25 30.66
CA LYS A 498 -5.55 1.28 29.94
C LYS A 498 -6.06 0.21 30.90
N LYS A 499 -7.32 -0.17 30.73
CA LYS A 499 -7.94 -1.21 31.56
C LYS A 499 -7.84 -2.53 30.80
N LEU A 500 -6.76 -3.27 31.06
CA LEU A 500 -6.50 -4.56 30.42
C LEU A 500 -6.47 -4.42 28.90
N SER A 518 -0.66 17.41 52.18
CA SER A 518 0.13 16.23 51.86
C SER A 518 -0.01 15.84 50.39
N TRP A 519 -1.22 15.47 49.99
CA TRP A 519 -1.52 15.07 48.61
C TRP A 519 -2.80 15.74 48.14
N ILE A 520 -2.90 17.05 48.36
CA ILE A 520 -4.07 17.82 47.96
C ILE A 520 -3.75 18.53 46.64
N ASN A 521 -4.50 18.19 45.60
CA ASN A 521 -4.30 18.83 44.31
C ASN A 521 -4.76 20.29 44.36
N LYS A 522 -3.99 21.17 43.71
CA LYS A 522 -4.29 22.59 43.69
C LYS A 522 -5.00 23.04 42.43
N ILE A 523 -4.81 22.34 41.31
CA ILE A 523 -5.59 22.62 40.12
C ILE A 523 -7.06 22.33 40.38
N HIS A 524 -7.34 21.35 41.25
CA HIS A 524 -8.72 21.13 41.69
C HIS A 524 -9.26 22.35 42.41
N GLY A 525 -8.45 22.97 43.27
CA GLY A 525 -8.88 24.19 43.93
C GLY A 525 -9.11 25.33 42.97
N LEU A 526 -8.24 25.46 41.96
CA LEU A 526 -8.42 26.50 40.95
C LEU A 526 -9.70 26.28 40.15
N LEU A 527 -9.98 25.03 39.79
CA LEU A 527 -11.16 24.73 38.99
C LEU A 527 -12.44 25.04 39.75
N LEU A 528 -12.48 24.74 41.05
CA LEU A 528 -13.66 24.98 41.87
C LEU A 528 -13.73 26.39 42.41
N LYS A 529 -12.78 27.26 42.05
CA LYS A 529 -12.73 28.64 42.52
C LYS A 529 -12.70 28.73 44.04
N ILE A 530 -12.09 27.74 44.69
CA ILE A 530 -12.02 27.69 46.14
C ILE A 530 -10.61 28.04 46.59
N ASN A 531 -10.50 28.48 47.83
CA ASN A 531 -9.22 28.83 48.42
C ASN A 531 -8.50 27.58 48.91
N TYR A 532 -7.20 27.71 49.13
CA TYR A 532 -6.40 26.60 49.63
C TYR A 532 -6.86 26.20 51.03
N LYS A 533 -6.81 24.90 51.32
CA LYS A 533 -7.19 24.36 52.60
C LYS A 533 -6.06 23.52 53.18
N LYS A 534 -5.91 23.57 54.49
CA LYS A 534 -4.87 22.82 55.18
C LYS A 534 -5.32 21.39 55.46
N MET A 595 -18.60 12.29 35.82
CA MET A 595 -18.71 11.25 34.81
C MET A 595 -19.63 11.67 33.67
N ASP A 596 -19.93 12.97 33.61
CA ASP A 596 -20.80 13.51 32.58
C ASP A 596 -20.09 13.53 31.23
N PHE A 597 -20.79 13.07 30.18
CA PHE A 597 -20.22 12.97 28.84
C PHE A 597 -21.14 13.59 27.79
N PRO A 598 -21.17 14.92 27.70
CA PRO A 598 -21.87 15.56 26.57
C PRO A 598 -21.17 15.35 25.24
N GLU A 599 -20.99 14.10 24.84
CA GLU A 599 -20.44 13.73 23.53
C GLU A 599 -19.05 14.32 23.31
N ILE A 600 -18.13 13.93 24.20
CA ILE A 600 -16.70 14.16 24.00
C ILE A 600 -15.91 12.85 24.01
N ASN A 601 -16.58 11.72 24.21
CA ASN A 601 -15.93 10.43 24.17
C ASN A 601 -15.66 9.99 22.74
N LYS A 602 -14.65 9.16 22.57
CA LYS A 602 -14.33 8.57 21.28
C LYS A 602 -14.13 7.07 21.46
N LYS A 603 -14.91 6.28 20.74
CA LYS A 603 -14.83 4.83 20.77
C LYS A 603 -14.22 4.33 19.47
N VAL A 604 -13.58 3.16 19.55
CA VAL A 604 -12.97 2.56 18.37
C VAL A 604 -14.09 2.14 17.43
N PRO A 605 -14.13 2.68 16.20
CA PRO A 605 -15.23 2.34 15.29
C PRO A 605 -15.09 0.92 14.76
N ARG A 606 -16.11 0.10 14.99
CA ARG A 606 -16.12 -1.28 14.54
C ARG A 606 -17.41 -1.55 13.77
N TRP A 607 -17.37 -2.57 12.91
CA TRP A 607 -18.56 -2.99 12.20
C TRP A 607 -19.48 -3.74 13.16
N SER A 608 -20.32 -2.98 13.88
CA SER A 608 -21.13 -3.56 14.95
C SER A 608 -22.20 -4.51 14.44
N TYR A 609 -22.57 -4.42 13.16
CA TYR A 609 -23.60 -5.29 12.62
C TYR A 609 -23.06 -6.72 12.50
N LYS A 610 -23.83 -7.67 12.99
CA LYS A 610 -23.49 -9.09 12.93
C LYS A 610 -24.43 -9.75 11.90
N LEU A 611 -23.90 -10.00 10.72
CA LEU A 611 -24.66 -10.65 9.65
C LEU A 611 -24.36 -12.14 9.64
N ILE A 612 -25.22 -12.88 8.94
CA ILE A 612 -25.08 -14.33 8.79
C ILE A 612 -25.36 -14.71 7.35
N SER A 613 -24.83 -15.86 6.95
CA SER A 613 -25.05 -16.38 5.61
C SER A 613 -26.31 -17.22 5.57
N GLU A 614 -26.80 -17.47 4.35
CA GLU A 614 -27.97 -18.32 4.18
C GLU A 614 -27.65 -19.76 4.59
N LEU A 615 -26.43 -20.22 4.33
CA LEU A 615 -26.02 -21.56 4.75
C LEU A 615 -25.96 -21.69 6.27
N GLU A 616 -25.91 -20.58 7.01
CA GLU A 616 -25.80 -20.67 8.46
C GLU A 616 -27.09 -21.21 9.09
N GLU A 617 -28.25 -20.91 8.50
CA GLU A 617 -29.53 -21.46 8.97
C GLU A 617 -30.27 -22.05 7.75
N LEU A 618 -29.82 -23.23 7.32
CA LEU A 618 -30.52 -23.98 6.30
C LEU A 618 -30.68 -25.43 6.76
N GLU A 619 -29.78 -25.87 7.63
CA GLU A 619 -29.74 -27.26 8.04
C GLU A 619 -30.61 -27.49 9.27
N GLY A 620 -31.55 -28.42 9.15
CA GLY A 620 -32.32 -28.88 10.28
C GLY A 620 -33.67 -28.21 10.40
N GLU A 621 -34.66 -28.98 10.83
CA GLU A 621 -35.98 -28.46 11.14
C GLU A 621 -36.03 -27.77 12.51
N ASN A 622 -34.98 -27.90 13.32
CA ASN A 622 -34.92 -27.29 14.64
C ASN A 622 -33.56 -26.61 14.79
N GLU A 623 -33.46 -25.39 14.26
CA GLU A 623 -32.30 -24.51 14.49
C GLU A 623 -32.86 -23.09 14.44
N GLU A 624 -33.14 -22.52 15.60
CA GLU A 624 -33.93 -21.30 15.71
C GLU A 624 -33.26 -20.28 16.62
N ASN A 625 -32.43 -19.42 16.03
CA ASN A 625 -32.08 -18.14 16.63
C ASN A 625 -32.94 -17.01 16.08
N VAL A 626 -33.93 -17.36 15.25
CA VAL A 626 -34.91 -16.44 14.65
C VAL A 626 -34.22 -15.29 13.92
N PRO A 627 -33.42 -15.55 12.87
CA PRO A 627 -33.03 -14.46 11.97
C PRO A 627 -34.01 -14.33 10.81
N MET A 628 -34.61 -13.15 10.64
CA MET A 628 -35.59 -12.99 9.57
C MET A 628 -34.91 -12.86 8.21
N GLU A 629 -33.77 -12.18 8.16
CA GLU A 629 -33.04 -12.00 6.92
C GLU A 629 -31.57 -12.36 7.13
N PRO A 630 -30.99 -13.23 6.30
CA PRO A 630 -29.57 -13.57 6.46
C PRO A 630 -28.65 -12.36 6.32
N GLY A 631 -28.73 -11.68 5.17
CA GLY A 631 -27.90 -10.54 4.88
C GLY A 631 -26.67 -10.84 4.07
N ILE A 632 -26.30 -12.12 3.94
CA ILE A 632 -25.15 -12.54 3.14
C ILE A 632 -25.64 -13.55 2.12
N ARG A 633 -25.39 -13.25 0.85
CA ARG A 633 -25.80 -14.15 -0.23
C ARG A 633 -24.85 -15.34 -0.31
N SER A 634 -25.41 -16.49 -0.69
CA SER A 634 -24.65 -17.74 -0.74
C SER A 634 -25.00 -18.45 -2.05
N ARG A 635 -24.60 -19.72 -2.14
CA ARG A 635 -24.81 -20.52 -3.34
C ARG A 635 -26.27 -20.96 -3.42
N LYS A 636 -26.58 -21.81 -4.39
CA LYS A 636 -27.94 -22.28 -4.66
C LYS A 636 -28.17 -23.70 -4.17
N ALA A 637 -27.62 -24.05 -3.02
CA ALA A 637 -27.75 -25.40 -2.49
C ALA A 637 -29.17 -25.68 -2.03
N LYS A 638 -29.53 -26.96 -2.00
CA LYS A 638 -30.82 -27.43 -1.53
C LYS A 638 -30.64 -28.19 -0.20
N ARG A 639 -31.75 -28.74 0.29
CA ARG A 639 -31.76 -29.41 1.58
C ARG A 639 -32.01 -30.90 1.48
N VAL A 640 -33.09 -31.31 0.82
CA VAL A 640 -33.44 -32.73 0.74
C VAL A 640 -32.46 -33.45 -0.17
N VAL A 641 -31.99 -34.62 0.27
CA VAL A 641 -31.02 -35.39 -0.50
C VAL A 641 -31.54 -36.81 -0.73
N VAL A 642 -32.39 -37.28 0.18
CA VAL A 642 -32.80 -38.69 0.15
C VAL A 642 -33.58 -38.99 -1.12
N PHE A 643 -33.41 -40.21 -1.62
CA PHE A 643 -34.08 -40.65 -2.84
C PHE A 643 -34.10 -42.18 -2.93
N ASP A 666 -35.60 -40.43 6.12
CA ASP A 666 -35.41 -41.85 6.36
C ASP A 666 -34.52 -42.07 7.58
N GLU A 667 -33.23 -42.33 7.32
CA GLU A 667 -32.26 -42.54 8.39
C GLU A 667 -31.15 -41.51 8.37
N MET A 668 -30.52 -41.29 7.22
CA MET A 668 -29.54 -40.22 7.12
C MET A 668 -30.21 -38.86 7.28
N ALA A 669 -29.46 -37.90 7.82
CA ALA A 669 -30.06 -36.65 8.26
C ALA A 669 -30.01 -35.56 7.19
N LEU A 670 -28.82 -35.11 6.81
CA LEU A 670 -28.71 -33.99 5.87
C LEU A 670 -27.32 -33.97 5.25
N ILE A 671 -27.25 -33.80 3.94
CA ILE A 671 -26.06 -33.35 3.23
C ILE A 671 -26.48 -32.29 2.21
N ARG A 672 -25.53 -31.82 1.42
CA ARG A 672 -25.74 -30.67 0.55
C ARG A 672 -25.52 -31.01 -0.93
N TYR A 673 -26.38 -30.46 -1.77
CA TYR A 673 -26.26 -30.53 -3.23
C TYR A 673 -26.30 -29.11 -3.78
N SER A 674 -25.24 -28.70 -4.48
CA SER A 674 -25.23 -27.40 -5.15
C SER A 674 -25.10 -27.54 -6.67
N GLN A 675 -23.99 -28.11 -7.14
CA GLN A 675 -23.75 -28.41 -8.56
C GLN A 675 -24.13 -27.25 -9.48
N GLN A 676 -23.49 -26.10 -9.27
CA GLN A 676 -23.69 -24.96 -10.15
C GLN A 676 -22.53 -23.98 -9.99
N SER A 677 -22.39 -23.10 -10.99
CA SER A 677 -21.41 -22.03 -10.93
C SER A 677 -22.00 -20.83 -10.19
N ASP A 678 -21.21 -20.25 -9.28
CA ASP A 678 -21.68 -19.21 -8.39
C ASP A 678 -21.02 -17.88 -8.74
N PHE A 679 -21.83 -16.85 -8.95
CA PHE A 679 -21.34 -15.50 -9.19
C PHE A 679 -21.45 -14.59 -7.98
N ARG A 680 -22.32 -14.92 -7.02
CA ARG A 680 -22.46 -14.19 -5.76
C ARG A 680 -21.82 -15.06 -4.69
N ARG A 681 -20.54 -14.82 -4.42
CA ARG A 681 -19.76 -15.74 -3.59
C ARG A 681 -20.12 -15.61 -2.11
N GLU A 682 -19.82 -14.45 -1.52
CA GLU A 682 -20.17 -14.17 -0.13
C GLU A 682 -20.57 -12.72 0.06
N ILE A 683 -21.16 -12.11 -0.97
CA ILE A 683 -21.36 -10.67 -0.96
C ILE A 683 -22.46 -10.29 0.03
N ILE A 684 -22.33 -9.10 0.59
CA ILE A 684 -23.32 -8.53 1.50
C ILE A 684 -24.40 -7.84 0.68
N LYS A 685 -25.65 -7.99 1.12
CA LYS A 685 -26.78 -7.43 0.38
C LYS A 685 -26.69 -5.92 0.25
N GLY A 686 -26.06 -5.25 1.22
CA GLY A 686 -25.95 -3.81 1.16
C GLY A 686 -25.05 -3.30 0.04
N SER A 687 -23.96 -4.01 -0.22
CA SER A 687 -23.01 -3.57 -1.22
C SER A 687 -23.60 -3.64 -2.63
N MET A 688 -23.07 -2.80 -3.51
CA MET A 688 -23.62 -2.66 -4.86
C MET A 688 -23.18 -3.77 -5.81
N ARG A 689 -22.13 -4.51 -5.48
CA ARG A 689 -21.68 -5.67 -6.25
C ARG A 689 -21.12 -5.27 -7.61
N SER A 690 -21.19 -3.99 -7.96
CA SER A 690 -20.78 -3.52 -9.27
C SER A 690 -19.34 -3.05 -9.32
N GLN A 691 -18.62 -3.05 -8.19
CA GLN A 691 -17.24 -2.59 -8.16
C GLN A 691 -16.36 -3.58 -7.39
N ARG A 692 -16.53 -4.87 -7.70
CA ARG A 692 -15.55 -5.85 -7.26
C ARG A 692 -14.29 -5.72 -8.11
N ARG A 693 -13.13 -5.95 -7.49
CA ARG A 693 -11.86 -5.76 -8.15
C ARG A 693 -11.11 -7.04 -8.46
N LYS A 694 -11.54 -8.18 -7.94
CA LYS A 694 -10.86 -9.45 -8.19
C LYS A 694 -11.58 -10.33 -9.20
N THR A 695 -12.90 -10.23 -9.29
CA THR A 695 -13.68 -11.00 -10.25
C THR A 695 -14.41 -10.04 -11.17
N VAL A 696 -14.26 -10.23 -12.48
CA VAL A 696 -14.81 -9.32 -13.48
C VAL A 696 -15.34 -10.13 -14.65
N ILE A 697 -16.10 -9.44 -15.50
CA ILE A 697 -16.58 -9.99 -16.78
C ILE A 697 -15.75 -9.31 -17.86
N TRP A 698 -14.80 -10.04 -18.42
CA TRP A 698 -13.79 -9.45 -19.30
C TRP A 698 -14.14 -9.55 -20.77
N GLU A 699 -14.76 -10.65 -21.20
CA GLU A 699 -14.93 -10.94 -22.62
C GLU A 699 -16.40 -10.80 -23.02
N PHE A 700 -16.62 -10.78 -24.33
CA PHE A 700 -17.98 -10.73 -24.87
C PHE A 700 -18.79 -11.93 -24.38
N PHE A 701 -18.24 -13.13 -24.53
CA PHE A 701 -18.87 -14.37 -24.09
C PHE A 701 -18.14 -14.91 -22.88
N GLN A 702 -18.88 -15.31 -21.86
CA GLN A 702 -18.29 -15.85 -20.64
C GLN A 702 -19.32 -16.68 -19.91
N ALA A 703 -18.89 -17.85 -19.41
CA ALA A 703 -19.78 -18.77 -18.72
C ALA A 703 -19.45 -18.97 -17.26
N LYS A 704 -18.22 -18.69 -16.82
CA LYS A 704 -17.85 -18.87 -15.43
C LYS A 704 -17.23 -17.60 -14.86
N VAL A 705 -16.72 -17.68 -13.63
CA VAL A 705 -16.06 -16.56 -12.97
C VAL A 705 -14.56 -16.76 -13.09
N HIS A 706 -13.87 -15.75 -13.63
CA HIS A 706 -12.43 -15.82 -13.82
C HIS A 706 -11.78 -14.54 -13.34
N SER A 707 -10.58 -14.68 -12.78
CA SER A 707 -9.77 -13.51 -12.50
C SER A 707 -9.27 -12.89 -13.82
N PRO A 708 -9.18 -11.57 -13.90
CA PRO A 708 -8.78 -10.95 -15.18
C PRO A 708 -7.42 -11.41 -15.68
N LEU A 709 -6.47 -11.65 -14.77
CA LEU A 709 -5.14 -12.09 -15.20
C LEU A 709 -5.16 -13.54 -15.67
N PHE A 710 -5.92 -14.40 -14.99
CA PHE A 710 -5.96 -15.81 -15.34
C PHE A 710 -6.81 -16.09 -16.58
N PHE A 711 -7.70 -15.17 -16.95
CA PHE A 711 -8.67 -15.46 -18.00
C PHE A 711 -7.99 -15.64 -19.36
N ASP A 712 -7.05 -14.77 -19.70
CA ASP A 712 -6.43 -14.78 -21.02
C ASP A 712 -5.23 -15.73 -21.06
N ARG A 713 -5.48 -16.97 -20.67
CA ARG A 713 -4.46 -18.02 -20.74
C ARG A 713 -4.92 -19.14 -21.67
N LYS A 1125 31.88 -13.92 -40.66
CA LYS A 1125 31.58 -14.97 -41.61
C LYS A 1125 32.49 -16.17 -41.40
N ASN A 1126 33.75 -15.90 -41.10
CA ASN A 1126 34.73 -16.97 -40.85
C ASN A 1126 34.73 -17.43 -39.41
N THR A 1127 33.97 -16.80 -38.53
CA THR A 1127 33.87 -17.19 -37.14
C THR A 1127 32.74 -18.16 -36.87
N LEU A 1128 32.00 -18.57 -37.91
CA LEU A 1128 30.85 -19.44 -37.70
C LEU A 1128 31.27 -20.84 -37.27
N TYR A 1129 32.40 -21.34 -37.77
CA TYR A 1129 32.82 -22.70 -37.47
C TYR A 1129 33.15 -22.87 -35.99
N PHE A 1130 33.99 -21.99 -35.46
CA PHE A 1130 34.37 -22.10 -34.05
C PHE A 1130 33.18 -21.84 -33.14
N ILE A 1131 32.29 -20.94 -33.54
CA ILE A 1131 31.08 -20.70 -32.76
C ILE A 1131 30.21 -21.95 -32.74
N SER A 1132 30.10 -22.64 -33.87
CA SER A 1132 29.34 -23.89 -33.92
C SER A 1132 29.97 -24.94 -33.02
N THR A 1133 31.30 -25.04 -33.03
CA THR A 1133 31.98 -25.98 -32.14
C THR A 1133 31.72 -25.64 -30.67
N ILE A 1134 31.73 -24.35 -30.34
CA ILE A 1134 31.46 -23.93 -28.97
C ILE A 1134 30.04 -24.30 -28.58
N LYS A 1135 29.07 -24.08 -29.48
CA LYS A 1135 27.69 -24.47 -29.20
C LYS A 1135 27.57 -25.96 -29.00
N ASN A 1136 28.23 -26.75 -29.84
CA ASN A 1136 28.19 -28.20 -29.69
C ASN A 1136 28.80 -28.64 -28.36
N LEU A 1137 29.91 -28.01 -27.96
CA LEU A 1137 30.54 -28.37 -26.70
C LEU A 1137 29.67 -28.01 -25.50
N ILE A 1138 29.06 -26.82 -25.52
CA ILE A 1138 28.23 -26.43 -24.37
C ILE A 1138 26.96 -27.27 -24.31
N SER A 1139 26.39 -27.65 -25.46
CA SER A 1139 25.26 -28.55 -25.45
C SER A 1139 25.65 -29.97 -25.07
N ASN A 1140 26.92 -30.35 -25.28
CA ASN A 1140 27.36 -31.70 -24.99
C ASN A 1140 27.48 -31.93 -23.48
N LYS A 1141 27.73 -30.88 -22.71
CA LYS A 1141 27.85 -31.02 -21.27
C LYS A 1141 26.52 -31.35 -20.60
N LYS A 1142 25.39 -31.02 -21.25
CA LYS A 1142 24.10 -31.43 -20.71
C LYS A 1142 23.96 -32.94 -20.70
N LYS A 1143 24.42 -33.61 -21.76
CA LYS A 1143 24.36 -35.06 -21.83
C LYS A 1143 25.48 -35.68 -21.00
N MET A 1144 25.35 -36.97 -20.74
CA MET A 1144 26.30 -37.71 -19.91
C MET A 1144 27.42 -38.29 -20.78
N SER A 1145 28.04 -37.43 -21.59
CA SER A 1145 29.05 -37.87 -22.54
C SER A 1145 29.79 -36.68 -23.17
N TYR A 1146 31.08 -36.86 -23.44
CA TYR A 1146 31.87 -35.87 -24.15
C TYR A 1146 32.61 -36.54 -25.30
N ASP A 1147 32.69 -35.84 -26.43
CA ASP A 1147 33.39 -36.37 -27.60
C ASP A 1147 34.88 -36.09 -27.47
N LEU A 1148 35.69 -37.14 -27.65
CA LEU A 1148 37.12 -37.02 -27.39
C LEU A 1148 37.80 -36.04 -28.34
N CYS A 1149 37.41 -36.05 -29.61
CA CYS A 1149 38.05 -35.19 -30.61
C CYS A 1149 37.31 -33.87 -30.80
N SER A 1150 36.21 -33.64 -30.08
CA SER A 1150 35.45 -32.41 -30.25
C SER A 1150 36.25 -31.19 -29.82
N LEU A 1151 36.94 -31.28 -28.69
CA LEU A 1151 37.67 -30.15 -28.13
C LEU A 1151 39.14 -30.26 -28.54
N SER A 1152 39.70 -29.14 -28.99
CA SER A 1152 41.08 -29.06 -29.44
C SER A 1152 41.90 -28.19 -28.50
N GLN A 1153 43.17 -28.00 -28.84
CA GLN A 1153 44.03 -27.12 -28.06
C GLN A 1153 43.55 -25.69 -28.12
N ALA A 1154 43.08 -25.24 -29.29
CA ALA A 1154 42.58 -23.89 -29.43
C ALA A 1154 41.38 -23.64 -28.53
N TYR A 1155 40.48 -24.63 -28.44
CA TYR A 1155 39.32 -24.48 -27.56
C TYR A 1155 39.74 -24.35 -26.10
N VAL A 1156 40.72 -25.15 -25.68
CA VAL A 1156 41.19 -25.08 -24.30
C VAL A 1156 41.80 -23.72 -24.02
N PHE A 1157 42.62 -23.22 -24.94
CA PHE A 1157 43.23 -21.90 -24.75
C PHE A 1157 42.17 -20.82 -24.73
N TYR A 1158 41.15 -20.92 -25.58
CA TYR A 1158 40.07 -19.94 -25.59
C TYR A 1158 39.32 -19.94 -24.26
N LYS A 1159 39.00 -21.12 -23.74
CA LYS A 1159 38.31 -21.19 -22.46
C LYS A 1159 39.15 -20.63 -21.33
N LEU A 1160 40.45 -20.92 -21.34
CA LEU A 1160 41.34 -20.36 -20.33
C LEU A 1160 41.41 -18.84 -20.43
N SER A 1161 41.50 -18.31 -21.65
CA SER A 1161 41.61 -16.87 -21.83
C SER A 1161 40.33 -16.15 -21.46
N GLN A 1162 39.17 -16.77 -21.68
CA GLN A 1162 37.91 -16.09 -21.35
C GLN A 1162 37.65 -16.00 -19.85
N ILE A 1163 38.58 -16.39 -18.97
CA ILE A 1163 38.35 -16.26 -17.54
C ILE A 1163 38.64 -14.83 -17.08
N LYS A 1164 39.89 -14.37 -17.27
CA LYS A 1164 40.23 -12.99 -16.96
C LYS A 1164 39.56 -12.06 -17.95
N VAL A 1165 39.03 -10.95 -17.45
CA VAL A 1165 38.22 -10.04 -18.25
C VAL A 1165 38.77 -8.63 -18.16
N SER A 1166 38.58 -7.87 -19.24
CA SER A 1166 38.93 -6.46 -19.30
C SER A 1166 37.83 -5.73 -20.04
N ASN A 1167 37.71 -4.42 -19.80
CA ASN A 1167 36.58 -3.66 -20.30
C ASN A 1167 36.95 -2.41 -21.11
N PHE A 1168 38.02 -1.70 -20.76
CA PHE A 1168 38.28 -0.39 -21.37
C PHE A 1168 39.19 -0.47 -22.59
N CYS A 1169 40.43 -0.93 -22.42
CA CYS A 1169 41.39 -0.89 -23.51
C CYS A 1169 41.30 -2.12 -24.40
N LYS A 1170 41.58 -3.29 -23.84
CA LYS A 1170 41.62 -4.55 -24.58
C LYS A 1170 42.64 -4.54 -25.70
N LEU A 1171 42.92 -5.73 -26.24
CA LEU A 1171 43.78 -5.83 -27.41
C LEU A 1171 43.23 -5.02 -28.57
N LYS A 1172 41.90 -4.95 -28.69
CA LYS A 1172 41.27 -4.19 -29.75
C LYS A 1172 41.67 -2.72 -29.67
N ALA A 1173 41.49 -2.09 -28.51
CA ALA A 1173 41.81 -0.67 -28.40
C ALA A 1173 43.31 -0.43 -28.53
N VAL A 1174 44.13 -1.28 -27.91
CA VAL A 1174 45.58 -1.02 -27.95
C VAL A 1174 46.10 -1.15 -29.37
N LEU A 1175 45.62 -2.15 -30.13
CA LEU A 1175 46.09 -2.31 -31.50
C LEU A 1175 45.48 -1.30 -32.44
N GLU A 1176 44.25 -0.85 -32.18
CA GLU A 1176 43.66 0.19 -33.02
C GLU A 1176 44.31 1.54 -32.80
N TYR A 1177 44.81 1.80 -31.59
CA TYR A 1177 45.59 3.00 -31.35
C TYR A 1177 47.07 2.82 -31.66
N ASN A 1178 47.51 1.60 -31.93
CA ASN A 1178 48.87 1.39 -32.41
C ASN A 1178 49.10 2.05 -33.77
N ILE A 1179 48.05 2.15 -34.58
CA ILE A 1179 48.15 2.80 -35.89
C ILE A 1179 47.71 4.25 -35.72
N CYS A 1180 48.01 5.08 -36.71
CA CYS A 1180 47.99 6.53 -36.57
C CYS A 1180 48.95 6.96 -35.45
N ILE A 1181 50.22 6.68 -35.71
CA ILE A 1181 51.26 6.67 -34.69
C ILE A 1181 52.21 7.85 -34.93
N THR A 1182 53.23 7.97 -34.07
CA THR A 1182 54.20 9.07 -34.08
C THR A 1182 53.56 10.40 -33.69
N SER A 1183 52.55 10.35 -32.83
CA SER A 1183 51.92 11.55 -32.32
C SER A 1183 51.77 11.49 -30.80
N PHE A 1184 51.75 10.28 -30.25
CA PHE A 1184 51.58 10.10 -28.81
C PHE A 1184 52.53 9.07 -28.24
N PHE A 1185 52.33 8.73 -26.97
CA PHE A 1185 53.18 7.79 -26.25
C PHE A 1185 52.29 6.75 -25.58
N VAL A 1186 52.91 5.69 -25.07
CA VAL A 1186 52.20 4.61 -24.38
C VAL A 1186 52.75 4.49 -22.97
N LYS A 1187 51.85 4.45 -21.98
CA LYS A 1187 52.26 4.47 -20.59
C LYS A 1187 52.92 3.17 -20.18
N ASN A 1188 53.83 3.27 -19.21
CA ASN A 1188 54.63 2.13 -18.75
C ASN A 1188 53.90 1.25 -17.76
N LYS A 1189 52.79 1.71 -17.19
CA LYS A 1189 52.04 0.89 -16.23
C LYS A 1189 51.47 -0.35 -16.92
N ILE A 1190 50.95 -0.20 -18.13
CA ILE A 1190 50.40 -1.34 -18.85
C ILE A 1190 51.49 -2.35 -19.17
N LYS A 1191 52.75 -1.92 -19.29
CA LYS A 1191 53.85 -2.87 -19.46
C LYS A 1191 53.96 -3.78 -18.25
N VAL A 1192 53.90 -3.19 -17.05
CA VAL A 1192 53.94 -3.99 -15.82
C VAL A 1192 52.71 -4.90 -15.75
N PHE A 1193 51.56 -4.38 -16.17
CA PHE A 1193 50.33 -5.19 -16.18
C PHE A 1193 50.51 -6.42 -17.07
N PHE A 1194 51.01 -6.21 -18.29
CA PHE A 1194 51.20 -7.32 -19.23
C PHE A 1194 52.23 -8.31 -18.70
N GLN A 1195 53.33 -7.81 -18.14
CA GLN A 1195 54.35 -8.72 -17.61
C GLN A 1195 53.81 -9.53 -16.44
N GLU A 1196 53.01 -8.90 -15.57
CA GLU A 1196 52.41 -9.62 -14.44
C GLU A 1196 51.44 -10.69 -14.92
N HIS A 1197 50.63 -10.38 -15.92
CA HIS A 1197 49.68 -11.33 -16.45
C HIS A 1197 50.27 -12.23 -17.54
N GLY A 1198 51.51 -12.01 -17.93
CA GLY A 1198 52.17 -12.88 -18.88
C GLY A 1198 51.74 -12.72 -20.32
N ILE A 1199 50.95 -11.69 -20.62
CA ILE A 1199 50.51 -11.48 -22.01
C ILE A 1199 51.71 -11.16 -22.89
N PHE A 1200 52.54 -10.21 -22.46
CA PHE A 1200 53.73 -9.85 -23.21
C PHE A 1200 54.71 -9.18 -22.26
N HIS A 1201 55.99 -9.26 -22.62
CA HIS A 1201 57.05 -8.65 -21.81
C HIS A 1201 58.27 -8.44 -22.70
N TYR A 1202 59.18 -7.61 -22.22
CA TYR A 1202 60.44 -7.37 -22.92
C TYR A 1202 61.46 -6.73 -21.99
N VAL A 1214 61.95 -16.66 -24.06
CA VAL A 1214 61.41 -17.44 -25.17
C VAL A 1214 60.27 -18.32 -24.69
N ASN A 1215 59.56 -18.92 -25.65
CA ASN A 1215 58.42 -19.79 -25.38
C ASN A 1215 57.35 -19.05 -24.56
N GLN A 1216 56.79 -18.02 -25.19
CA GLN A 1216 55.80 -17.18 -24.52
C GLN A 1216 54.55 -17.97 -24.12
N TRP A 1217 54.29 -19.11 -24.77
CA TRP A 1217 53.09 -19.87 -24.43
C TRP A 1217 53.17 -20.41 -23.01
N LYS A 1218 54.33 -20.95 -22.61
CA LYS A 1218 54.47 -21.43 -21.24
C LYS A 1218 54.41 -20.29 -20.23
N ASN A 1219 55.03 -19.15 -20.56
CA ASN A 1219 54.98 -17.99 -19.68
C ASN A 1219 53.55 -17.52 -19.47
N TRP A 1220 52.75 -17.52 -20.55
CA TRP A 1220 51.33 -17.21 -20.41
C TRP A 1220 50.62 -18.25 -19.57
N LEU A 1221 50.89 -19.53 -19.84
CA LEU A 1221 50.34 -20.62 -19.03
C LEU A 1221 51.27 -20.94 -17.86
N ARG A 1222 51.68 -19.87 -17.18
CA ARG A 1222 52.34 -19.96 -15.88
C ARG A 1222 51.79 -18.97 -14.86
N SER A 1223 51.07 -17.93 -15.29
CA SER A 1223 50.54 -16.93 -14.37
C SER A 1223 49.03 -16.83 -14.47
N GLN A 1224 48.34 -17.97 -14.46
CA GLN A 1224 46.89 -18.01 -14.59
C GLN A 1224 46.23 -18.55 -13.33
N TYR A 1225 46.73 -18.13 -12.17
CA TYR A 1225 46.14 -18.47 -10.87
C TYR A 1225 46.08 -19.98 -10.67
N GLN A 1226 47.26 -20.58 -10.60
CA GLN A 1226 47.35 -21.99 -10.27
C GLN A 1226 46.89 -22.24 -8.85
N TYR A 1227 46.39 -23.44 -8.60
CA TYR A 1227 45.94 -23.81 -7.26
C TYR A 1227 47.14 -24.26 -6.42
N ASN A 1228 46.91 -24.51 -5.13
CA ASN A 1228 47.99 -24.70 -4.18
C ASN A 1228 47.93 -26.09 -3.56
N LEU A 1229 49.02 -26.84 -3.68
CA LEU A 1229 49.35 -28.06 -2.94
C LEU A 1229 48.15 -28.96 -2.70
N PRO A 1230 47.58 -29.59 -3.74
CA PRO A 1230 46.61 -30.66 -3.49
C PRO A 1230 47.32 -31.99 -3.29
N GLN A 1231 48.41 -31.98 -2.52
CA GLN A 1231 49.33 -33.12 -2.44
C GLN A 1231 49.65 -33.63 -3.84
N ILE A 1232 50.31 -32.78 -4.64
CA ILE A 1232 50.45 -32.99 -6.07
C ILE A 1232 51.11 -34.33 -6.37
N SER A 1233 51.92 -34.83 -5.43
CA SER A 1233 52.71 -36.05 -5.61
C SER A 1233 51.92 -37.15 -6.31
N TRP A 1234 50.67 -37.36 -5.88
CA TRP A 1234 49.79 -38.42 -6.36
C TRP A 1234 49.73 -38.45 -7.89
N ALA A 1235 49.53 -37.29 -8.52
CA ALA A 1235 49.42 -37.25 -9.97
C ALA A 1235 50.73 -36.85 -10.64
N ARG A 1236 51.52 -36.03 -9.95
CA ARG A 1236 52.76 -35.50 -10.50
C ARG A 1236 53.77 -36.62 -10.73
N LEU A 1237 53.78 -37.63 -9.85
CA LEU A 1237 54.67 -38.78 -10.04
C LEU A 1237 54.35 -39.50 -11.34
N VAL A 1238 53.14 -39.31 -11.86
CA VAL A 1238 52.71 -39.96 -13.10
C VAL A 1238 52.87 -39.02 -14.28
N THR A 1239 52.75 -37.71 -14.03
CA THR A 1239 52.80 -36.76 -15.15
C THR A 1239 54.20 -36.59 -15.73
N GLN A 1240 55.21 -36.40 -14.87
CA GLN A 1240 56.55 -36.08 -15.36
C GLN A 1240 57.16 -37.22 -16.16
N ASN A 1241 57.10 -38.44 -15.62
CA ASN A 1241 57.62 -39.59 -16.34
C ASN A 1241 56.84 -39.82 -17.63
N TRP A 1242 55.53 -39.52 -17.60
CA TRP A 1242 54.75 -39.52 -18.85
C TRP A 1242 55.40 -38.59 -19.86
N LYS A 1243 55.76 -37.39 -19.42
CA LYS A 1243 56.42 -36.42 -20.29
C LYS A 1243 57.67 -37.00 -20.93
N ASN A 1244 58.62 -37.49 -20.12
CA ASN A 1244 59.87 -37.93 -20.76
C ASN A 1244 59.67 -39.20 -21.58
N LYS A 1245 58.80 -40.10 -21.13
CA LYS A 1245 58.58 -41.33 -21.90
C LYS A 1245 57.88 -41.09 -23.23
N ILE A 1246 57.10 -40.00 -23.38
CA ILE A 1246 56.53 -39.66 -24.67
C ILE A 1246 57.33 -38.58 -25.39
N ASN A 1247 58.41 -38.06 -24.79
CA ASN A 1247 59.28 -37.14 -25.51
C ASN A 1247 59.92 -37.80 -26.72
N LYS A 1248 60.32 -39.07 -26.59
CA LYS A 1248 60.96 -39.82 -27.68
C LYS A 1248 62.22 -39.13 -28.17
N ALA A 1279 34.32 -40.42 -20.27
CA ALA A 1279 33.18 -39.83 -20.96
C ALA A 1279 32.11 -39.39 -19.97
N ASP A 1280 32.19 -39.92 -18.74
CA ASP A 1280 31.22 -39.62 -17.70
C ASP A 1280 31.74 -38.49 -16.84
N SER A 1281 30.91 -37.47 -16.62
CA SER A 1281 31.29 -36.29 -15.85
C SER A 1281 30.70 -36.36 -14.44
N LEU A 1282 31.34 -35.65 -13.52
CA LEU A 1282 30.96 -35.68 -12.12
C LEU A 1282 29.62 -34.98 -11.89
N LEU A 1283 28.90 -35.43 -10.86
CA LEU A 1283 27.58 -34.88 -10.57
C LEU A 1283 27.66 -33.51 -9.91
N ASN A 1284 28.63 -33.31 -9.00
CA ASN A 1284 28.82 -32.07 -8.27
C ASN A 1284 27.56 -31.71 -7.49
N PRO A 1285 27.26 -32.42 -6.40
CA PRO A 1285 26.02 -32.15 -5.65
C PRO A 1285 25.96 -30.76 -5.04
N LYS A 1286 27.10 -30.08 -4.86
CA LYS A 1286 27.13 -28.75 -4.26
C LYS A 1286 26.91 -27.64 -5.28
N HIS A 1287 26.34 -27.95 -6.44
CA HIS A 1287 26.14 -26.94 -7.48
C HIS A 1287 25.14 -25.88 -7.02
N ASN A 1288 24.00 -26.30 -6.48
CA ASN A 1288 22.97 -25.36 -6.08
C ASN A 1288 23.46 -24.44 -4.97
N VAL A 1289 24.21 -24.98 -4.02
CA VAL A 1289 24.73 -24.17 -2.93
C VAL A 1289 25.68 -23.10 -3.46
N LYS A 1290 26.56 -23.47 -4.39
CA LYS A 1290 27.50 -22.51 -4.96
C LYS A 1290 26.82 -21.48 -5.85
N LYS A 1291 25.65 -21.81 -6.42
CA LYS A 1291 24.95 -20.86 -7.27
C LYS A 1291 24.57 -19.60 -6.49
N ASP A 1292 24.08 -19.76 -5.26
CA ASP A 1292 23.68 -18.60 -4.47
C ASP A 1292 24.88 -17.72 -4.13
N SER A 1293 26.02 -18.32 -3.79
CA SER A 1293 27.23 -17.55 -3.51
C SER A 1293 27.69 -16.79 -4.75
N ILE A 1294 27.62 -17.44 -5.91
CA ILE A 1294 27.97 -16.75 -7.16
C ILE A 1294 27.03 -15.57 -7.40
N TYR A 1295 25.74 -15.75 -7.10
CA TYR A 1295 24.79 -14.66 -7.27
C TYR A 1295 25.11 -13.50 -6.33
N ASN A 1296 25.46 -13.80 -5.08
CA ASN A 1296 25.81 -12.74 -4.13
C ASN A 1296 27.05 -11.97 -4.59
N LEU A 1297 28.07 -12.70 -5.06
CA LEU A 1297 29.27 -12.05 -5.56
C LEU A 1297 28.97 -11.19 -6.78
N PHE A 1298 28.09 -11.69 -7.67
CA PHE A 1298 27.70 -10.92 -8.83
C PHE A 1298 27.00 -9.63 -8.43
N CYS A 1299 26.10 -9.71 -7.44
CA CYS A 1299 25.41 -8.50 -6.98
C CYS A 1299 26.40 -7.49 -6.43
N TYR A 1300 27.32 -7.94 -5.54
CA TYR A 1300 28.27 -7.01 -4.95
C TYR A 1300 29.17 -6.38 -6.01
N LYS A 1301 29.63 -7.19 -6.98
CA LYS A 1301 30.46 -6.63 -8.04
C LYS A 1301 29.68 -5.67 -8.92
N SER A 1302 28.39 -5.93 -9.12
CA SER A 1302 27.56 -5.02 -9.91
C SER A 1302 27.39 -3.67 -9.22
N ILE A 1303 27.21 -3.67 -7.90
CA ILE A 1303 26.98 -2.39 -7.22
C ILE A 1303 28.30 -1.67 -6.96
N HIS A 1304 29.34 -2.38 -6.54
CA HIS A 1304 30.60 -1.77 -6.15
C HIS A 1304 31.72 -2.31 -7.03
N SER A 1305 32.56 -1.42 -7.53
CA SER A 1305 33.68 -1.80 -8.38
C SER A 1305 35.01 -1.44 -7.73
N PHE A 1417 29.39 -32.93 6.58
CA PHE A 1417 30.07 -31.93 5.79
C PHE A 1417 29.08 -31.16 4.91
N PHE A 1418 27.80 -31.21 5.29
CA PHE A 1418 26.75 -30.55 4.53
C PHE A 1418 25.95 -29.54 5.34
N PHE A 1419 26.07 -29.55 6.66
CA PHE A 1419 25.30 -28.65 7.53
C PHE A 1419 26.20 -28.03 8.59
N PHE A 1420 27.32 -27.43 8.17
CA PHE A 1420 28.17 -26.71 9.09
C PHE A 1420 28.68 -27.63 10.20
N PRO A 1421 29.63 -28.52 9.91
CA PRO A 1421 29.98 -29.59 10.85
C PRO A 1421 30.28 -29.15 12.28
N GLU A 1422 30.38 -27.84 12.50
CA GLU A 1422 30.47 -27.32 13.87
C GLU A 1422 29.24 -27.68 14.70
N PHE A 1423 28.10 -27.92 14.05
CA PHE A 1423 26.86 -28.23 14.75
C PHE A 1423 26.66 -29.72 15.00
N PHE A 1424 27.52 -30.58 14.46
CA PHE A 1424 27.29 -32.02 14.57
C PHE A 1424 27.38 -32.50 16.00
N LEU A 1425 28.45 -32.11 16.71
CA LEU A 1425 28.61 -32.53 18.10
C LEU A 1425 27.50 -31.94 18.98
N PHE A 1426 27.14 -30.68 18.73
CA PHE A 1426 26.06 -30.05 19.48
C PHE A 1426 24.75 -30.82 19.32
N SER A 1427 24.40 -31.14 18.08
CA SER A 1427 23.15 -31.86 17.83
C SER A 1427 23.18 -33.25 18.44
N SER A 1428 24.30 -33.96 18.30
CA SER A 1428 24.39 -35.31 18.85
C SER A 1428 24.26 -35.28 20.38
N THR A 1429 24.96 -34.35 21.03
CA THR A 1429 24.89 -34.24 22.48
C THR A 1429 23.49 -33.89 22.95
N TYR A 1430 22.82 -32.96 22.25
CA TYR A 1430 21.47 -32.58 22.66
C TYR A 1430 20.50 -33.75 22.48
N LYS A 1431 20.58 -34.46 21.35
CA LYS A 1431 19.66 -35.56 21.11
C LYS A 1431 19.93 -36.74 22.04
N MET A 1432 21.17 -36.90 22.49
CA MET A 1432 21.46 -37.96 23.45
C MET A 1432 20.80 -37.67 24.80
N LYS A 1433 20.87 -36.43 25.27
CA LYS A 1433 20.29 -36.05 26.55
C LYS A 1433 19.95 -34.56 26.49
N PRO A 1434 18.68 -34.21 26.26
CA PRO A 1434 18.31 -32.81 26.13
C PRO A 1434 18.48 -32.04 27.43
N TRP A 1435 18.77 -30.75 27.28
CA TRP A 1435 18.89 -29.82 28.40
C TRP A 1435 17.80 -28.76 28.28
N VAL A 1436 17.38 -28.24 29.43
CA VAL A 1436 16.27 -27.28 29.51
C VAL A 1436 16.85 -25.90 29.75
N ILE A 1437 16.39 -24.92 28.96
CA ILE A 1437 16.78 -23.53 29.13
C ILE A 1437 15.85 -22.91 30.18
N PRO A 1438 16.38 -22.39 31.29
CA PRO A 1438 15.51 -21.79 32.33
C PRO A 1438 15.18 -20.33 32.02
N ILE A 1439 14.39 -20.14 30.96
CA ILE A 1439 14.03 -18.78 30.56
C ILE A 1439 13.07 -18.13 31.55
N LYS A 1440 12.36 -18.92 32.35
CA LYS A 1440 11.48 -18.33 33.35
C LYS A 1440 12.28 -17.61 34.43
N LEU A 1441 13.41 -18.20 34.84
CA LEU A 1441 14.26 -17.56 35.84
C LEU A 1441 15.07 -16.41 35.23
N LEU A 1442 15.49 -16.56 33.98
CA LEU A 1442 16.31 -15.53 33.35
C LEU A 1442 15.55 -14.23 33.19
N LEU A 1443 14.29 -14.30 32.77
CA LEU A 1443 13.45 -13.12 32.56
C LEU A 1443 12.51 -12.88 33.74
N LEU A 1444 12.89 -13.31 34.94
CA LEU A 1444 12.05 -13.10 36.11
C LEU A 1444 11.94 -11.61 36.40
N ASN A 1445 10.73 -11.19 36.81
CA ASN A 1445 10.43 -9.79 37.10
C ASN A 1445 10.72 -8.90 35.89
N PHE A 1446 10.37 -9.38 34.70
CA PHE A 1446 10.55 -8.59 33.49
C PHE A 1446 9.74 -7.30 33.56
N ASN A 1447 8.48 -7.40 33.98
CA ASN A 1447 7.64 -6.22 34.21
C ASN A 1447 7.77 -5.85 35.69
N GLU A 1448 8.36 -4.69 35.96
CA GLU A 1448 8.67 -4.31 37.33
C GLU A 1448 7.42 -3.90 38.08
N ASN A 1449 6.52 -4.85 38.32
CA ASN A 1449 5.30 -4.60 39.06
C ASN A 1449 5.06 -5.69 40.11
N ILE A 1450 6.14 -6.23 40.69
CA ILE A 1450 5.98 -7.29 41.69
C ILE A 1450 5.28 -6.75 42.93
N ASN A 1451 5.44 -5.47 43.22
CA ASN A 1451 4.76 -4.80 44.32
C ASN A 1451 4.96 -5.55 45.65
N VAL A 1452 3.95 -6.31 46.05
CA VAL A 1452 4.00 -7.07 47.29
C VAL A 1452 4.05 -8.57 47.00
N THR A 1533 -17.69 -39.88 19.60
CA THR A 1533 -16.45 -39.16 19.33
C THR A 1533 -16.72 -37.78 18.75
N GLU A 1534 -18.00 -37.39 18.75
CA GLU A 1534 -18.37 -36.07 18.26
C GLU A 1534 -17.76 -34.98 19.13
N ALA A 1535 -17.90 -35.12 20.45
CA ALA A 1535 -17.33 -34.13 21.37
C ALA A 1535 -15.82 -34.12 21.29
N GLU A 1536 -15.20 -35.30 21.14
CA GLU A 1536 -13.75 -35.36 21.01
C GLU A 1536 -13.26 -34.61 19.78
N LEU A 1537 -13.92 -34.81 18.64
CA LEU A 1537 -13.50 -34.13 17.42
C LEU A 1537 -13.77 -32.63 17.49
N ASP A 1538 -14.94 -32.24 17.99
CA ASP A 1538 -15.28 -30.81 18.03
C ASP A 1538 -14.40 -30.06 19.02
N LEU A 1539 -14.17 -30.64 20.20
CA LEU A 1539 -13.35 -29.98 21.22
C LEU A 1539 -11.87 -29.96 20.85
N PHE A 1540 -11.40 -30.97 20.13
CA PHE A 1540 -10.00 -30.99 19.73
C PHE A 1540 -9.67 -29.84 18.78
N LEU A 1541 -10.58 -29.54 17.85
CA LEU A 1541 -10.32 -28.54 16.82
C LEU A 1541 -10.32 -27.11 17.36
N THR A 1542 -10.78 -26.89 18.60
CA THR A 1542 -10.80 -25.55 19.15
C THR A 1542 -9.41 -25.00 19.45
N ARG A 1543 -8.39 -25.85 19.50
CA ARG A 1543 -7.04 -25.38 19.79
C ARG A 1543 -6.34 -24.81 18.57
N TYR A 1544 -6.94 -24.91 17.38
CA TYR A 1544 -6.36 -24.42 16.15
C TYR A 1544 -7.12 -23.19 15.68
N SER A 1545 -6.40 -22.11 15.42
CA SER A 1545 -7.03 -20.94 14.80
C SER A 1545 -7.51 -21.27 13.39
N ARG A 1546 -6.70 -22.01 12.63
CA ARG A 1546 -7.07 -22.46 11.30
C ARG A 1546 -6.67 -23.92 11.15
N PHE A 1547 -7.45 -24.65 10.36
CA PHE A 1547 -7.14 -26.05 10.09
C PHE A 1547 -7.84 -26.47 8.81
N GLN A 1548 -7.36 -27.56 8.23
CA GLN A 1548 -7.91 -28.14 7.02
C GLN A 1548 -8.34 -29.57 7.27
N LEU A 1549 -9.48 -29.96 6.69
CA LEU A 1549 -9.97 -31.32 6.74
C LEU A 1549 -9.93 -31.91 5.34
N ARG A 1550 -9.40 -33.13 5.22
CA ARG A 1550 -9.22 -33.77 3.93
C ARG A 1550 -9.63 -35.23 4.02
N TRP A 1551 -10.12 -35.76 2.90
CA TRP A 1551 -10.52 -37.15 2.80
C TRP A 1551 -9.35 -38.00 2.31
N ASN A 1552 -9.62 -39.23 1.92
CA ASN A 1552 -8.60 -40.15 1.42
C ASN A 1552 -7.84 -39.56 0.23
N LYS A 1603 -9.56 -42.35 16.95
CA LYS A 1603 -9.11 -43.46 16.12
C LYS A 1603 -7.67 -43.24 15.66
N LEU A 1604 -7.05 -44.31 15.13
CA LEU A 1604 -5.69 -44.23 14.60
C LEU A 1604 -5.65 -44.47 13.10
N MET A 1605 -6.18 -45.59 12.62
CA MET A 1605 -6.27 -45.85 11.19
C MET A 1605 -7.60 -45.37 10.63
N LYS A 1606 -8.68 -45.51 11.41
CA LYS A 1606 -9.95 -44.92 11.00
C LYS A 1606 -9.87 -43.40 10.99
N LYS A 1607 -9.06 -42.81 11.86
CA LYS A 1607 -8.71 -41.40 11.77
C LYS A 1607 -7.51 -41.17 10.86
N GLY A 1608 -6.86 -42.24 10.40
CA GLY A 1608 -5.80 -42.12 9.42
C GLY A 1608 -6.27 -42.05 7.98
N ILE A 1609 -7.59 -42.13 7.76
CA ILE A 1609 -8.14 -42.03 6.41
C ILE A 1609 -8.66 -40.62 6.22
N LEU A 1610 -8.93 -39.93 7.32
CA LEU A 1610 -9.33 -38.52 7.32
C LEU A 1610 -8.16 -37.68 7.81
N ILE A 1611 -7.75 -36.71 7.00
CA ILE A 1611 -6.54 -35.94 7.25
C ILE A 1611 -6.91 -34.62 7.91
N ILE A 1612 -6.22 -34.29 9.00
CA ILE A 1612 -6.36 -33.01 9.67
C ILE A 1612 -5.04 -32.27 9.52
N GLU A 1613 -5.11 -31.05 8.97
CA GLU A 1613 -3.91 -30.25 8.67
C GLU A 1613 -4.03 -28.91 9.39
N PRO A 1614 -3.54 -28.82 10.61
CA PRO A 1614 -3.60 -27.53 11.33
C PRO A 1614 -2.72 -26.48 10.66
N VAL A 1615 -3.15 -25.23 10.81
CA VAL A 1615 -2.39 -24.08 10.31
C VAL A 1615 -1.93 -23.29 11.53
N ARG A 1616 -0.62 -23.08 11.63
CA ARG A 1616 0.01 -22.51 12.81
C ARG A 1616 0.49 -21.10 12.51
N LEU A 1617 0.05 -20.14 13.31
CA LEU A 1617 0.35 -18.74 13.10
C LEU A 1617 1.39 -18.26 14.13
N SER A 1618 2.27 -17.37 13.68
CA SER A 1618 3.30 -16.80 14.54
C SER A 1618 2.71 -15.60 15.26
N VAL A 1619 2.32 -15.80 16.52
CA VAL A 1619 1.72 -14.75 17.33
C VAL A 1619 2.45 -14.67 18.66
N GLN A 1620 3.63 -15.29 18.73
CA GLN A 1620 4.43 -15.32 19.95
C GLN A 1620 5.44 -14.18 20.02
N ASN A 1621 5.42 -13.26 19.06
CA ASN A 1621 6.38 -12.17 19.04
C ASN A 1621 6.08 -11.15 20.12
N ASP A 1622 6.73 -11.30 21.28
CA ASP A 1622 6.62 -10.36 22.38
C ASP A 1622 7.97 -9.71 22.63
N GLY A 1623 7.96 -8.69 23.50
CA GLY A 1623 9.20 -7.98 23.80
C GLY A 1623 10.24 -8.85 24.47
N GLN A 1624 9.79 -9.75 25.36
CA GLN A 1624 10.72 -10.57 26.12
C GLN A 1624 11.53 -11.49 25.20
N LEU A 1625 10.85 -12.20 24.30
CA LEU A 1625 11.55 -13.12 23.41
C LEU A 1625 12.49 -12.38 22.47
N ILE A 1626 12.05 -11.23 21.94
CA ILE A 1626 12.89 -10.46 21.04
C ILE A 1626 14.14 -9.96 21.76
N ILE A 1627 13.97 -9.44 22.98
CA ILE A 1627 15.10 -8.95 23.75
C ILE A 1627 16.06 -10.09 24.05
N TYR A 1628 15.54 -11.24 24.47
CA TYR A 1628 16.41 -12.38 24.78
C TYR A 1628 17.19 -12.81 23.54
N ARG A 1629 16.52 -12.92 22.40
CA ARG A 1629 17.19 -13.35 21.18
C ARG A 1629 18.25 -12.34 20.75
N THR A 1630 17.96 -11.04 20.90
CA THR A 1630 18.90 -10.03 20.44
C THR A 1630 20.12 -9.94 21.36
N ILE A 1631 19.94 -10.14 22.66
CA ILE A 1631 21.06 -9.99 23.59
C ILE A 1631 21.78 -11.29 23.88
N GLY A 1632 21.26 -12.44 23.44
CA GLY A 1632 21.97 -13.69 23.66
C GLY A 1632 23.18 -13.88 22.77
N ILE A 1633 23.24 -13.20 21.63
CA ILE A 1633 24.34 -13.40 20.69
C ILE A 1633 25.66 -12.98 21.30
N SER A 1634 25.70 -11.79 21.91
CA SER A 1634 26.94 -11.30 22.51
C SER A 1634 27.38 -12.20 23.66
N LEU A 1635 26.43 -12.64 24.49
CA LEU A 1635 26.78 -13.51 25.62
C LEU A 1635 27.33 -14.85 25.13
N VAL A 1636 26.69 -15.44 24.13
CA VAL A 1636 27.14 -16.74 23.61
C VAL A 1636 28.52 -16.60 22.97
N HIS A 1637 28.73 -15.54 22.20
CA HIS A 1637 29.99 -15.35 21.47
C HIS A 1637 31.00 -14.53 22.25
N LYS A 1638 30.92 -14.52 23.59
CA LYS A 1638 31.91 -13.86 24.42
C LYS A 1638 32.80 -14.82 25.17
N ASN A 1639 32.28 -15.99 25.56
CA ASN A 1639 33.09 -17.03 26.19
C ASN A 1639 33.72 -17.96 25.16
N LYS A 1640 33.54 -17.68 23.87
CA LYS A 1640 34.12 -18.47 22.78
C LYS A 1640 33.70 -19.93 22.85
N ASN A 1676 43.12 10.53 11.58
CA ASN A 1676 42.14 9.55 12.05
C ASN A 1676 42.82 8.40 12.76
N TYR A 1677 42.37 8.10 13.98
CA TYR A 1677 42.94 6.99 14.73
C TYR A 1677 42.41 5.65 14.24
N ASP A 1678 41.09 5.46 14.31
CA ASP A 1678 40.44 4.24 13.83
C ASP A 1678 39.17 4.58 13.08
N PHE A 1679 39.24 5.61 12.23
CA PHE A 1679 38.08 6.11 11.49
C PHE A 1679 36.96 6.51 12.45
N PHE A 1680 37.26 7.51 13.27
CA PHE A 1680 36.30 7.98 14.27
C PHE A 1680 35.24 8.86 13.62
N VAL A 1681 33.98 8.52 13.84
CA VAL A 1681 32.84 9.31 13.39
C VAL A 1681 32.20 9.93 14.63
N PRO A 1682 32.35 11.25 14.84
CA PRO A 1682 31.89 11.85 16.10
C PRO A 1682 30.41 11.68 16.39
N GLU A 1683 29.56 11.69 15.36
CA GLU A 1683 28.12 11.62 15.59
C GLU A 1683 27.67 10.26 16.10
N LYS A 1684 28.53 9.25 16.05
CA LYS A 1684 28.18 7.95 16.61
C LYS A 1684 28.07 7.97 18.13
N ILE A 1685 28.61 9.02 18.78
CA ILE A 1685 28.48 9.14 20.22
C ILE A 1685 27.02 9.35 20.61
N LEU A 1686 26.31 10.19 19.86
CA LEU A 1686 24.92 10.49 20.17
C LEU A 1686 24.02 9.32 19.81
N SER A 1687 22.85 9.27 20.45
CA SER A 1687 21.87 8.25 20.15
C SER A 1687 21.30 8.46 18.75
N PRO A 1688 20.86 7.38 18.09
CA PRO A 1688 20.35 7.53 16.72
C PRO A 1688 19.18 8.49 16.60
N LYS A 1689 18.29 8.54 17.59
CA LYS A 1689 17.16 9.45 17.54
C LYS A 1689 17.54 10.89 17.88
N ARG A 1690 18.67 11.09 18.57
CA ARG A 1690 19.07 12.44 18.96
C ARG A 1690 20.03 13.08 17.98
N ARG A 1691 20.84 12.28 17.27
CA ARG A 1691 21.78 12.85 16.31
C ARG A 1691 21.04 13.54 15.16
N ARG A 1692 19.93 12.96 14.71
CA ARG A 1692 19.16 13.56 13.62
C ARG A 1692 18.62 14.92 14.03
N GLU A 1693 18.04 15.01 15.23
CA GLU A 1693 17.47 16.28 15.67
C GLU A 1693 18.56 17.29 16.01
N PHE A 1694 19.73 16.83 16.48
CA PHE A 1694 20.85 17.73 16.68
C PHE A 1694 21.30 18.35 15.36
N ARG A 1695 21.42 17.53 14.32
CA ARG A 1695 21.81 18.05 13.01
C ARG A 1695 20.74 18.98 12.44
N ILE A 1696 19.47 18.66 12.67
CA ILE A 1696 18.39 19.53 12.19
C ILE A 1696 18.46 20.88 12.88
N LEU A 1697 18.67 20.88 14.20
CA LEU A 1697 18.79 22.14 14.93
C LEU A 1697 20.01 22.93 14.47
N ILE A 1698 21.12 22.26 14.19
CA ILE A 1698 22.29 22.94 13.66
C ILE A 1698 21.99 23.58 12.31
N CYS A 1699 21.28 22.84 11.44
CA CYS A 1699 21.03 23.33 10.10
C CYS A 1699 19.94 24.40 10.04
N PHE A 1700 19.11 24.52 11.09
CA PHE A 1700 18.14 25.62 11.11
C PHE A 1700 18.83 26.97 11.12
N ASN A 1701 19.82 27.14 12.00
CA ASN A 1701 20.55 28.39 12.09
C ASN A 1701 21.81 28.23 12.92
N LYS A 1735 45.15 -4.34 6.81
CA LYS A 1735 44.32 -4.64 5.63
C LYS A 1735 42.84 -4.58 6.00
N ASP A 1736 42.49 -5.16 7.14
CA ASP A 1736 41.10 -5.16 7.59
C ASP A 1736 40.62 -3.76 7.96
N LYS A 1737 41.54 -2.81 8.18
CA LYS A 1737 41.13 -1.45 8.50
C LYS A 1737 40.33 -0.83 7.37
N ASN A 1738 40.83 -0.95 6.14
CA ASN A 1738 40.11 -0.39 4.99
C ASN A 1738 38.78 -1.09 4.78
N ASN A 1739 38.76 -2.42 4.95
CA ASN A 1739 37.50 -3.15 4.81
C ASN A 1739 36.48 -2.72 5.86
N LEU A 1740 36.93 -2.55 7.11
CA LEU A 1740 36.01 -2.11 8.15
C LEU A 1740 35.50 -0.70 7.89
N ILE A 1741 36.38 0.18 7.40
CA ILE A 1741 35.94 1.54 7.09
C ILE A 1741 34.91 1.53 5.96
N ASN A 1742 35.16 0.72 4.93
CA ASN A 1742 34.19 0.62 3.84
C ASN A 1742 32.87 0.05 4.32
N LEU A 1743 32.92 -0.90 5.26
CA LEU A 1743 31.69 -1.43 5.83
C LEU A 1743 30.93 -0.37 6.60
N LYS A 1744 31.65 0.47 7.37
CA LYS A 1744 30.99 1.46 8.20
C LYS A 1744 30.40 2.60 7.38
N SER A 1745 31.04 2.96 6.27
CA SER A 1745 30.62 4.08 5.43
C SER A 1745 30.18 3.59 4.06
N PHE A 1746 29.40 2.51 4.04
CA PHE A 1746 28.99 1.91 2.77
C PHE A 1746 28.02 2.80 2.00
N LEU A 1747 27.18 3.56 2.70
CA LEU A 1747 26.13 4.34 2.06
C LEU A 1747 26.54 5.77 1.73
N TRP A 1748 27.77 6.16 2.05
CA TRP A 1748 28.19 7.55 1.82
C TRP A 1748 28.19 7.97 0.36
N PRO A 1749 28.65 7.15 -0.61
CA PRO A 1749 28.56 7.57 -2.01
C PRO A 1749 27.11 7.82 -2.43
N ASN A 1750 26.94 8.77 -3.36
CA ASN A 1750 25.61 9.26 -3.69
C ASN A 1750 24.78 8.19 -4.40
N PHE A 1751 25.36 7.51 -5.39
CA PHE A 1751 24.60 6.56 -6.20
C PHE A 1751 24.16 5.32 -5.44
N LYS A 1752 24.75 5.08 -4.26
CA LYS A 1752 24.50 3.83 -3.54
C LYS A 1752 23.05 3.73 -3.10
N LEU A 1753 22.45 4.85 -2.67
CA LEU A 1753 21.05 4.80 -2.23
C LEU A 1753 20.14 4.38 -3.38
N GLU A 1754 20.31 4.99 -4.55
CA GLU A 1754 19.48 4.64 -5.70
C GLU A 1754 19.70 3.19 -6.11
N ASP A 1755 20.96 2.76 -6.18
CA ASP A 1755 21.25 1.39 -6.62
C ASP A 1755 20.69 0.38 -5.64
N LEU A 1756 20.85 0.62 -4.33
CA LEU A 1756 20.32 -0.30 -3.33
C LEU A 1756 18.80 -0.33 -3.34
N ALA A 1757 18.17 0.83 -3.57
CA ALA A 1757 16.70 0.83 -3.67
C ALA A 1757 16.24 0.00 -4.86
N CYS A 1758 16.91 0.14 -6.00
CA CYS A 1758 16.55 -0.67 -7.17
C CYS A 1758 16.74 -2.15 -6.90
N MET A 1759 17.88 -2.51 -6.27
CA MET A 1759 18.13 -3.92 -5.96
C MET A 1759 17.08 -4.48 -5.00
N ASN A 1760 16.72 -3.70 -3.97
CA ASN A 1760 15.69 -4.16 -3.05
C ASN A 1760 14.35 -4.32 -3.75
N ARG A 1761 14.08 -3.45 -4.74
CA ARG A 1761 12.83 -3.58 -5.50
C ARG A 1761 12.81 -4.86 -6.33
N TYR A 1762 13.90 -5.14 -7.05
CA TYR A 1762 13.83 -6.12 -8.12
C TYR A 1762 14.81 -7.28 -8.02
N TRP A 1763 15.66 -7.35 -6.99
CA TRP A 1763 16.72 -8.35 -6.99
C TRP A 1763 16.59 -9.41 -5.89
N PHE A 1764 15.80 -9.18 -4.85
CA PHE A 1764 15.72 -10.11 -3.75
C PHE A 1764 14.26 -10.32 -3.33
N ASN A 1765 13.91 -11.58 -3.10
CA ASN A 1765 12.60 -11.97 -2.58
C ASN A 1765 11.48 -11.39 -3.44
N THR A 1766 11.66 -11.43 -4.75
CA THR A 1766 10.72 -10.82 -5.68
C THR A 1766 9.55 -11.72 -6.05
N THR A 1767 9.55 -12.98 -5.61
CA THR A 1767 8.49 -13.91 -5.96
C THR A 1767 7.94 -14.68 -4.76
N ASN A 1768 8.31 -14.31 -3.53
CA ASN A 1768 7.95 -15.07 -2.35
C ASN A 1768 6.74 -14.49 -1.62
N GLY A 1769 6.05 -13.51 -2.21
CA GLY A 1769 4.90 -12.92 -1.57
C GLY A 1769 5.19 -11.71 -0.71
N ASN A 1770 6.40 -11.16 -0.78
CA ASN A 1770 6.78 -10.00 0.02
C ASN A 1770 6.71 -8.69 -0.75
N HIS A 1771 6.92 -8.73 -2.07
CA HIS A 1771 6.92 -7.54 -2.90
C HIS A 1771 5.85 -7.65 -3.97
N PHE A 1772 5.20 -6.51 -4.26
CA PHE A 1772 4.23 -6.41 -5.34
C PHE A 1772 4.76 -5.62 -6.53
N SER A 1773 6.07 -5.32 -6.53
CA SER A 1773 6.62 -4.40 -7.52
C SER A 1773 6.57 -4.96 -8.93
N MET A 1774 6.68 -6.28 -9.08
CA MET A 1774 6.75 -6.87 -10.41
C MET A 1774 5.44 -6.72 -11.16
N ILE A 1775 4.32 -6.77 -10.44
CA ILE A 1775 3.02 -6.67 -11.10
C ILE A 1775 2.47 -5.25 -11.10
N ARG A 1776 2.85 -4.43 -10.12
CA ARG A 1776 2.27 -3.10 -9.96
C ARG A 1776 3.13 -1.99 -10.52
N ILE A 1777 4.46 -2.11 -10.48
CA ILE A 1777 5.37 -1.05 -10.87
C ILE A 1777 6.03 -1.42 -12.18
N ARG A 1778 6.00 -0.49 -13.14
CA ARG A 1778 6.65 -0.71 -14.42
C ARG A 1778 8.16 -0.58 -14.27
N MET A 1779 8.89 -1.24 -15.18
CA MET A 1779 10.33 -1.31 -15.07
C MET A 1779 11.02 -0.07 -15.63
N TYR A 1780 10.58 0.42 -16.79
CA TYR A 1780 11.21 1.54 -17.46
C TYR A 1780 10.21 2.65 -17.69
N THR A 1781 10.70 3.89 -17.68
CA THR A 1781 9.85 5.04 -17.92
C THR A 1781 9.44 5.09 -19.40
N ARG A 1782 8.40 5.88 -19.67
CA ARG A 1782 7.84 5.98 -21.01
C ARG A 1782 7.87 7.38 -21.60
N PHE A 1783 8.09 8.42 -20.78
CA PHE A 1783 8.12 9.78 -21.29
C PHE A 1783 9.33 10.11 -22.16
N PRO A 1784 10.50 9.48 -22.00
CA PRO A 1784 11.61 9.80 -22.91
C PRO A 1784 11.27 9.50 -24.36
N ILE A 1785 11.83 10.29 -25.25
CA ILE A 1785 11.64 10.11 -26.70
C ILE A 1785 12.40 8.86 -27.13
N PRO A 1786 11.73 7.90 -27.77
CA PRO A 1786 12.35 6.65 -28.21
C PRO A 1786 13.45 6.86 -29.25
N PHE B 111 -76.08 -6.76 -18.14
CA PHE B 111 -77.43 -6.22 -18.06
C PHE B 111 -77.47 -4.75 -18.46
N ARG B 112 -76.36 -4.05 -18.24
CA ARG B 112 -76.28 -2.61 -18.55
C ARG B 112 -74.85 -2.30 -18.96
N PHE B 113 -74.51 -1.01 -18.98
CA PHE B 113 -73.20 -0.52 -19.42
C PHE B 113 -72.91 -0.99 -20.85
N PRO B 114 -73.58 -0.44 -21.89
CA PRO B 114 -74.44 0.76 -22.00
C PRO B 114 -75.53 0.96 -20.94
N PRO B 115 -75.73 2.19 -20.44
CA PRO B 115 -75.08 3.46 -20.83
C PRO B 115 -73.58 3.50 -20.56
N MET B 116 -72.84 4.29 -21.33
CA MET B 116 -71.38 4.30 -21.27
C MET B 116 -70.95 5.70 -20.87
N THR B 117 -70.02 5.80 -19.92
CA THR B 117 -69.68 7.06 -19.29
C THR B 117 -68.82 7.94 -20.20
N LYS B 118 -68.72 9.22 -19.83
CA LYS B 118 -67.88 10.17 -20.56
C LYS B 118 -66.48 10.26 -19.95
N LYS B 119 -66.40 10.53 -18.65
CA LYS B 119 -65.13 10.58 -17.93
C LYS B 119 -65.24 9.62 -16.75
N PRO B 120 -64.40 8.58 -16.69
CA PRO B 120 -64.54 7.58 -15.61
C PRO B 120 -64.30 8.20 -14.24
N GLN B 121 -65.07 7.71 -13.26
CA GLN B 121 -64.89 8.11 -11.87
C GLN B 121 -63.65 7.43 -11.29
N TRP B 122 -63.38 7.70 -10.02
CA TRP B 122 -62.17 7.19 -9.39
C TRP B 122 -62.36 5.82 -8.73
N TRP B 123 -63.54 5.23 -8.85
CA TRP B 123 -63.69 3.80 -8.54
C TRP B 123 -62.77 2.97 -9.42
N TRP B 124 -63.00 3.02 -10.73
CA TRP B 124 -62.21 2.22 -11.65
C TRP B 124 -60.77 2.71 -11.73
N ARG B 125 -60.55 4.01 -11.56
CA ARG B 125 -59.18 4.53 -11.56
C ARG B 125 -58.32 3.87 -10.49
N THR B 126 -58.93 3.47 -9.37
CA THR B 126 -58.18 2.78 -8.33
C THR B 126 -58.22 1.27 -8.54
N LEU B 127 -59.36 0.73 -8.96
CA LEU B 127 -59.56 -0.72 -8.98
C LEU B 127 -59.08 -1.39 -10.27
N ALA B 128 -58.68 -0.63 -11.28
CA ALA B 128 -58.27 -1.19 -12.55
C ALA B 128 -56.76 -1.32 -12.71
N CYS B 129 -55.98 -0.62 -11.89
CA CYS B 129 -54.53 -0.72 -11.92
C CYS B 129 -53.98 -1.77 -10.96
N LEU B 130 -54.85 -2.50 -10.27
CA LEU B 130 -54.41 -3.64 -9.47
C LEU B 130 -53.71 -4.72 -10.29
N PRO B 131 -54.20 -5.13 -11.48
CA PRO B 131 -53.49 -6.17 -12.24
C PRO B 131 -52.09 -5.79 -12.71
N TYR B 132 -51.60 -4.59 -12.38
CA TYR B 132 -50.22 -4.22 -12.65
C TYR B 132 -49.31 -4.52 -11.47
N LEU B 133 -49.79 -5.27 -10.47
CA LEU B 133 -49.01 -5.51 -9.26
C LEU B 133 -47.94 -6.58 -9.48
N MET B 134 -48.36 -7.79 -9.83
CA MET B 134 -47.38 -8.86 -10.06
C MET B 134 -46.39 -8.55 -11.19
N PRO B 135 -46.75 -7.96 -12.33
CA PRO B 135 -45.71 -7.58 -13.30
C PRO B 135 -44.74 -6.56 -12.74
N LEU B 136 -45.20 -5.70 -11.83
CA LEU B 136 -44.31 -4.72 -11.20
C LEU B 136 -43.24 -5.41 -10.37
N HIS B 137 -43.60 -6.46 -9.65
CA HIS B 137 -42.68 -7.15 -8.77
C HIS B 137 -41.97 -8.33 -9.41
N GLU B 138 -42.30 -8.67 -10.66
CA GLU B 138 -41.68 -9.80 -11.35
C GLU B 138 -40.68 -9.37 -12.40
N THR B 139 -40.15 -8.15 -12.32
CA THR B 139 -39.24 -7.66 -13.35
C THR B 139 -37.84 -8.26 -13.24
N TRP B 140 -37.39 -8.54 -12.01
CA TRP B 140 -36.00 -8.91 -11.76
C TRP B 140 -35.76 -10.41 -11.83
N MET B 141 -36.76 -11.20 -12.24
CA MET B 141 -36.63 -12.65 -12.19
C MET B 141 -35.47 -13.14 -13.04
N TYR B 142 -35.30 -12.59 -14.24
CA TYR B 142 -34.25 -13.02 -15.16
C TYR B 142 -33.20 -11.94 -15.37
N ALA B 143 -33.13 -10.95 -14.48
CA ALA B 143 -32.23 -9.82 -14.62
C ALA B 143 -31.02 -9.89 -13.68
N GLU B 144 -30.77 -11.05 -13.07
CA GLU B 144 -29.64 -11.13 -12.14
C GLU B 144 -28.30 -11.01 -12.85
N THR B 145 -28.25 -11.23 -14.18
CA THR B 145 -27.01 -11.03 -14.91
C THR B 145 -26.63 -9.57 -14.97
N ALA B 146 -27.61 -8.67 -14.92
CA ALA B 146 -27.36 -7.23 -14.94
C ALA B 146 -27.02 -6.68 -13.56
N TYR B 147 -26.98 -7.54 -12.54
CA TYR B 147 -26.65 -7.08 -11.19
C TYR B 147 -25.22 -6.55 -11.12
N HIS B 148 -24.34 -7.03 -11.99
CA HIS B 148 -22.98 -6.51 -12.06
C HIS B 148 -22.93 -5.10 -12.64
N LEU B 149 -24.04 -4.61 -13.20
CA LEU B 149 -24.06 -3.36 -13.95
C LEU B 149 -24.74 -2.22 -13.21
N HIS B 150 -25.85 -2.48 -12.51
CA HIS B 150 -26.64 -1.43 -11.86
C HIS B 150 -26.92 -1.81 -10.42
N PRO B 151 -26.54 -0.98 -9.45
CA PRO B 151 -26.80 -1.32 -8.04
C PRO B 151 -28.28 -1.32 -7.67
N PHE B 152 -29.11 -0.52 -8.34
CA PHE B 152 -30.51 -0.38 -7.94
C PHE B 152 -31.27 -1.69 -8.08
N LEU B 153 -30.81 -2.58 -8.97
CA LEU B 153 -31.46 -3.87 -9.13
C LEU B 153 -31.33 -4.71 -7.86
N GLU B 154 -30.30 -4.46 -7.06
CA GLU B 154 -30.18 -5.15 -5.77
C GLU B 154 -31.27 -4.69 -4.82
N ASP B 155 -31.45 -3.38 -4.68
CA ASP B 155 -32.45 -2.86 -3.76
C ASP B 155 -33.86 -3.16 -4.22
N PHE B 156 -34.10 -3.22 -5.53
CA PHE B 156 -35.44 -3.53 -6.02
C PHE B 156 -35.86 -4.93 -5.59
N GLU B 157 -34.92 -5.87 -5.58
CA GLU B 157 -35.23 -7.23 -5.12
C GLU B 157 -35.77 -7.20 -3.69
N PHE B 158 -35.04 -6.57 -2.78
CA PHE B 158 -35.47 -6.53 -1.38
C PHE B 158 -36.70 -5.65 -1.19
N LEU B 159 -36.98 -4.74 -2.12
CA LEU B 159 -38.22 -3.97 -2.04
C LEU B 159 -39.42 -4.83 -2.43
N THR B 160 -39.27 -5.70 -3.43
CA THR B 160 -40.36 -6.58 -3.82
C THR B 160 -40.45 -7.86 -2.99
N TYR B 161 -39.44 -8.17 -2.18
CA TYR B 161 -39.54 -9.31 -1.27
C TYR B 161 -40.77 -9.29 -0.36
N PRO B 162 -41.16 -8.17 0.28
CA PRO B 162 -42.38 -8.22 1.11
C PRO B 162 -43.62 -8.63 0.34
N PHE B 163 -43.76 -8.20 -0.92
CA PHE B 163 -44.97 -8.54 -1.66
C PHE B 163 -44.98 -10.00 -2.07
N LEU B 164 -43.84 -10.52 -2.52
CA LEU B 164 -43.75 -11.94 -2.83
C LEU B 164 -43.86 -12.81 -1.58
N GLY B 165 -43.57 -12.25 -0.41
CA GLY B 165 -43.86 -12.96 0.82
C GLY B 165 -45.32 -12.87 1.22
N ALA B 166 -46.00 -11.80 0.83
CA ALA B 166 -47.44 -11.71 1.07
C ALA B 166 -48.19 -12.80 0.31
N ILE B 167 -47.78 -13.08 -0.92
CA ILE B 167 -48.31 -14.23 -1.64
C ILE B 167 -47.60 -15.48 -1.16
N GLY B 168 -48.28 -16.63 -1.27
CA GLY B 168 -47.74 -17.86 -0.74
C GLY B 168 -48.51 -18.33 0.48
N ARG B 169 -48.87 -17.41 1.36
CA ARG B 169 -49.78 -17.74 2.45
C ARG B 169 -51.18 -18.08 1.95
N LEU B 170 -51.53 -17.62 0.74
CA LEU B 170 -52.68 -17.97 -0.06
C LEU B 170 -52.36 -19.20 -0.91
N PRO B 171 -53.22 -20.22 -0.88
CA PRO B 171 -52.89 -21.48 -1.56
C PRO B 171 -52.78 -21.29 -3.06
N SER B 172 -52.03 -22.22 -3.69
CA SER B 172 -51.69 -22.10 -5.09
C SER B 172 -52.91 -22.10 -6.00
N TRP B 173 -54.04 -22.67 -5.56
CA TRP B 173 -55.24 -22.64 -6.39
C TRP B 173 -55.71 -21.22 -6.63
N PHE B 174 -55.49 -20.31 -5.67
CA PHE B 174 -55.84 -18.91 -5.87
C PHE B 174 -55.06 -18.31 -7.04
N LEU B 175 -53.75 -18.52 -7.06
CA LEU B 175 -52.93 -18.00 -8.15
C LEU B 175 -53.29 -18.66 -9.48
N MET B 176 -53.51 -19.97 -9.48
CA MET B 176 -53.84 -20.67 -10.72
C MET B 176 -55.22 -20.30 -11.25
N ALA B 177 -56.16 -19.93 -10.37
CA ALA B 177 -57.50 -19.57 -10.80
C ALA B 177 -57.67 -18.09 -11.05
N TYR B 178 -56.73 -17.25 -10.60
CA TYR B 178 -56.82 -15.82 -10.90
C TYR B 178 -56.81 -15.58 -12.40
N PHE B 179 -55.94 -16.28 -13.12
CA PHE B 179 -55.84 -16.09 -14.56
C PHE B 179 -57.14 -16.48 -15.27
N PHE B 180 -57.71 -17.63 -14.90
CA PHE B 180 -58.98 -18.05 -15.50
C PHE B 180 -60.12 -17.10 -15.13
N VAL B 181 -60.16 -16.65 -13.87
CA VAL B 181 -61.21 -15.72 -13.45
C VAL B 181 -61.12 -14.42 -14.23
N ALA B 182 -59.90 -13.90 -14.41
CA ALA B 182 -59.74 -12.69 -15.20
C ALA B 182 -60.11 -12.92 -16.66
N TYR B 183 -59.72 -14.07 -17.23
CA TYR B 183 -59.90 -14.30 -18.65
C TYR B 183 -61.36 -14.58 -19.01
N LEU B 184 -62.13 -15.16 -18.09
CA LEU B 184 -63.51 -15.52 -18.42
C LEU B 184 -64.49 -15.08 -17.33
N GLY B 185 -64.20 -13.96 -16.67
CA GLY B 185 -65.17 -13.32 -15.81
C GLY B 185 -65.29 -11.84 -16.11
N ILE B 186 -64.26 -11.29 -16.77
CA ILE B 186 -64.20 -9.86 -17.05
C ILE B 186 -64.17 -9.67 -18.56
N VAL B 187 -63.60 -10.64 -19.27
CA VAL B 187 -63.47 -10.57 -20.73
C VAL B 187 -64.70 -11.16 -21.37
N ARG B 188 -65.68 -11.55 -20.57
CA ARG B 188 -66.93 -12.12 -21.04
C ARG B 188 -68.09 -11.23 -20.62
N ARG B 189 -69.11 -11.18 -21.48
CA ARG B 189 -70.37 -10.49 -21.21
C ARG B 189 -70.11 -8.99 -21.11
N LYS B 190 -71.17 -8.18 -21.07
CA LYS B 190 -71.02 -6.75 -21.34
C LYS B 190 -71.09 -5.88 -20.08
N GLU B 191 -71.72 -6.34 -19.01
CA GLU B 191 -71.96 -5.45 -17.87
C GLU B 191 -70.66 -5.19 -17.09
N TRP B 192 -69.82 -4.34 -17.68
CA TRP B 192 -68.53 -3.93 -17.11
C TRP B 192 -68.04 -2.75 -17.93
N PRO B 193 -67.39 -1.75 -17.31
CA PRO B 193 -66.84 -0.65 -18.10
C PRO B 193 -65.79 -1.16 -19.08
N HIS B 194 -65.82 -0.61 -20.29
CA HIS B 194 -64.80 -0.96 -21.27
C HIS B 194 -63.46 -0.30 -20.95
N PHE B 195 -63.46 0.71 -20.07
CA PHE B 195 -62.22 1.30 -19.59
C PHE B 195 -61.50 0.41 -18.59
N PHE B 196 -62.25 -0.38 -17.82
CA PHE B 196 -61.68 -1.19 -16.77
C PHE B 196 -61.25 -2.57 -17.26
N ARG B 197 -62.09 -3.24 -18.07
CA ARG B 197 -61.69 -4.52 -18.64
C ARG B 197 -60.50 -4.37 -19.57
N PHE B 198 -60.38 -3.21 -20.24
CA PHE B 198 -59.20 -2.96 -21.05
C PHE B 198 -57.94 -2.96 -20.21
N HIS B 199 -57.98 -2.32 -19.04
CA HIS B 199 -56.79 -2.32 -18.18
C HIS B 199 -56.56 -3.68 -17.56
N VAL B 200 -57.62 -4.44 -17.29
CA VAL B 200 -57.46 -5.81 -16.80
C VAL B 200 -56.71 -6.65 -17.82
N VAL B 201 -57.12 -6.58 -19.09
CA VAL B 201 -56.42 -7.34 -20.12
C VAL B 201 -55.05 -6.73 -20.40
N MET B 202 -54.84 -5.45 -20.09
CA MET B 202 -53.52 -4.86 -20.19
C MET B 202 -52.57 -5.49 -19.19
N GLY B 203 -52.98 -5.58 -17.93
CA GLY B 203 -52.14 -6.15 -16.90
C GLY B 203 -52.15 -7.65 -16.79
N MET B 204 -53.06 -8.34 -17.47
CA MET B 204 -53.17 -9.79 -17.34
C MET B 204 -52.17 -10.54 -18.22
N LEU B 205 -51.83 -10.01 -19.40
CA LEU B 205 -50.84 -10.66 -20.25
C LEU B 205 -49.74 -9.70 -20.69
N LEU B 206 -49.52 -8.61 -19.94
CA LEU B 206 -48.31 -7.83 -20.13
C LEU B 206 -47.08 -8.63 -19.71
N GLU B 207 -47.23 -9.50 -18.71
CA GLU B 207 -46.14 -10.30 -18.20
C GLU B 207 -45.87 -11.56 -19.02
N ILE B 208 -46.76 -11.91 -19.96
CA ILE B 208 -46.49 -13.06 -20.82
C ILE B 208 -45.30 -12.79 -21.73
N ALA B 209 -45.16 -11.55 -22.21
CA ALA B 209 -43.98 -11.20 -22.98
C ALA B 209 -42.72 -11.32 -22.14
N LEU B 210 -42.79 -10.89 -20.88
CA LEU B 210 -41.66 -11.04 -19.96
C LEU B 210 -41.31 -12.52 -19.76
N GLN B 211 -42.32 -13.36 -19.57
CA GLN B 211 -42.07 -14.79 -19.42
C GLN B 211 -41.44 -15.38 -20.67
N VAL B 212 -41.94 -15.00 -21.85
CA VAL B 212 -41.38 -15.52 -23.10
C VAL B 212 -39.92 -15.12 -23.23
N ILE B 213 -39.61 -13.85 -22.92
CA ILE B 213 -38.22 -13.40 -22.95
C ILE B 213 -37.39 -14.20 -21.95
N GLY B 214 -37.96 -14.49 -20.78
CA GLY B 214 -37.23 -15.30 -19.80
C GLY B 214 -36.90 -16.68 -20.30
N THR B 215 -37.87 -17.36 -20.90
CA THR B 215 -37.61 -18.71 -21.41
C THR B 215 -36.61 -18.69 -22.55
N VAL B 216 -36.74 -17.75 -23.50
CA VAL B 216 -35.75 -17.71 -24.57
C VAL B 216 -34.38 -17.33 -24.03
N SER B 217 -34.33 -16.64 -22.89
CA SER B 217 -33.05 -16.34 -22.25
C SER B 217 -32.44 -17.59 -21.61
N LYS B 218 -33.24 -18.37 -20.88
CA LYS B 218 -32.68 -19.59 -20.28
C LYS B 218 -32.26 -20.61 -21.34
N TRP B 219 -32.99 -20.65 -22.46
CA TRP B 219 -32.65 -21.61 -23.52
C TRP B 219 -31.28 -21.33 -24.09
N MET B 220 -30.87 -20.07 -24.15
CA MET B 220 -29.56 -19.73 -24.68
C MET B 220 -28.47 -20.26 -23.75
N PRO B 221 -27.30 -20.61 -24.30
CA PRO B 221 -26.21 -21.11 -23.44
C PRO B 221 -25.70 -20.03 -22.50
N LEU B 222 -25.15 -20.48 -21.36
CA LEU B 222 -24.64 -19.56 -20.35
C LEU B 222 -23.40 -18.80 -20.80
N GLY B 223 -22.77 -19.22 -21.90
CA GLY B 223 -21.61 -18.48 -22.37
C GLY B 223 -21.92 -17.06 -22.80
N VAL B 224 -23.08 -16.87 -23.43
CA VAL B 224 -23.48 -15.54 -23.88
C VAL B 224 -24.47 -14.87 -22.92
N TYR B 225 -24.92 -15.58 -21.89
CA TYR B 225 -25.85 -14.98 -20.93
C TYR B 225 -25.11 -14.12 -19.92
N TRP B 226 -24.18 -14.72 -19.18
CA TRP B 226 -23.38 -14.00 -18.19
C TRP B 226 -22.32 -13.10 -18.82
N GLY B 227 -22.13 -13.17 -20.13
CA GLY B 227 -21.12 -12.37 -20.79
C GLY B 227 -21.51 -10.90 -20.83
N LYS B 228 -20.60 -10.10 -21.41
CA LYS B 228 -20.77 -8.66 -21.45
C LYS B 228 -21.94 -8.22 -22.33
N PHE B 229 -22.50 -9.12 -23.13
CA PHE B 229 -23.65 -8.80 -23.97
C PHE B 229 -24.98 -9.09 -23.26
N GLY B 230 -25.07 -10.22 -22.57
CA GLY B 230 -26.32 -10.59 -21.93
C GLY B 230 -26.73 -9.61 -20.85
N MET B 231 -25.77 -9.18 -20.02
CA MET B 231 -26.09 -8.25 -18.95
C MET B 231 -26.50 -6.89 -19.52
N HIS B 232 -25.85 -6.44 -20.59
CA HIS B 232 -26.19 -5.16 -21.19
C HIS B 232 -27.57 -5.20 -21.84
N PHE B 233 -27.92 -6.34 -22.43
CA PHE B 233 -29.27 -6.52 -22.95
C PHE B 233 -30.29 -6.51 -21.82
N TRP B 234 -30.00 -7.23 -20.74
CA TRP B 234 -31.01 -7.46 -19.71
C TRP B 234 -31.25 -6.24 -18.84
N THR B 235 -30.22 -5.42 -18.59
CA THR B 235 -30.46 -4.21 -17.82
C THR B 235 -31.41 -3.27 -18.57
N ALA B 236 -31.20 -3.11 -19.87
CA ALA B 236 -32.08 -2.29 -20.67
C ALA B 236 -33.49 -2.87 -20.71
N VAL B 237 -33.60 -4.20 -20.88
CA VAL B 237 -34.92 -4.82 -20.91
C VAL B 237 -35.66 -4.59 -19.60
N ALA B 238 -34.97 -4.81 -18.48
CA ALA B 238 -35.60 -4.66 -17.17
C ALA B 238 -36.04 -3.23 -16.93
N PHE B 239 -35.17 -2.25 -17.23
CA PHE B 239 -35.54 -0.86 -17.00
C PHE B 239 -36.71 -0.44 -17.88
N ALA B 240 -36.67 -0.81 -19.16
CA ALA B 240 -37.76 -0.46 -20.06
C ALA B 240 -39.08 -1.09 -19.60
N TYR B 241 -39.04 -2.35 -19.19
CA TYR B 241 -40.27 -3.03 -18.76
C TYR B 241 -40.81 -2.40 -17.49
N LEU B 242 -39.94 -2.10 -16.53
CA LEU B 242 -40.39 -1.48 -15.27
C LEU B 242 -41.01 -0.12 -15.52
N PHE B 243 -40.37 0.70 -16.36
CA PHE B 243 -40.93 2.03 -16.60
C PHE B 243 -42.19 1.96 -17.47
N THR B 244 -42.30 0.95 -18.34
CA THR B 244 -43.54 0.74 -19.07
C THR B 244 -44.68 0.42 -18.11
N VAL B 245 -44.41 -0.45 -17.13
CA VAL B 245 -45.43 -0.78 -16.14
C VAL B 245 -45.82 0.45 -15.33
N LEU B 246 -44.82 1.24 -14.92
CA LEU B 246 -45.10 2.45 -14.15
C LEU B 246 -45.93 3.45 -14.95
N GLU B 247 -45.61 3.62 -16.23
CA GLU B 247 -46.37 4.55 -17.06
C GLU B 247 -47.78 4.04 -17.31
N SER B 248 -47.96 2.72 -17.42
CA SER B 248 -49.31 2.17 -17.50
C SER B 248 -50.10 2.46 -16.23
N ILE B 249 -49.45 2.34 -15.07
CA ILE B 249 -50.11 2.68 -13.81
C ILE B 249 -50.50 4.15 -13.80
N ARG B 250 -49.62 5.02 -14.28
CA ARG B 250 -49.94 6.45 -14.33
C ARG B 250 -51.11 6.71 -15.27
N CYS B 251 -51.14 6.02 -16.41
CA CYS B 251 -52.26 6.16 -17.34
C CYS B 251 -53.57 5.72 -16.70
N ALA B 252 -53.53 4.61 -15.95
CA ALA B 252 -54.73 4.16 -15.25
C ALA B 252 -55.19 5.18 -14.22
N LEU B 253 -54.23 5.76 -13.48
CA LEU B 253 -54.58 6.75 -12.47
C LEU B 253 -55.10 8.04 -13.11
N ALA B 254 -54.72 8.31 -14.36
CA ALA B 254 -55.18 9.50 -15.05
C ALA B 254 -56.55 9.35 -15.68
N GLY B 255 -57.15 8.16 -15.62
CA GLY B 255 -58.47 7.96 -16.16
C GLY B 255 -58.54 7.76 -17.64
N MET B 256 -57.48 7.25 -18.27
CA MET B 256 -57.46 7.03 -19.71
C MET B 256 -56.73 5.73 -20.01
N TYR B 257 -56.85 5.27 -21.25
CA TYR B 257 -56.27 4.00 -21.66
C TYR B 257 -54.75 4.08 -21.64
N ALA B 258 -54.11 2.94 -21.91
CA ALA B 258 -52.66 2.83 -22.01
C ALA B 258 -52.35 2.12 -23.32
N ASP B 259 -52.19 2.89 -24.39
CA ASP B 259 -51.95 2.34 -25.73
C ASP B 259 -50.44 2.23 -25.95
N ILE B 260 -49.87 1.12 -25.50
CA ILE B 260 -48.47 0.84 -25.80
C ILE B 260 -48.39 0.56 -27.30
N PRO B 261 -47.30 0.93 -27.97
CA PRO B 261 -47.33 1.05 -29.44
C PRO B 261 -47.74 -0.20 -30.21
N PHE B 262 -47.02 -1.31 -30.03
CA PHE B 262 -47.11 -2.41 -30.99
C PHE B 262 -48.29 -3.33 -30.73
N VAL B 263 -48.31 -3.98 -29.56
CA VAL B 263 -49.26 -5.08 -29.35
C VAL B 263 -50.59 -4.65 -28.74
N CYS B 264 -50.63 -3.50 -28.07
CA CYS B 264 -51.83 -3.12 -27.31
C CYS B 264 -53.08 -3.09 -28.16
N ASP B 265 -53.14 -2.16 -29.12
CA ASP B 265 -54.38 -1.90 -29.84
C ASP B 265 -54.99 -3.19 -30.37
N ALA B 266 -54.29 -3.85 -31.30
CA ALA B 266 -54.80 -5.08 -31.89
C ALA B 266 -54.97 -6.18 -30.84
N ALA B 267 -53.86 -6.61 -30.23
CA ALA B 267 -53.89 -7.82 -29.41
C ALA B 267 -54.85 -7.72 -28.23
N TYR B 268 -55.10 -6.52 -27.71
CA TYR B 268 -55.89 -6.35 -26.50
C TYR B 268 -57.14 -5.50 -26.74
N ILE B 269 -57.54 -5.28 -27.99
CA ILE B 269 -58.84 -4.68 -28.26
C ILE B 269 -59.65 -5.62 -29.13
N GLN B 270 -58.97 -6.42 -29.96
CA GLN B 270 -59.67 -7.41 -30.77
C GLN B 270 -60.19 -8.56 -29.91
N ILE B 271 -59.29 -9.25 -29.21
CA ILE B 271 -59.71 -10.43 -28.44
C ILE B 271 -60.70 -10.11 -27.33
N PRO B 272 -60.58 -9.00 -26.55
CA PRO B 272 -61.54 -8.79 -25.46
C PRO B 272 -62.78 -8.04 -25.92
N TYR B 273 -63.53 -8.66 -26.83
CA TYR B 273 -64.78 -8.11 -27.33
C TYR B 273 -65.90 -9.09 -26.98
N ASP B 274 -66.88 -8.61 -26.22
CA ASP B 274 -68.01 -9.45 -25.82
C ASP B 274 -69.17 -8.59 -25.33
N ASN C 7 -58.34 1.83 -30.30
CA ASN C 7 -59.58 2.40 -30.81
C ASN C 7 -60.80 1.83 -30.07
N ALA C 8 -61.94 1.80 -30.75
CA ALA C 8 -63.19 1.33 -30.18
C ALA C 8 -63.71 0.16 -30.99
N TYR C 9 -64.00 -0.96 -30.31
CA TYR C 9 -64.70 -2.08 -30.92
C TYR C 9 -65.98 -2.44 -30.19
N ARG C 10 -66.26 -1.82 -29.04
CA ARG C 10 -67.58 -1.90 -28.42
C ARG C 10 -68.14 -0.55 -27.99
N GLY C 11 -67.31 0.48 -27.87
CA GLY C 11 -67.81 1.82 -27.63
C GLY C 11 -67.19 2.56 -26.46
N ASP C 12 -66.63 3.73 -26.75
CA ASP C 12 -66.19 4.69 -25.74
C ASP C 12 -66.20 6.09 -26.36
N PRO C 13 -66.98 7.02 -25.81
CA PRO C 13 -67.20 8.29 -26.50
C PRO C 13 -66.01 9.22 -26.53
N GLY C 14 -65.43 9.50 -25.37
CA GLY C 14 -64.36 10.49 -25.29
C GLY C 14 -63.26 10.18 -24.31
N VAL C 15 -63.17 8.92 -23.88
CA VAL C 15 -62.09 8.56 -22.96
C VAL C 15 -60.76 8.69 -23.68
N PRO C 16 -59.79 9.44 -23.14
CA PRO C 16 -58.57 9.71 -23.89
C PRO C 16 -57.75 8.45 -24.15
N HIS C 17 -57.01 8.46 -25.25
CA HIS C 17 -56.08 7.40 -25.60
C HIS C 17 -54.67 7.90 -25.39
N ALA C 18 -53.87 7.11 -24.68
CA ALA C 18 -52.51 7.53 -24.33
C ALA C 18 -51.66 7.72 -25.59
N ASP C 19 -50.84 8.76 -25.57
CA ASP C 19 -49.92 8.99 -26.68
C ASP C 19 -48.83 7.92 -26.69
N ALA C 20 -48.62 7.32 -27.87
CA ALA C 20 -47.73 6.17 -27.97
C ALA C 20 -46.25 6.53 -27.85
N ASP C 21 -45.89 7.79 -28.07
CA ASP C 21 -44.48 8.16 -28.07
C ASP C 21 -43.83 8.04 -26.70
N ARG C 22 -44.63 7.93 -25.63
CA ARG C 22 -44.07 7.81 -24.30
C ARG C 22 -43.33 6.50 -24.11
N PHE C 23 -43.98 5.39 -24.47
CA PHE C 23 -43.34 4.09 -24.33
C PHE C 23 -42.17 3.94 -25.29
N VAL C 24 -42.30 4.51 -26.49
CA VAL C 24 -41.17 4.54 -27.43
C VAL C 24 -39.99 5.28 -26.82
N ASN C 25 -40.25 6.43 -26.19
CA ASN C 25 -39.18 7.19 -25.54
C ASN C 25 -38.56 6.38 -24.42
N ILE C 26 -39.38 5.69 -23.62
CA ILE C 26 -38.86 4.89 -22.52
C ILE C 26 -37.93 3.80 -23.04
N TRP C 27 -38.37 3.08 -24.07
CA TRP C 27 -37.57 1.99 -24.62
C TRP C 27 -36.27 2.52 -25.24
N ILE C 28 -36.36 3.61 -26.00
CA ILE C 28 -35.17 4.19 -26.62
C ILE C 28 -34.19 4.66 -25.55
N GLY C 29 -34.71 5.29 -24.49
CA GLY C 29 -33.83 5.73 -23.41
C GLY C 29 -33.16 4.58 -22.71
N SER C 30 -33.90 3.47 -22.50
CA SER C 30 -33.28 2.30 -21.87
C SER C 30 -32.17 1.74 -22.74
N ALA C 31 -32.41 1.61 -24.04
CA ALA C 31 -31.37 1.11 -24.94
C ALA C 31 -30.17 2.03 -24.97
N ALA C 32 -30.40 3.35 -25.03
CA ALA C 32 -29.31 4.30 -25.04
C ALA C 32 -28.51 4.26 -23.75
N PHE C 33 -29.21 4.11 -22.61
CA PHE C 33 -28.51 3.99 -21.34
C PHE C 33 -27.65 2.73 -21.30
N SER C 34 -28.16 1.62 -21.81
CA SER C 34 -27.35 0.40 -21.86
C SER C 34 -26.11 0.59 -22.72
N VAL C 35 -26.26 1.22 -23.89
CA VAL C 35 -25.11 1.45 -24.76
C VAL C 35 -24.10 2.38 -24.09
N LEU C 36 -24.58 3.45 -23.45
CA LEU C 36 -23.69 4.39 -22.79
C LEU C 36 -22.94 3.73 -21.64
N THR C 37 -23.63 2.89 -20.87
CA THR C 37 -22.95 2.15 -19.80
C THR C 37 -21.90 1.21 -20.37
N TRP C 38 -22.20 0.59 -21.52
CA TRP C 38 -21.18 -0.20 -22.21
C TRP C 38 -19.98 0.66 -22.54
N VAL C 39 -20.20 1.90 -22.99
CA VAL C 39 -19.10 2.79 -23.31
C VAL C 39 -18.30 3.15 -22.06
N ASN C 40 -19.00 3.53 -20.98
CA ASN C 40 -18.35 3.96 -19.74
C ASN C 40 -18.96 3.20 -18.57
N PRO C 41 -18.33 2.10 -18.15
CA PRO C 41 -18.89 1.32 -17.04
C PRO C 41 -18.81 2.03 -15.70
N TYR C 42 -17.80 2.88 -15.48
CA TYR C 42 -17.59 3.51 -14.17
C TYR C 42 -18.50 4.72 -14.02
N MET C 43 -19.78 4.43 -13.86
CA MET C 43 -20.77 5.49 -13.69
C MET C 43 -20.78 6.08 -12.29
N TRP C 44 -20.19 5.40 -11.32
CA TRP C 44 -20.09 5.95 -9.97
C TRP C 44 -19.01 7.01 -9.85
N GLN C 45 -18.10 7.10 -10.84
CA GLN C 45 -17.02 8.08 -10.79
C GLN C 45 -17.50 9.50 -11.08
N LEU C 46 -18.72 9.67 -11.57
CA LEU C 46 -19.25 11.01 -11.77
C LEU C 46 -19.34 11.74 -10.44
N SER C 47 -18.90 12.98 -10.41
CA SER C 47 -18.77 13.76 -9.20
C SER C 47 -19.62 15.02 -9.27
N ASN C 48 -20.10 15.47 -8.12
CA ASN C 48 -20.89 16.67 -8.05
C ASN C 48 -20.04 17.91 -8.32
N GLN C 49 -20.71 19.03 -8.57
CA GLN C 49 -20.00 20.26 -8.90
C GLN C 49 -19.23 20.79 -7.70
N PHE C 50 -19.79 20.68 -6.50
CA PHE C 50 -19.15 21.17 -5.29
C PHE C 50 -18.95 20.04 -4.30
N ASN C 51 -17.96 20.21 -3.43
CA ASN C 51 -17.76 19.37 -2.26
C ASN C 51 -18.20 20.15 -1.03
N TYR C 52 -19.09 19.55 -0.25
CA TYR C 52 -19.71 20.28 0.87
C TYR C 52 -18.68 20.67 1.92
N HIS C 53 -17.77 19.75 2.25
CA HIS C 53 -16.73 20.08 3.21
C HIS C 53 -15.81 21.18 2.70
N ASP C 54 -15.56 21.21 1.39
CA ASP C 54 -14.77 22.31 0.81
C ASP C 54 -15.47 23.65 0.99
N LYS C 55 -16.79 23.67 0.75
CA LYS C 55 -17.56 24.91 0.96
C LYS C 55 -17.50 25.34 2.42
N TRP C 56 -17.65 24.39 3.34
CA TRP C 56 -17.58 24.73 4.77
C TRP C 56 -16.21 25.26 5.14
N MET C 57 -15.15 24.64 4.60
CA MET C 57 -13.80 25.10 4.88
C MET C 57 -13.57 26.50 4.35
N LEU C 58 -14.06 26.79 3.14
CA LEU C 58 -13.92 28.14 2.59
C LEU C 58 -14.66 29.16 3.43
N PHE C 59 -15.89 28.84 3.83
CA PHE C 59 -16.68 29.74 4.67
C PHE C 59 -15.97 30.02 5.99
N GLU C 60 -15.50 28.97 6.66
CA GLU C 60 -14.81 29.13 7.93
C GLU C 60 -13.52 29.92 7.77
N GLN C 61 -12.77 29.65 6.69
CA GLN C 61 -11.51 30.37 6.48
C GLN C 61 -11.77 31.85 6.28
N TYR C 62 -12.74 32.19 5.43
CA TYR C 62 -13.01 33.61 5.17
C TYR C 62 -13.45 34.32 6.45
N HIS C 63 -14.39 33.72 7.19
CA HIS C 63 -14.88 34.40 8.39
C HIS C 63 -13.83 34.45 9.48
N TRP C 64 -12.99 33.42 9.60
CA TRP C 64 -11.90 33.43 10.56
C TRP C 64 -10.90 34.52 10.24
N LYS C 65 -10.53 34.68 8.96
CA LYS C 65 -9.63 35.76 8.59
C LYS C 65 -10.26 37.12 8.86
N LYS C 66 -11.54 37.29 8.53
CA LYS C 66 -12.21 38.55 8.78
C LYS C 66 -12.24 38.88 10.26
N ALA C 67 -12.50 37.88 11.11
CA ALA C 67 -12.56 38.10 12.54
C ALA C 67 -11.18 38.45 13.10
N ARG C 68 -10.16 37.68 12.74
CA ARG C 68 -8.82 37.94 13.27
C ARG C 68 -8.18 39.19 12.66
N ALA C 69 -8.74 39.73 11.59
CA ALA C 69 -8.20 40.98 11.05
C ALA C 69 -8.29 42.11 12.07
N LYS C 70 -9.42 42.24 12.74
CA LYS C 70 -9.61 43.36 13.66
C LYS C 70 -9.28 43.02 15.11
N LYS C 71 -10.06 42.11 15.70
CA LYS C 71 -10.07 41.91 17.15
C LYS C 71 -11.09 40.80 17.36
N GLN C 72 -11.18 40.29 18.60
CA GLN C 72 -11.98 39.17 19.09
C GLN C 72 -11.60 37.85 18.44
N PRO C 73 -11.77 36.74 19.13
CA PRO C 73 -11.59 35.43 18.51
C PRO C 73 -12.82 35.02 17.71
N TYR C 74 -12.67 33.94 16.95
CA TYR C 74 -13.71 33.43 16.08
C TYR C 74 -14.11 32.03 16.51
N GLU C 75 -15.41 31.80 16.63
CA GLU C 75 -15.95 30.47 16.92
C GLU C 75 -16.49 29.87 15.63
N PHE C 76 -16.18 28.60 15.41
CA PHE C 76 -16.51 27.95 14.15
C PHE C 76 -17.95 27.45 14.17
N LYS C 77 -18.70 27.74 13.10
CA LYS C 77 -20.10 27.32 13.03
C LYS C 77 -20.22 25.83 12.78
N TRP C 78 -19.23 25.22 12.12
CA TRP C 78 -19.28 23.79 11.86
C TRP C 78 -19.28 22.98 13.16
N ASN C 79 -18.61 23.48 14.19
CA ASN C 79 -18.58 22.77 15.47
C ASN C 79 -19.91 22.77 16.17
N LYS C 80 -20.80 23.71 15.87
CA LYS C 80 -22.11 23.79 16.48
C LYS C 80 -23.15 22.92 15.78
N ILE C 81 -22.78 22.28 14.67
CA ILE C 81 -23.64 21.33 13.98
C ILE C 81 -23.88 20.17 14.93
N PRO C 82 -25.06 19.54 14.91
CA PRO C 82 -25.32 18.42 15.82
C PRO C 82 -24.29 17.31 15.64
N LYS C 83 -23.98 16.64 16.76
CA LYS C 83 -22.85 15.72 16.79
C LYS C 83 -22.96 14.64 15.73
N GLU C 84 -24.11 13.96 15.66
CA GLU C 84 -24.23 12.82 14.74
C GLU C 84 -24.73 13.24 13.36
N VAL C 85 -24.14 14.30 12.84
CA VAL C 85 -24.22 14.62 11.42
C VAL C 85 -22.79 14.77 10.93
N ARG C 86 -21.90 15.20 11.82
CA ARG C 86 -20.48 15.31 11.48
C ARG C 86 -19.87 13.92 11.29
N ASP C 87 -20.16 13.00 12.20
CA ASP C 87 -19.71 11.62 12.03
C ASP C 87 -20.32 11.00 10.78
N SER C 88 -21.60 11.28 10.53
CA SER C 88 -22.25 10.73 9.34
C SER C 88 -21.55 11.19 8.08
N TYR C 89 -21.27 12.49 7.97
CA TYR C 89 -20.54 12.98 6.80
C TYR C 89 -19.15 12.40 6.73
N TYR C 90 -18.45 12.32 7.87
CA TYR C 90 -17.09 11.80 7.87
C TYR C 90 -17.03 10.37 7.37
N TYR C 91 -18.01 9.54 7.75
CA TYR C 91 -18.02 8.15 7.36
C TYR C 91 -18.68 7.89 6.01
N ASN C 92 -19.46 8.85 5.48
CA ASN C 92 -20.20 8.60 4.25
C ASN C 92 -19.74 9.42 3.05
N TRP C 93 -18.89 10.44 3.25
CA TRP C 93 -18.50 11.28 2.11
C TRP C 93 -17.75 10.53 1.01
N PRO C 94 -16.80 9.63 1.28
CA PRO C 94 -16.04 9.04 0.16
C PRO C 94 -16.90 8.29 -0.84
N VAL C 95 -18.03 7.73 -0.41
CA VAL C 95 -18.89 6.95 -1.29
C VAL C 95 -20.09 7.75 -1.77
N TYR C 96 -20.67 8.60 -0.91
CA TYR C 96 -21.89 9.31 -1.27
C TYR C 96 -21.61 10.69 -1.85
N PHE C 97 -20.68 11.45 -1.28
CA PHE C 97 -20.36 12.81 -1.73
C PHE C 97 -18.87 12.91 -1.97
N PRO C 98 -18.37 12.30 -3.06
CA PRO C 98 -16.93 12.28 -3.34
C PRO C 98 -16.35 13.67 -3.58
N PHE D 108 1.95 -38.47 -2.73
CA PHE D 108 1.03 -38.52 -3.85
C PHE D 108 0.28 -37.20 -3.99
N TYR D 109 -0.24 -36.70 -2.87
CA TYR D 109 -0.96 -35.43 -2.90
C TYR D 109 -0.04 -34.27 -3.29
N GLU D 110 1.25 -34.38 -2.99
CA GLU D 110 2.19 -33.33 -3.38
C GLU D 110 2.44 -33.34 -4.88
N ASP D 111 2.31 -34.49 -5.53
CA ASP D 111 2.56 -34.59 -6.97
C ASP D 111 1.55 -33.83 -7.81
N LEU D 112 0.42 -33.43 -7.23
CA LEU D 112 -0.57 -32.65 -7.96
C LEU D 112 -0.24 -31.17 -8.02
N PHE D 113 0.71 -30.69 -7.22
CA PHE D 113 0.93 -29.26 -7.06
C PHE D 113 2.29 -28.79 -7.58
N ASP D 114 3.01 -29.61 -8.34
CA ASP D 114 4.28 -29.22 -8.94
C ASP D 114 4.12 -29.31 -10.45
N PHE D 115 3.65 -28.23 -11.07
CA PHE D 115 3.53 -28.25 -12.52
C PHE D 115 4.08 -27.02 -13.23
N PRO D 116 5.23 -26.46 -12.82
CA PRO D 116 6.08 -25.78 -13.81
C PRO D 116 7.25 -26.67 -14.23
N ARG D 117 7.40 -27.81 -13.52
CA ARG D 117 8.45 -28.79 -13.79
C ARG D 117 9.84 -28.16 -13.68
N ASP D 118 10.18 -27.77 -12.45
CA ASP D 118 11.46 -27.16 -12.15
C ASP D 118 12.61 -28.06 -12.61
N PRO D 119 13.53 -27.56 -13.43
CA PRO D 119 14.59 -28.44 -13.98
C PRO D 119 15.80 -28.60 -13.08
N GLU D 120 16.07 -27.61 -12.22
CA GLU D 120 17.26 -27.66 -11.39
C GLU D 120 17.02 -28.31 -10.03
N ARG D 121 15.79 -28.72 -9.73
CA ARG D 121 15.46 -29.54 -8.57
C ARG D 121 15.98 -28.93 -7.27
N TRP D 122 15.47 -27.75 -6.95
CA TRP D 122 15.82 -27.11 -5.69
C TRP D 122 15.17 -27.84 -4.52
N LYS D 123 15.90 -27.94 -3.41
CA LYS D 123 15.41 -28.61 -2.22
C LYS D 123 15.97 -27.91 -0.99
N GLU D 124 15.40 -28.25 0.18
CA GLU D 124 15.80 -27.60 1.42
C GLU D 124 17.25 -27.84 1.77
N GLN D 125 17.86 -28.92 1.27
CA GLN D 125 19.28 -29.15 1.50
C GLN D 125 20.12 -28.08 0.82
N ASP D 126 19.71 -27.64 -0.37
CA ASP D 126 20.45 -26.60 -1.08
C ASP D 126 20.41 -25.26 -0.35
N LEU D 127 19.33 -25.00 0.39
CA LEU D 127 19.26 -23.81 1.23
C LEU D 127 19.97 -24.01 2.56
N ARG D 128 20.46 -25.22 2.84
CA ARG D 128 21.15 -25.54 4.08
C ARG D 128 20.29 -25.21 5.30
N GLU D 129 19.06 -25.73 5.29
CA GLU D 129 18.12 -25.56 6.37
C GLU D 129 17.51 -26.90 6.73
N ILE D 130 17.13 -27.05 8.00
CA ILE D 130 16.55 -28.28 8.51
C ILE D 130 15.09 -28.00 8.87
N TRP D 131 14.19 -28.71 8.20
CA TRP D 131 12.76 -28.61 8.45
C TRP D 131 12.27 -29.87 9.16
N ALA D 132 11.09 -29.75 9.77
CA ALA D 132 10.46 -30.86 10.48
C ALA D 132 8.99 -30.92 10.09
N ASP D 133 8.42 -32.13 10.22
CA ASP D 133 7.03 -32.33 9.87
C ASP D 133 6.10 -31.59 10.84
N GLY D 134 6.32 -31.77 12.13
CA GLY D 134 5.49 -31.12 13.13
C GLY D 134 4.37 -32.03 13.60
N PRO D 135 4.44 -32.45 14.87
CA PRO D 135 3.39 -33.31 15.42
C PRO D 135 2.03 -32.60 15.40
N LEU D 136 0.98 -33.41 15.30
CA LEU D 136 -0.37 -32.85 15.18
C LEU D 136 -0.76 -32.01 16.39
N GLU D 137 -0.29 -32.39 17.57
CA GLU D 137 -0.67 -31.70 18.81
C GLU D 137 0.28 -30.55 19.14
N MET D 138 0.92 -29.95 18.15
CA MET D 138 1.82 -28.82 18.35
C MET D 138 1.19 -27.56 17.80
N THR D 139 1.27 -26.48 18.56
CA THR D 139 0.65 -25.21 18.19
C THR D 139 1.63 -24.21 17.60
N LYS D 140 2.81 -24.08 18.18
CA LYS D 140 3.78 -23.11 17.69
C LYS D 140 4.37 -23.56 16.35
N PRO D 141 4.84 -22.63 15.53
CA PRO D 141 5.33 -22.99 14.19
C PRO D 141 6.72 -23.60 14.16
N GLY D 142 7.37 -23.79 15.31
CA GLY D 142 8.69 -24.36 15.31
C GLY D 142 8.98 -25.03 16.64
N TRP D 143 10.18 -25.61 16.73
CA TRP D 143 10.58 -26.27 17.97
C TRP D 143 11.09 -25.27 18.99
N ASP D 144 12.23 -24.62 18.69
CA ASP D 144 12.75 -23.51 19.49
C ASP D 144 12.84 -23.85 20.97
N PRO D 145 13.85 -24.63 21.40
CA PRO D 145 13.93 -25.06 22.80
C PRO D 145 13.76 -23.94 23.83
N ALA D 146 13.86 -22.69 23.39
CA ALA D 146 13.62 -21.57 24.28
C ALA D 146 12.18 -21.56 24.79
N TRP D 147 11.22 -21.78 23.89
CA TRP D 147 9.80 -21.71 24.26
C TRP D 147 9.16 -23.08 24.45
N ALA D 148 9.95 -24.14 24.52
CA ALA D 148 9.41 -25.47 24.73
C ALA D 148 8.79 -25.58 26.12
N ASP D 149 7.52 -25.94 26.18
CA ASP D 149 6.79 -26.03 27.43
C ASP D 149 6.63 -27.49 27.84
N GLU D 150 5.90 -27.72 28.93
CA GLU D 150 5.71 -29.09 29.42
C GLU D 150 4.87 -29.92 28.46
N ASP D 151 3.85 -29.32 27.86
CA ASP D 151 3.02 -30.05 26.91
C ASP D 151 3.82 -30.47 25.68
N ASP D 152 4.74 -29.61 25.24
CA ASP D 152 5.61 -29.98 24.11
C ASP D 152 6.49 -31.16 24.48
N TRP D 153 7.02 -31.18 25.70
CA TRP D 153 7.83 -32.31 26.13
C TRP D 153 6.99 -33.59 26.22
N ASP D 154 5.73 -33.46 26.68
CA ASP D 154 4.85 -34.62 26.71
C ASP D 154 4.59 -35.16 25.31
N VAL D 155 4.34 -34.27 24.35
CA VAL D 155 4.10 -34.68 22.98
C VAL D 155 5.34 -35.38 22.41
N VAL D 156 6.52 -34.82 22.68
CA VAL D 156 7.77 -35.42 22.19
C VAL D 156 7.96 -36.80 22.80
N ASN D 157 7.70 -36.94 24.10
CA ASN D 157 7.84 -38.25 24.74
C ASN D 157 6.85 -39.26 24.18
N ASP D 158 5.62 -38.82 23.92
CA ASP D 158 4.64 -39.72 23.31
C ASP D 158 5.10 -40.17 21.92
N GLU D 159 5.64 -39.24 21.13
CA GLU D 159 6.12 -39.61 19.80
C GLU D 159 7.31 -40.57 19.90
N ILE D 160 8.17 -40.39 20.91
CA ILE D 160 9.27 -41.32 21.12
C ILE D 160 8.72 -42.70 21.47
N GLN D 161 7.75 -42.75 22.37
CA GLN D 161 7.23 -44.04 22.82
C GLN D 161 6.50 -44.76 21.69
N GLU D 162 5.82 -44.00 20.82
CA GLU D 162 5.15 -44.61 19.67
C GLU D 162 6.17 -45.25 18.72
N GLY D 163 7.31 -44.59 18.51
CA GLY D 163 8.32 -45.13 17.64
C GLY D 163 8.64 -44.25 16.45
N ARG D 164 8.45 -42.94 16.60
CA ARG D 164 8.69 -41.98 15.54
C ARG D 164 9.68 -40.92 16.02
N ASP D 165 10.56 -40.48 15.13
CA ASP D 165 11.54 -39.46 15.48
C ASP D 165 10.88 -38.09 15.55
N PRO D 166 10.90 -37.42 16.71
CA PRO D 166 10.30 -36.08 16.79
C PRO D 166 10.99 -35.05 15.91
N GLY D 167 12.31 -35.17 15.74
CA GLY D 167 13.06 -34.18 14.99
C GLY D 167 13.32 -32.92 15.80
N ILE D 168 13.81 -33.08 17.02
CA ILE D 168 14.13 -31.97 17.90
C ILE D 168 15.62 -31.70 17.84
N GLN D 169 16.00 -30.43 17.92
CA GLN D 169 17.38 -30.00 17.84
C GLN D 169 17.68 -29.04 18.99
N PRO D 170 18.95 -28.64 19.10
CA PRO D 170 19.35 -27.64 20.07
C PRO D 170 19.06 -26.22 19.60
N PHE D 171 18.47 -26.06 18.42
CA PHE D 171 18.18 -24.75 17.86
C PHE D 171 16.76 -24.70 17.30
N TYR D 172 16.43 -23.65 16.56
CA TYR D 172 15.08 -23.50 16.03
C TYR D 172 14.89 -24.42 14.82
N VAL D 173 13.77 -25.14 14.81
CA VAL D 173 13.44 -26.05 13.72
C VAL D 173 12.08 -25.71 13.14
N PRO D 174 12.00 -25.17 11.93
CA PRO D 174 10.71 -24.83 11.35
C PRO D 174 9.86 -26.07 11.05
N TYR D 175 8.55 -25.87 11.07
CA TYR D 175 7.60 -26.91 10.69
C TYR D 175 7.07 -26.65 9.29
N ARG D 176 6.97 -27.71 8.50
CA ARG D 176 6.48 -27.56 7.14
C ARG D 176 5.00 -27.19 7.12
N LYS D 177 4.63 -26.37 6.14
CA LYS D 177 3.27 -25.91 5.92
C LYS D 177 2.53 -26.85 4.99
N PRO D 178 1.21 -26.92 5.08
CA PRO D 178 0.44 -27.86 4.24
C PRO D 178 0.07 -27.26 2.89
N TYR D 179 -0.49 -28.11 2.04
CA TYR D 179 -0.98 -27.76 0.72
C TYR D 179 -2.47 -27.42 0.80
N PRO D 180 -2.96 -26.55 -0.09
CA PRO D 180 -4.39 -26.22 -0.09
C PRO D 180 -5.24 -27.43 -0.43
N ALA D 181 -6.44 -27.48 0.16
CA ALA D 181 -7.35 -28.58 -0.08
C ALA D 181 -8.16 -28.35 -1.36
N ILE D 182 -8.48 -29.44 -2.04
CA ILE D 182 -9.26 -29.42 -3.26
C ILE D 182 -10.64 -29.95 -2.95
N PRO D 183 -11.67 -29.10 -2.87
CA PRO D 183 -13.03 -29.58 -2.55
C PRO D 183 -13.72 -30.11 -3.79
N ASP D 184 -14.18 -31.36 -3.73
CA ASP D 184 -14.87 -31.98 -4.87
C ASP D 184 -16.38 -31.78 -4.78
N ASN D 185 -16.81 -30.55 -4.51
CA ASN D 185 -18.22 -30.20 -4.57
C ASN D 185 -18.50 -28.84 -5.17
N HIS D 186 -17.49 -27.97 -5.33
CA HIS D 186 -17.73 -26.57 -5.67
C HIS D 186 -18.07 -26.38 -7.14
N TYR D 187 -17.60 -27.28 -8.02
CA TYR D 187 -17.78 -27.19 -9.46
C TYR D 187 -16.99 -26.02 -10.05
N ASP D 188 -16.36 -25.22 -9.19
CA ASP D 188 -15.55 -24.09 -9.62
C ASP D 188 -14.06 -24.35 -9.47
N ILE D 189 -13.66 -25.49 -8.89
CA ILE D 189 -12.24 -25.75 -8.68
C ILE D 189 -11.81 -26.96 -9.51
N GLU D 190 -12.31 -28.15 -9.15
CA GLU D 190 -12.19 -29.37 -9.94
C GLU D 190 -10.75 -29.76 -10.24
N ASN D 191 -9.77 -29.01 -9.74
CA ASN D 191 -8.39 -29.17 -10.14
C ASN D 191 -7.49 -28.45 -9.14
N ALA D 192 -6.19 -28.51 -9.39
CA ALA D 192 -5.22 -27.74 -8.60
C ALA D 192 -5.03 -26.33 -9.16
N LYS D 193 -4.98 -26.20 -10.48
CA LYS D 193 -5.03 -24.87 -11.09
C LYS D 193 -6.32 -24.16 -10.73
N GLY D 194 -7.40 -24.91 -10.51
CA GLY D 194 -8.61 -24.31 -9.98
C GLY D 194 -8.40 -23.70 -8.60
N VAL D 195 -7.66 -24.40 -7.73
CA VAL D 195 -7.33 -23.84 -6.43
C VAL D 195 -6.48 -22.59 -6.58
N VAL D 196 -5.50 -22.63 -7.48
CA VAL D 196 -4.62 -21.48 -7.68
C VAL D 196 -5.43 -20.27 -8.15
N GLU D 197 -6.33 -20.46 -9.10
CA GLU D 197 -7.14 -19.34 -9.59
C GLU D 197 -8.18 -18.90 -8.56
N GLU D 198 -8.63 -19.82 -7.71
CA GLU D 198 -9.56 -19.43 -6.64
C GLU D 198 -8.86 -18.59 -5.58
N LEU D 199 -7.57 -18.85 -5.34
CA LEU D 199 -6.87 -18.14 -4.27
C LEU D 199 -6.80 -16.64 -4.54
N ASP D 200 -6.61 -16.24 -5.79
CA ASP D 200 -6.49 -14.82 -6.10
C ASP D 200 -7.81 -14.18 -6.50
N ARG D 201 -8.92 -14.93 -6.46
CA ARG D 201 -10.23 -14.34 -6.65
C ARG D 201 -10.82 -13.80 -5.36
N ILE D 202 -10.16 -14.01 -4.23
CA ILE D 202 -10.67 -13.52 -2.95
C ILE D 202 -10.45 -12.02 -2.86
N GLU D 203 -11.47 -11.31 -2.38
CA GLU D 203 -11.42 -9.85 -2.26
C GLU D 203 -10.65 -9.49 -0.99
N GLU D 204 -9.33 -9.48 -1.12
CA GLU D 204 -8.44 -9.08 -0.03
C GLU D 204 -7.33 -8.20 -0.59
N PHE D 205 -6.98 -7.15 0.16
CA PHE D 205 -5.99 -6.19 -0.29
C PHE D 205 -5.10 -5.80 0.87
N LEU D 206 -3.91 -5.30 0.54
CA LEU D 206 -3.02 -4.73 1.54
C LEU D 206 -3.64 -3.44 2.09
N GLN D 207 -3.51 -3.23 3.39
CA GLN D 207 -4.08 -2.08 4.05
C GLN D 207 -3.04 -1.40 4.91
N TRP D 208 -2.94 -0.08 4.80
CA TRP D 208 -2.07 0.70 5.69
C TRP D 208 -2.81 0.97 6.98
N VAL D 209 -2.28 0.45 8.09
CA VAL D 209 -2.94 0.53 9.39
C VAL D 209 -2.00 1.17 10.40
N SER D 210 -2.56 1.48 11.57
CA SER D 210 -1.80 2.05 12.68
C SER D 210 -2.54 1.63 13.95
N TYR D 211 -2.00 0.63 14.65
CA TYR D 211 -2.69 -0.02 15.73
C TYR D 211 -1.95 0.18 17.05
N ILE D 212 -2.71 0.09 18.15
CA ILE D 212 -2.16 0.08 19.49
C ILE D 212 -2.70 -1.16 20.20
N PHE D 213 -1.83 -1.90 20.87
CA PHE D 213 -2.16 -3.17 21.49
C PHE D 213 -2.21 -3.05 23.01
N PRO D 214 -2.92 -3.95 23.69
CA PRO D 214 -3.14 -3.76 25.13
C PRO D 214 -1.88 -3.66 25.96
N ASP D 215 -0.83 -4.39 25.59
CA ASP D 215 0.41 -4.34 26.36
C ASP D 215 1.19 -3.05 26.15
N GLY D 216 0.80 -2.22 25.19
CA GLY D 216 1.48 -0.97 24.90
C GLY D 216 2.24 -0.94 23.60
N SER D 217 2.40 -2.08 22.93
CA SER D 217 3.10 -2.12 21.66
C SER D 217 2.26 -1.48 20.56
N SER D 218 2.86 -1.33 19.38
CA SER D 218 2.19 -0.69 18.26
C SER D 218 2.81 -1.18 16.97
N TYR D 219 2.07 -1.00 15.87
CA TYR D 219 2.53 -1.38 14.55
C TYR D 219 2.00 -0.39 13.53
N GLU D 220 2.86 0.02 12.60
CA GLU D 220 2.49 0.94 11.53
C GLU D 220 3.04 0.37 10.22
N GLY D 221 2.14 0.00 9.31
CA GLY D 221 2.56 -0.55 8.04
C GLY D 221 1.40 -1.26 7.37
N THR D 222 1.75 -2.04 6.35
CA THR D 222 0.77 -2.78 5.57
C THR D 222 0.48 -4.12 6.22
N VAL D 223 -0.77 -4.58 6.07
CA VAL D 223 -1.21 -5.86 6.60
C VAL D 223 -1.98 -6.60 5.52
N TRP D 224 -2.07 -7.92 5.69
CA TRP D 224 -2.82 -8.78 4.80
C TRP D 224 -3.53 -9.83 5.63
N ASP D 225 -4.86 -9.86 5.53
CA ASP D 225 -5.69 -10.82 6.27
C ASP D 225 -5.38 -10.75 7.77
N ASP D 226 -5.30 -9.52 8.29
CA ASP D 226 -5.00 -9.26 9.69
C ASP D 226 -3.65 -9.83 10.11
N LEU D 227 -2.69 -9.84 9.18
CA LEU D 227 -1.32 -10.24 9.47
C LEU D 227 -0.37 -9.25 8.81
N ALA D 228 0.75 -8.97 9.47
CA ALA D 228 1.70 -8.00 8.95
C ALA D 228 2.37 -8.55 7.69
N GLN D 229 2.25 -7.81 6.59
CA GLN D 229 2.86 -8.18 5.33
C GLN D 229 3.45 -6.95 4.67
N GLY D 230 4.63 -7.11 4.08
CA GLY D 230 5.31 -5.99 3.47
C GLY D 230 6.15 -5.20 4.45
N LYS D 231 6.19 -3.88 4.28
CA LYS D 231 6.99 -3.02 5.14
C LYS D 231 6.17 -2.53 6.32
N GLY D 232 6.82 -2.41 7.47
CA GLY D 232 6.14 -1.95 8.67
C GLY D 232 7.12 -1.71 9.78
N VAL D 233 6.66 -0.99 10.80
CA VAL D 233 7.46 -0.63 11.95
C VAL D 233 6.78 -1.17 13.21
N TYR D 234 7.55 -1.87 14.03
CA TYR D 234 7.04 -2.45 15.27
C TYR D 234 7.80 -1.86 16.45
N ILE D 235 7.07 -1.36 17.44
CA ILE D 235 7.63 -0.73 18.62
C ILE D 235 7.08 -1.43 19.86
N ALA D 236 7.96 -1.69 20.82
CA ALA D 236 7.54 -2.36 22.05
C ALA D 236 8.37 -1.83 23.22
N GLU D 237 7.85 -2.07 24.43
CA GLU D 237 8.53 -1.68 25.67
C GLU D 237 8.81 -0.18 25.71
N ASN D 238 7.86 0.62 25.23
CA ASN D 238 7.96 2.08 25.25
C ASN D 238 9.22 2.55 24.52
N GLY D 239 9.50 1.95 23.38
CA GLY D 239 10.63 2.35 22.55
C GLY D 239 11.90 1.59 22.78
N LEU D 240 11.94 0.69 23.77
CA LEU D 240 13.16 -0.09 24.01
C LEU D 240 13.40 -1.13 22.91
N VAL D 241 12.36 -1.50 22.17
CA VAL D 241 12.48 -2.44 21.06
C VAL D 241 11.83 -1.80 19.84
N ARG D 242 12.56 -1.75 18.73
CA ARG D 242 12.06 -1.15 17.51
C ARG D 242 12.59 -1.90 16.31
N TYR D 243 11.70 -2.33 15.42
CA TYR D 243 12.05 -3.02 14.19
C TYR D 243 11.49 -2.27 13.01
N GLU D 244 12.29 -2.18 11.94
CA GLU D 244 11.89 -1.50 10.71
C GLU D 244 12.37 -2.35 9.55
N GLY D 245 11.44 -2.98 8.84
CA GLY D 245 11.83 -3.84 7.73
C GLY D 245 10.63 -4.55 7.15
N GLU D 246 10.91 -5.60 6.38
CA GLU D 246 9.88 -6.34 5.66
C GLU D 246 9.31 -7.44 6.53
N TRP D 247 8.03 -7.76 6.28
CA TRP D 247 7.31 -8.78 7.02
C TRP D 247 6.71 -9.80 6.06
N LEU D 248 6.38 -10.96 6.61
CA LEU D 248 5.74 -12.02 5.82
C LEU D 248 5.01 -12.94 6.78
N GLN D 249 3.68 -12.94 6.72
CA GLN D 249 2.84 -13.76 7.58
C GLN D 249 3.14 -13.50 9.06
N ASN D 250 3.14 -12.22 9.43
CA ASN D 250 3.33 -11.78 10.81
C ASN D 250 4.72 -12.16 11.33
N ASP D 251 5.69 -12.30 10.43
CA ASP D 251 7.06 -12.66 10.80
C ASP D 251 8.02 -11.70 10.13
N MET D 252 9.07 -11.31 10.86
CA MET D 252 10.12 -10.50 10.29
C MET D 252 10.90 -11.34 9.28
N GLU D 253 10.81 -10.97 8.01
CA GLU D 253 11.40 -11.77 6.93
C GLU D 253 11.88 -10.84 5.83
N GLY D 254 13.08 -11.10 5.34
CA GLY D 254 13.67 -10.27 4.31
C GLY D 254 14.85 -9.46 4.82
N HIS D 255 14.74 -8.14 4.76
CA HIS D 255 15.77 -7.24 5.25
C HIS D 255 15.15 -6.27 6.25
N GLY D 256 15.89 -6.01 7.33
CA GLY D 256 15.38 -5.10 8.34
C GLY D 256 16.43 -4.80 9.39
N VAL D 257 16.14 -3.79 10.20
CA VAL D 257 17.03 -3.32 11.26
C VAL D 257 16.27 -3.37 12.58
N ILE D 258 16.91 -3.90 13.62
CA ILE D 258 16.33 -3.98 14.94
C ILE D 258 17.24 -3.26 15.92
N ASP D 259 16.63 -2.56 16.87
CA ASP D 259 17.36 -1.82 17.89
C ASP D 259 16.84 -2.22 19.27
N VAL D 260 17.76 -2.55 20.17
CA VAL D 260 17.44 -2.93 21.54
C VAL D 260 18.34 -2.16 22.48
N ASP D 261 17.75 -1.55 23.51
CA ASP D 261 18.49 -0.75 24.48
C ASP D 261 18.30 -1.32 25.87
N ILE D 262 19.38 -1.44 26.62
CA ILE D 262 19.36 -1.82 28.03
C ILE D 262 19.67 -0.58 28.84
N PRO D 263 18.79 -0.16 29.75
CA PRO D 263 18.99 1.12 30.44
C PRO D 263 20.25 1.11 31.29
N ASP D 264 20.85 2.29 31.42
CA ASP D 264 22.08 2.49 32.17
C ASP D 264 21.77 3.28 33.45
N ILE D 265 22.74 3.30 34.36
CA ILE D 265 22.55 3.93 35.66
C ILE D 265 22.44 5.44 35.49
N GLU D 266 21.50 6.04 36.23
CA GLU D 266 21.36 7.48 36.31
C GLU D 266 21.20 7.86 37.78
N PRO D 267 22.02 8.77 38.29
CA PRO D 267 21.98 9.06 39.74
C PRO D 267 20.76 9.90 40.09
N ILE D 268 20.21 9.63 41.27
CA ILE D 268 19.14 10.46 41.81
C ILE D 268 19.73 11.79 42.27
N PRO D 269 19.10 12.92 41.95
CA PRO D 269 19.68 14.22 42.33
C PRO D 269 19.86 14.34 43.83
N GLY D 270 20.98 14.93 44.24
CA GLY D 270 21.28 15.16 45.63
C GLY D 270 21.83 13.96 46.38
N SER D 271 22.02 12.83 45.72
CA SER D 271 22.49 11.61 46.38
C SER D 271 24.02 11.54 46.38
N LYS D 272 24.54 10.71 47.27
CA LYS D 272 25.98 10.51 47.35
C LYS D 272 26.53 9.82 46.11
N LEU D 273 25.71 8.98 45.46
CA LEU D 273 26.14 8.37 44.21
C LEU D 273 26.37 9.41 43.13
N GLU D 274 25.53 10.45 43.09
CA GLU D 274 25.74 11.54 42.17
C GLU D 274 27.07 12.25 42.44
N ALA D 275 27.38 12.48 43.71
CA ALA D 275 28.65 13.12 44.06
C ALA D 275 29.83 12.25 43.65
N LYS D 276 29.75 10.94 43.88
CA LYS D 276 30.84 10.05 43.48
C LYS D 276 31.02 10.04 41.97
N MET D 277 29.92 9.95 41.22
CA MET D 277 30.00 9.92 39.77
C MET D 277 30.55 11.24 39.22
N ARG D 278 30.18 12.36 39.83
CA ARG D 278 30.76 13.65 39.45
C ARG D 278 32.24 13.68 39.76
N ALA D 279 32.65 13.12 40.91
CA ALA D 279 34.05 13.11 41.29
C ALA D 279 34.88 12.30 40.30
N GLU D 280 34.36 11.16 39.84
CA GLU D 280 35.11 10.35 38.89
C GLU D 280 35.00 10.86 37.46
N GLY D 281 34.22 11.91 37.22
CA GLY D 281 34.20 12.58 35.94
C GLY D 281 33.19 12.09 34.93
N ARG D 282 32.21 11.28 35.35
CA ARG D 282 31.21 10.79 34.43
C ARG D 282 30.23 11.91 34.06
N ILE D 283 29.59 11.75 32.91
CA ILE D 283 28.69 12.77 32.37
C ILE D 283 27.33 12.66 33.05
N ILE D 284 26.78 13.80 33.45
CA ILE D 284 25.46 13.89 34.06
C ILE D 284 24.53 14.58 33.08
N LYS D 285 23.44 13.91 32.69
CA LYS D 285 22.56 14.44 31.66
C LYS D 285 21.86 15.71 32.10
N ARG D 286 21.45 15.78 33.37
CA ARG D 286 20.66 16.91 33.84
C ARG D 286 21.47 18.20 33.92
N ASP D 287 22.78 18.14 33.78
CA ASP D 287 23.62 19.33 33.79
C ASP D 287 23.53 20.13 32.49
N TYR D 288 22.92 19.58 31.44
CA TYR D 288 22.85 20.23 30.13
C TYR D 288 21.42 20.57 29.76
N MET D 289 20.67 21.08 30.72
CA MET D 289 19.30 21.55 30.48
C MET D 289 19.14 22.93 31.09
N THR D 290 18.12 23.65 30.61
CA THR D 290 17.82 24.96 31.16
C THR D 290 17.42 24.83 32.62
N PRO D 291 17.70 25.85 33.44
CA PRO D 291 17.44 25.70 34.88
C PRO D 291 15.99 25.37 35.23
N GLU D 292 15.04 25.93 34.50
CA GLU D 292 13.63 25.64 34.77
C GLU D 292 13.33 24.16 34.54
N ASP D 293 13.83 23.61 33.43
CA ASP D 293 13.61 22.19 33.16
C ASP D 293 14.33 21.32 34.18
N ARG D 294 15.52 21.71 34.60
CA ARG D 294 16.25 20.93 35.61
C ARG D 294 15.50 20.90 36.93
N LYS D 295 14.98 22.06 37.37
CA LYS D 295 14.22 22.10 38.62
C LYS D 295 12.93 21.29 38.49
N TRP D 296 12.27 21.38 37.33
CA TRP D 296 11.05 20.62 37.10
C TRP D 296 11.33 19.12 37.17
N LEU D 297 12.43 18.67 36.56
CA LEU D 297 12.79 17.26 36.60
C LEU D 297 13.14 16.82 38.02
N GLU D 298 13.82 17.68 38.79
CA GLU D 298 14.13 17.34 40.17
C GLU D 298 12.86 17.14 40.98
N MET D 299 11.89 18.04 40.82
CA MET D 299 10.62 17.88 41.52
C MET D 299 9.89 16.62 41.06
N ASP D 300 9.95 16.32 39.76
CA ASP D 300 9.31 15.11 39.24
C ASP D 300 9.92 13.86 39.86
N VAL D 301 11.25 13.81 39.97
CA VAL D 301 11.92 12.65 40.54
C VAL D 301 11.60 12.53 42.02
N GLU D 302 11.54 13.66 42.72
CA GLU D 302 11.15 13.63 44.14
C GLU D 302 9.74 13.07 44.30
N ASP D 303 8.81 13.52 43.46
CA ASP D 303 7.44 13.02 43.53
C ASP D 303 7.38 11.53 43.22
N SER D 304 8.12 11.07 42.21
CA SER D 304 8.14 9.66 41.87
C SER D 304 8.68 8.82 43.01
N VAL D 305 9.77 9.28 43.65
CA VAL D 305 10.35 8.55 44.77
C VAL D 305 9.37 8.49 45.92
N ALA D 306 8.70 9.60 46.22
CA ALA D 306 7.72 9.62 47.31
C ALA D 306 6.56 8.68 47.02
N LEU D 307 6.08 8.67 45.78
CA LEU D 307 4.97 7.79 45.41
C LEU D 307 5.37 6.32 45.49
N THR D 308 6.60 6.00 45.09
CA THR D 308 7.04 4.61 45.08
C THR D 308 7.01 3.98 46.46
N ASP D 309 7.34 4.76 47.50
CA ASP D 309 7.45 4.29 48.88
C ASP D 309 8.59 3.28 48.94
N GLY D 310 8.38 2.04 49.39
CA GLY D 310 9.46 1.09 49.52
C GLY D 310 9.46 0.00 48.46
N ASN D 311 8.71 0.21 47.38
CA ASN D 311 8.59 -0.79 46.32
C ASN D 311 9.66 -0.54 45.25
N PHE D 312 10.89 -0.89 45.60
CA PHE D 312 12.02 -0.76 44.69
C PHE D 312 12.27 -2.12 44.04
N GLN D 313 12.41 -2.11 42.71
CA GLN D 313 12.46 -3.32 41.92
C GLN D 313 13.88 -3.63 41.48
N VAL D 314 14.12 -4.91 41.20
CA VAL D 314 15.36 -5.41 40.61
C VAL D 314 15.05 -5.85 39.18
N PRO D 315 15.63 -5.21 38.17
CA PRO D 315 15.30 -5.59 36.78
C PRO D 315 15.84 -6.97 36.44
N PHE D 316 15.31 -7.51 35.33
CA PHE D 316 15.61 -8.88 34.96
C PHE D 316 17.08 -9.07 34.60
N TYR D 317 17.72 -8.06 34.01
CA TYR D 317 19.12 -8.19 33.61
C TYR D 317 20.08 -8.09 34.78
N GLU D 318 19.59 -8.13 36.02
CA GLU D 318 20.43 -8.21 37.20
C GLU D 318 20.30 -9.55 37.91
N ASN D 319 19.63 -10.51 37.30
CA ASN D 319 19.41 -11.81 37.94
C ASN D 319 20.69 -12.63 37.93
N GLU D 320 20.92 -13.37 39.03
CA GLU D 320 22.09 -14.25 39.11
C GLU D 320 22.02 -15.40 38.12
N GLU D 321 20.83 -15.70 37.59
CA GLU D 321 20.72 -16.77 36.60
C GLU D 321 21.53 -16.47 35.35
N TRP D 322 21.68 -15.19 35.01
CA TRP D 322 22.54 -14.83 33.88
C TRP D 322 23.99 -15.25 34.14
N VAL D 323 24.48 -15.00 35.36
CA VAL D 323 25.84 -15.41 35.70
C VAL D 323 25.95 -16.92 35.71
N THR D 324 24.93 -17.61 36.24
CA THR D 324 24.97 -19.06 36.29
C THR D 324 25.01 -19.68 34.90
N GLN D 325 24.21 -19.14 33.97
CA GLN D 325 24.05 -19.75 32.66
C GLN D 325 25.11 -19.31 31.65
N PHE D 326 25.60 -18.09 31.74
CA PHE D 326 26.54 -17.57 30.75
C PHE D 326 27.86 -17.08 31.33
N GLY D 327 28.01 -17.04 32.65
CA GLY D 327 29.23 -16.57 33.26
C GLY D 327 29.32 -15.07 33.44
N GLU D 328 28.36 -14.31 32.93
CA GLU D 328 28.38 -12.86 33.07
C GLU D 328 26.98 -12.32 32.79
N LYS D 329 26.69 -11.16 33.38
CA LYS D 329 25.43 -10.49 33.12
C LYS D 329 25.51 -9.73 31.79
N PRO D 330 24.39 -9.58 31.09
CA PRO D 330 24.41 -8.79 29.85
C PRO D 330 24.80 -7.35 30.14
N GLU D 331 25.58 -6.77 29.23
CA GLU D 331 26.09 -5.43 29.43
C GLU D 331 25.10 -4.39 28.91
N LYS D 332 25.07 -3.25 29.58
CA LYS D 332 24.12 -2.19 29.28
C LYS D 332 24.64 -1.32 28.14
N GLY D 333 23.75 -0.99 27.21
CA GLY D 333 24.14 -0.16 26.09
C GLY D 333 23.15 -0.31 24.94
N ARG D 334 23.68 -0.10 23.73
CA ARG D 334 22.88 -0.15 22.52
C ARG D 334 23.19 -1.43 21.75
N TYR D 335 22.14 -2.15 21.37
CA TYR D 335 22.27 -3.34 20.53
C TYR D 335 21.61 -3.07 19.19
N ARG D 336 22.19 -3.62 18.12
CA ARG D 336 21.70 -3.36 16.78
C ARG D 336 22.08 -4.49 15.85
N TYR D 337 21.16 -4.84 14.96
CA TYR D 337 21.42 -5.83 13.92
C TYR D 337 20.79 -5.34 12.62
N ALA D 338 21.57 -5.38 11.54
CA ALA D 338 21.09 -4.98 10.21
C ALA D 338 21.53 -6.04 9.21
N GLY D 339 20.59 -6.84 8.74
CA GLY D 339 20.90 -7.89 7.80
C GLY D 339 19.68 -8.62 7.26
N GLN D 340 19.77 -9.94 7.14
CA GLN D 340 18.69 -10.76 6.61
C GLN D 340 17.93 -11.42 7.75
N TRP D 341 16.62 -11.54 7.58
CA TRP D 341 15.74 -12.15 8.57
C TRP D 341 14.94 -13.27 7.93
N LYS D 342 14.49 -14.19 8.78
CA LYS D 342 13.65 -15.29 8.34
C LYS D 342 13.00 -15.92 9.58
N HIS D 343 11.69 -16.09 9.54
CA HIS D 343 10.93 -16.63 10.67
C HIS D 343 11.16 -15.83 11.94
N SER D 344 11.20 -14.49 11.78
CA SER D 344 11.43 -13.56 12.89
C SER D 344 12.77 -13.81 13.57
N ARG D 345 13.74 -14.35 12.82
CA ARG D 345 15.07 -14.62 13.33
C ARG D 345 16.10 -14.19 12.29
N MET D 346 17.29 -13.84 12.77
CA MET D 346 18.37 -13.49 11.87
C MET D 346 18.85 -14.74 11.13
N HIS D 347 18.94 -14.64 9.81
CA HIS D 347 19.25 -15.80 8.97
C HIS D 347 19.91 -15.31 7.70
N GLY D 348 21.24 -15.46 7.63
CA GLY D 348 22.00 -15.00 6.49
C GLY D 348 23.19 -14.16 6.91
N CYS D 349 23.63 -13.26 6.03
CA CYS D 349 24.73 -12.37 6.34
C CYS D 349 24.20 -11.07 6.93
N GLY D 350 24.86 -10.58 7.97
CA GLY D 350 24.42 -9.37 8.63
C GLY D 350 25.51 -8.82 9.52
N VAL D 351 25.23 -7.64 10.07
CA VAL D 351 26.17 -6.93 10.94
C VAL D 351 25.51 -6.76 12.30
N TYR D 352 26.23 -7.14 13.35
CA TYR D 352 25.74 -7.10 14.72
C TYR D 352 26.61 -6.16 15.53
N GLU D 353 25.98 -5.23 16.25
CA GLU D 353 26.70 -4.19 16.98
C GLU D 353 26.27 -4.18 18.45
N VAL D 354 27.24 -4.04 19.34
CA VAL D 354 27.00 -3.84 20.77
C VAL D 354 27.93 -2.73 21.23
N ASN D 355 27.37 -1.55 21.51
CA ASN D 355 28.14 -0.38 21.92
C ASN D 355 29.23 -0.05 20.90
N GLU D 356 28.84 -0.04 19.62
CA GLU D 356 29.72 0.33 18.51
C GLU D 356 30.88 -0.64 18.34
N ARG D 357 30.66 -1.91 18.66
CA ARG D 357 31.61 -2.97 18.36
C ARG D 357 31.00 -3.87 17.30
N ILE D 358 31.75 -4.09 16.21
CA ILE D 358 31.20 -4.68 14.99
C ILE D 358 31.43 -6.18 15.00
N LEU D 359 30.38 -6.94 14.74
CA LEU D 359 30.46 -8.37 14.48
C LEU D 359 29.74 -8.66 13.18
N TYR D 360 30.26 -9.61 12.41
CA TYR D 360 29.67 -9.95 11.13
C TYR D 360 29.93 -11.42 10.83
N GLY D 361 29.14 -11.97 9.92
CA GLY D 361 29.27 -13.36 9.53
C GLY D 361 27.93 -13.90 9.08
N ARG D 362 27.80 -15.21 9.19
CA ARG D 362 26.58 -15.92 8.80
C ARG D 362 25.78 -16.29 10.04
N PHE D 363 24.47 -16.04 9.98
CA PHE D 363 23.56 -16.35 11.06
C PHE D 363 22.61 -17.46 10.64
N TYR D 364 22.38 -18.42 11.54
CA TYR D 364 21.46 -19.52 11.30
C TYR D 364 20.40 -19.48 12.40
N PHE D 365 19.28 -18.82 12.11
CA PHE D 365 18.13 -18.74 13.01
C PHE D 365 18.54 -18.21 14.39
N GLY D 366 19.19 -17.05 14.39
CA GLY D 366 19.58 -16.38 15.61
C GLY D 366 20.90 -16.85 16.19
N GLU D 367 21.61 -17.75 15.53
CA GLU D 367 22.89 -18.25 16.02
C GLU D 367 23.99 -17.78 15.06
N LEU D 368 25.06 -17.23 15.63
CA LEU D 368 26.19 -16.75 14.85
C LEU D 368 27.20 -17.88 14.66
N LEU D 369 27.49 -18.22 13.42
CA LEU D 369 28.43 -19.28 13.12
C LEU D 369 29.86 -18.77 13.29
N GLU D 370 30.77 -19.70 13.61
CA GLU D 370 32.17 -19.33 13.82
C GLU D 370 32.89 -19.04 12.51
N GLU D 371 32.54 -19.75 11.45
CA GLU D 371 33.13 -19.52 10.14
C GLU D 371 32.24 -18.59 9.31
N GLU D 372 32.84 -18.01 8.27
CA GLU D 372 32.08 -17.09 7.42
C GLU D 372 31.09 -17.84 6.53
N HIS D 373 31.52 -18.97 5.97
CA HIS D 373 30.67 -19.82 5.14
C HIS D 373 30.06 -19.04 3.97
N GLY D 374 30.84 -18.14 3.38
CA GLY D 374 30.43 -17.36 2.24
C GLY D 374 29.99 -15.95 2.53
N CYS D 375 29.68 -15.63 3.80
CA CYS D 375 29.30 -14.27 4.19
C CYS D 375 30.57 -13.51 4.55
N THR D 376 31.24 -13.00 3.52
CA THR D 376 32.46 -12.24 3.72
C THR D 376 32.12 -10.80 4.13
N VAL D 377 33.16 -9.97 4.25
CA VAL D 377 32.96 -8.58 4.68
C VAL D 377 32.15 -7.82 3.63
N ASP D 378 32.47 -8.00 2.36
CA ASP D 378 31.79 -7.25 1.29
C ASP D 378 30.32 -7.65 1.20
N ILE D 379 30.02 -8.94 1.25
CA ILE D 379 28.63 -9.39 1.15
C ILE D 379 27.84 -8.95 2.37
N CYS D 380 28.46 -9.01 3.55
CA CYS D 380 27.79 -8.52 4.75
C CYS D 380 27.50 -7.04 4.67
N ALA D 381 28.44 -6.26 4.14
CA ALA D 381 28.20 -4.82 3.97
C ALA D 381 27.07 -4.57 2.99
N LEU D 382 27.03 -5.33 1.89
CA LEU D 382 25.96 -5.17 0.91
C LEU D 382 24.61 -5.46 1.53
N HIS D 383 24.52 -6.56 2.30
CA HIS D 383 23.24 -6.90 2.91
C HIS D 383 22.86 -5.91 4.01
N SER D 384 23.84 -5.37 4.74
CA SER D 384 23.55 -4.34 5.72
C SER D 384 23.00 -3.08 5.05
N GLY D 385 23.58 -2.69 3.92
CA GLY D 385 23.06 -1.55 3.20
C GLY D 385 21.65 -1.79 2.68
N LEU D 386 21.39 -3.00 2.17
CA LEU D 386 20.04 -3.34 1.74
C LEU D 386 19.06 -3.27 2.91
N ALA D 387 19.46 -3.76 4.08
CA ALA D 387 18.60 -3.70 5.25
C ALA D 387 18.32 -2.27 5.67
N GLU D 388 19.34 -1.41 5.62
CA GLU D 388 19.14 -0.01 5.96
C GLU D 388 18.18 0.66 4.99
N VAL D 389 18.31 0.38 3.70
CA VAL D 389 17.40 0.96 2.71
C VAL D 389 15.98 0.45 2.93
N ALA D 390 15.84 -0.83 3.27
CA ALA D 390 14.52 -1.37 3.55
C ALA D 390 13.89 -0.73 4.79
N ALA D 391 14.70 -0.48 5.82
CA ALA D 391 14.20 0.20 7.00
C ALA D 391 13.76 1.62 6.67
N ALA D 392 14.53 2.31 5.83
CA ALA D 392 14.14 3.65 5.40
C ALA D 392 12.83 3.62 4.63
N LYS D 393 12.65 2.62 3.77
CA LYS D 393 11.39 2.46 3.06
C LYS D 393 10.23 2.21 4.02
N ALA D 394 10.46 1.38 5.04
CA ALA D 394 9.39 1.04 5.98
C ALA D 394 9.04 2.22 6.87
N ARG D 395 9.99 3.12 7.12
CA ARG D 395 9.71 4.28 7.95
C ARG D 395 8.71 5.25 7.33
N MET D 396 8.41 5.11 6.04
CA MET D 396 7.45 6.01 5.39
C MET D 396 6.01 5.76 5.82
N PHE D 397 5.74 4.68 6.55
CA PHE D 397 4.40 4.35 6.99
C PHE D 397 4.12 4.78 8.43
N VAL D 398 5.03 5.54 9.03
CA VAL D 398 4.91 5.98 10.41
C VAL D 398 4.03 7.22 10.48
N ASN D 399 3.25 7.33 11.56
CA ASN D 399 2.42 8.49 11.84
C ASN D 399 1.34 8.67 10.77
N LYS D 400 0.52 7.65 10.60
CA LYS D 400 -0.62 7.75 9.71
C LYS D 400 -1.63 8.74 10.29
N PRO D 401 -2.10 9.71 9.52
CA PRO D 401 -2.97 10.76 10.09
C PRO D 401 -4.29 10.26 10.65
N ASP D 402 -4.76 9.08 10.23
CA ASP D 402 -6.03 8.54 10.73
C ASP D 402 -5.84 7.31 11.60
N GLY D 403 -4.62 7.03 12.06
CA GLY D 403 -4.37 5.87 12.88
C GLY D 403 -4.67 6.11 14.34
N MET D 404 -4.61 5.03 15.12
CA MET D 404 -4.79 5.14 16.57
C MET D 404 -3.65 5.93 17.20
N ILE D 405 -2.42 5.74 16.69
CA ILE D 405 -1.25 6.36 17.30
C ILE D 405 -1.31 7.88 17.19
N ARG D 406 -1.69 8.39 16.01
CA ARG D 406 -1.77 9.84 15.83
C ARG D 406 -2.84 10.44 16.74
N GLU D 407 -4.00 9.81 16.82
CA GLU D 407 -5.07 10.34 17.66
C GLU D 407 -4.67 10.31 19.14
N GLU D 408 -4.02 9.23 19.58
CA GLU D 408 -3.68 9.11 20.99
C GLU D 408 -2.58 10.10 21.38
N ARG D 409 -1.50 10.17 20.60
CA ARG D 409 -0.37 11.00 20.96
C ARG D 409 0.22 11.83 19.82
N GLY D 410 -0.17 11.58 18.58
CA GLY D 410 0.50 12.20 17.45
C GLY D 410 0.25 13.69 17.35
N PRO D 411 0.99 14.35 16.46
CA PRO D 411 0.83 15.79 16.28
C PRO D 411 -0.53 16.14 15.70
N TYR D 412 -1.02 17.32 16.06
CA TYR D 412 -2.32 17.79 15.63
C TYR D 412 -2.26 19.00 14.71
N GLY D 413 -1.08 19.60 14.53
CA GLY D 413 -0.94 20.79 13.72
C GLY D 413 -0.43 20.58 12.31
N ASP D 414 -0.20 19.34 11.90
CA ASP D 414 0.29 19.09 10.55
C ASP D 414 -0.79 19.44 9.53
N PRO D 415 -0.40 19.99 8.36
CA PRO D 415 -1.40 20.47 7.40
C PRO D 415 -2.37 19.42 6.92
N GLN D 416 -1.86 18.35 6.30
CA GLN D 416 -2.63 17.15 5.97
C GLN D 416 -3.64 17.39 4.84
N HIS D 417 -3.83 18.64 4.44
CA HIS D 417 -4.92 18.68 3.45
C HIS D 417 -4.38 18.49 2.05
N PRO D 418 -5.11 17.77 1.19
CA PRO D 418 -4.57 17.44 -0.14
C PRO D 418 -4.29 18.66 -1.02
N TYR D 419 -5.23 19.60 -1.14
CA TYR D 419 -5.01 20.69 -2.09
C TYR D 419 -5.42 22.07 -1.56
N PHE D 420 -5.45 22.27 -0.26
CA PHE D 420 -5.76 23.58 0.32
C PHE D 420 -4.51 24.09 1.02
N TYR D 421 -3.70 24.83 0.26
CA TYR D 421 -2.45 25.41 0.76
C TYR D 421 -2.62 26.91 0.90
N GLU D 422 -2.22 27.45 2.05
CA GLU D 422 -2.22 28.89 2.22
C GLU D 422 -1.18 29.53 1.30
N GLU D 423 -1.34 30.83 1.07
CA GLU D 423 -0.45 31.54 0.16
C GLU D 423 1.01 31.44 0.58
N ASP D 424 1.26 31.38 1.89
CA ASP D 424 2.61 31.24 2.40
C ASP D 424 3.05 29.80 2.57
N ASP D 425 2.19 28.84 2.19
CA ASP D 425 2.51 27.42 2.33
C ASP D 425 2.57 26.69 1.00
N VAL D 426 2.46 27.41 -0.12
CA VAL D 426 2.50 26.76 -1.43
C VAL D 426 3.86 26.13 -1.69
N TRP D 427 4.92 26.69 -1.12
CA TRP D 427 6.25 26.14 -1.34
C TRP D 427 6.38 24.72 -0.79
N MET D 428 5.59 24.39 0.23
CA MET D 428 5.65 23.05 0.81
C MET D 428 5.11 21.98 -0.11
N ALA D 429 4.40 22.34 -1.17
CA ALA D 429 3.77 21.36 -2.02
C ALA D 429 4.77 20.73 -2.98
N PRO D 430 4.56 19.47 -3.37
CA PRO D 430 5.34 18.90 -4.46
C PRO D 430 4.87 19.41 -5.81
N GLY D 431 5.38 18.85 -6.90
CA GLY D 431 4.95 19.28 -8.22
C GLY D 431 5.63 20.56 -8.64
N PHE D 432 5.31 20.99 -9.87
CA PHE D 432 5.96 22.15 -10.45
C PHE D 432 5.44 23.47 -9.91
N ILE D 433 4.40 23.45 -9.07
CA ILE D 433 3.83 24.70 -8.57
C ILE D 433 4.81 25.41 -7.63
N ASN D 434 5.66 24.65 -6.93
CA ASN D 434 6.60 25.26 -5.99
C ASN D 434 7.73 26.00 -6.68
N GLN D 435 7.88 25.85 -7.99
CA GLN D 435 8.93 26.57 -8.71
C GLN D 435 8.66 28.07 -8.79
N PHE D 436 7.43 28.50 -8.50
CA PHE D 436 7.07 29.92 -8.56
C PHE D 436 6.90 30.53 -7.18
N TYR D 437 7.21 29.80 -6.11
CA TYR D 437 7.09 30.28 -4.75
C TYR D 437 8.40 30.02 -4.02
N GLU D 438 8.92 31.05 -3.35
CA GLU D 438 10.20 30.97 -2.70
C GLU D 438 10.08 30.36 -1.31
N VAL D 439 11.11 29.64 -0.90
CA VAL D 439 11.19 29.04 0.42
C VAL D 439 11.55 30.14 1.43
N PRO D 440 10.91 30.18 2.60
CA PRO D 440 11.29 31.17 3.60
C PRO D 440 12.73 30.97 4.06
N GLU D 441 13.35 32.07 4.49
CA GLU D 441 14.76 32.06 4.85
C GLU D 441 15.07 31.08 5.97
N TYR D 442 14.10 30.75 6.81
CA TYR D 442 14.32 29.85 7.93
C TYR D 442 14.47 28.39 7.51
N TRP D 443 14.17 28.05 6.26
CA TRP D 443 14.09 26.66 5.84
C TRP D 443 15.00 26.32 4.66
N GLU D 444 15.87 27.23 4.25
CA GLU D 444 16.59 27.05 2.99
C GLU D 444 17.48 25.80 3.01
N THR D 445 18.33 25.69 4.03
CA THR D 445 19.29 24.59 4.07
C THR D 445 18.58 23.24 4.18
N TYR D 446 17.61 23.15 5.10
CA TYR D 446 16.88 21.90 5.29
C TYR D 446 16.13 21.50 4.03
N VAL D 447 15.52 22.48 3.36
CA VAL D 447 14.82 22.19 2.11
C VAL D 447 15.80 21.71 1.06
N GLY D 448 17.01 22.29 1.01
CA GLY D 448 18.00 21.83 0.06
C GLY D 448 18.39 20.38 0.27
N GLU D 449 18.68 20.01 1.52
CA GLU D 449 19.05 18.62 1.79
C GLU D 449 17.89 17.66 1.50
N VAL D 450 16.68 18.05 1.90
CA VAL D 450 15.52 17.21 1.64
C VAL D 450 15.29 17.04 0.14
N ASP D 451 15.48 18.11 -0.63
CA ASP D 451 15.34 18.03 -2.07
C ASP D 451 16.38 17.10 -2.68
N GLN D 452 17.61 17.16 -2.19
CA GLN D 452 18.64 16.25 -2.67
C GLN D 452 18.25 14.79 -2.41
N GLU D 453 17.78 14.51 -1.19
CA GLU D 453 17.39 13.13 -0.86
C GLU D 453 16.21 12.67 -1.71
N ARG D 454 15.22 13.55 -1.92
CA ARG D 454 14.07 13.19 -2.73
C ARG D 454 14.47 12.97 -4.19
N GLU D 455 15.43 13.75 -4.69
CA GLU D 455 15.93 13.54 -6.05
C GLU D 455 16.61 12.18 -6.16
N MET D 456 17.39 11.80 -5.14
CA MET D 456 17.98 10.46 -5.15
C MET D 456 16.90 9.37 -5.14
N TRP D 457 15.86 9.56 -4.33
CA TRP D 457 14.77 8.58 -4.28
C TRP D 457 14.09 8.45 -5.64
N LEU D 458 13.87 9.57 -6.32
CA LEU D 458 13.25 9.53 -7.64
C LEU D 458 14.16 8.89 -8.68
N ASN D 459 15.46 9.21 -8.63
CA ASN D 459 16.41 8.60 -9.54
C ASN D 459 16.54 7.10 -9.32
N SER D 460 16.20 6.62 -8.12
CA SER D 460 16.13 5.19 -7.89
C SER D 460 15.17 4.51 -8.87
N PHE D 461 14.09 5.22 -9.26
CA PHE D 461 13.15 4.70 -10.24
C PHE D 461 13.50 5.12 -11.66
N TYR D 462 13.97 6.35 -11.85
CA TYR D 462 14.13 6.88 -13.20
C TYR D 462 15.43 6.48 -13.88
N LYS D 463 16.53 6.41 -13.13
CA LYS D 463 17.84 6.21 -13.74
C LYS D 463 18.51 4.90 -13.36
N ALA D 464 18.24 4.35 -12.18
CA ALA D 464 18.88 3.10 -11.78
C ALA D 464 18.65 1.94 -12.75
N PRO D 465 17.44 1.69 -13.28
CA PRO D 465 17.27 0.56 -14.20
C PRO D 465 18.11 0.67 -15.47
N LEU D 466 18.53 1.88 -15.86
CA LEU D 466 19.38 2.02 -17.04
C LEU D 466 20.85 1.70 -16.75
N ARG D 467 21.22 1.48 -15.50
CA ARG D 467 22.57 1.13 -15.11
C ARG D 467 22.71 -0.32 -14.67
N LEU D 468 21.74 -0.85 -13.94
CA LEU D 468 21.78 -2.18 -13.36
C LEU D 468 20.99 -3.16 -14.22
N PRO D 469 21.34 -4.44 -14.15
CA PRO D 469 20.53 -5.46 -14.84
C PRO D 469 19.14 -5.56 -14.26
N MET D 470 18.20 -5.94 -15.11
CA MET D 470 16.79 -6.09 -14.78
C MET D 470 16.39 -7.56 -14.79
N PRO D 471 15.15 -7.88 -14.39
CA PRO D 471 14.74 -9.30 -14.36
C PRO D 471 14.96 -10.08 -15.64
N ALA D 472 14.82 -9.45 -16.81
CA ALA D 472 15.12 -10.16 -18.05
C ALA D 472 16.61 -10.51 -18.14
N GLU D 473 17.48 -9.53 -17.93
CA GLU D 473 18.91 -9.78 -17.91
C GLU D 473 19.31 -10.70 -16.77
N LEU D 474 18.67 -10.56 -15.61
CA LEU D 474 18.96 -11.46 -14.50
C LEU D 474 18.61 -12.89 -14.84
N GLU D 475 17.47 -13.11 -15.50
CA GLU D 475 17.10 -14.46 -15.92
C GLU D 475 18.07 -15.00 -16.95
N HIS D 476 18.48 -14.17 -17.91
CA HIS D 476 19.47 -14.59 -18.89
C HIS D 476 20.77 -15.02 -18.20
N TRP D 477 21.24 -14.21 -17.26
CA TRP D 477 22.46 -14.56 -16.52
C TRP D 477 22.28 -15.84 -15.72
N TRP D 478 21.12 -15.99 -15.06
CA TRP D 478 20.86 -17.17 -14.25
C TRP D 478 20.85 -18.44 -15.09
N GLU D 479 20.34 -18.36 -16.31
CA GLU D 479 20.31 -19.53 -17.17
C GLU D 479 21.60 -19.74 -17.95
N ASN D 480 22.47 -18.74 -18.04
CA ASN D 480 23.67 -18.84 -18.84
C ASN D 480 24.96 -18.80 -18.03
N VAL D 481 24.89 -18.64 -16.71
CA VAL D 481 26.11 -18.53 -15.92
C VAL D 481 26.79 -19.90 -15.81
N GLU D 482 28.09 -19.88 -15.56
CA GLU D 482 28.89 -21.08 -15.34
C GLU D 482 29.40 -21.05 -13.90
N VAL D 483 28.88 -21.95 -13.07
CA VAL D 483 29.24 -21.96 -11.66
C VAL D 483 30.69 -22.38 -11.48
N THR D 484 31.11 -23.42 -12.21
CA THR D 484 32.47 -23.93 -12.12
C THR D 484 33.13 -23.87 -13.48
N PRO D 485 34.34 -23.31 -13.59
CA PRO D 485 35.00 -23.24 -14.89
C PRO D 485 35.32 -24.63 -15.43
N GLU D 486 35.34 -24.74 -16.76
CA GLU D 486 35.59 -26.03 -17.39
C GLU D 486 37.03 -26.47 -17.22
N PHE D 487 37.97 -25.53 -17.22
CA PHE D 487 39.40 -25.84 -17.10
C PHE D 487 39.98 -25.08 -15.92
N VAL D 488 40.81 -25.77 -15.13
CA VAL D 488 41.40 -25.20 -13.93
C VAL D 488 42.86 -25.63 -13.86
N LEU D 489 43.73 -24.69 -13.50
CA LEU D 489 45.15 -24.96 -13.35
C LEU D 489 45.46 -25.48 -11.95
N LEU D 490 46.49 -26.33 -11.86
CA LEU D 490 46.93 -26.90 -10.60
C LEU D 490 48.45 -26.78 -10.49
N ASN D 491 48.93 -26.71 -9.26
CA ASN D 491 50.36 -26.58 -9.02
C ASN D 491 50.70 -27.27 -7.70
N LYS D 492 51.90 -27.00 -7.18
CA LYS D 492 52.42 -27.69 -6.01
C LYS D 492 52.92 -26.69 -4.98
N GLU D 493 52.71 -27.00 -3.70
CA GLU D 493 53.27 -26.30 -2.55
C GLU D 493 52.78 -24.86 -2.44
N PRO D 494 53.02 -24.20 -1.29
CA PRO D 494 52.85 -22.74 -1.24
C PRO D 494 54.07 -22.04 -1.81
N GLU D 495 54.89 -22.80 -2.54
CA GLU D 495 56.07 -22.34 -3.25
C GLU D 495 57.12 -21.77 -2.30
N PRO D 496 57.73 -22.61 -1.46
CA PRO D 496 58.79 -22.12 -0.57
C PRO D 496 60.11 -21.93 -1.32
N ASP D 497 60.98 -21.12 -0.71
CA ASP D 497 62.30 -20.85 -1.27
C ASP D 497 63.23 -20.49 -0.11
N PRO D 498 63.94 -21.48 0.44
CA PRO D 498 64.73 -21.26 1.67
C PRO D 498 66.06 -20.55 1.42
N ASN D 499 65.99 -19.37 0.83
CA ASN D 499 67.15 -18.48 0.72
C ASN D 499 66.85 -17.08 1.21
N ASP D 500 65.63 -16.59 1.00
CA ASP D 500 65.11 -15.34 1.53
C ASP D 500 63.78 -15.66 2.19
N PRO D 501 63.28 -14.78 3.10
CA PRO D 501 62.18 -15.17 3.99
C PRO D 501 61.05 -15.94 3.33
N SER D 502 60.34 -15.36 2.36
CA SER D 502 59.39 -16.14 1.56
C SER D 502 59.73 -16.13 0.08
N LYS D 503 59.69 -14.95 -0.56
CA LYS D 503 59.95 -14.74 -1.99
C LYS D 503 59.48 -15.91 -2.85
N LEU D 504 58.20 -16.27 -2.75
CA LEU D 504 57.69 -17.44 -3.45
C LEU D 504 57.88 -17.30 -4.97
N VAL D 505 58.71 -18.17 -5.53
CA VAL D 505 58.99 -18.19 -6.96
C VAL D 505 58.68 -19.57 -7.50
N GLN D 506 57.77 -19.64 -8.48
CA GLN D 506 57.33 -20.92 -9.01
C GLN D 506 58.36 -21.49 -9.97
N LYS D 507 58.63 -22.78 -9.82
CA LYS D 507 59.53 -23.51 -10.71
C LYS D 507 58.87 -24.70 -11.38
N GLU D 508 57.99 -25.40 -10.68
CA GLU D 508 57.31 -26.55 -11.27
C GLU D 508 56.22 -26.07 -12.23
N ASP D 509 56.20 -26.67 -13.42
CA ASP D 509 55.21 -26.30 -14.41
C ASP D 509 53.82 -26.72 -13.94
N PRO D 510 52.78 -25.94 -14.26
CA PRO D 510 51.42 -26.28 -13.82
C PRO D 510 50.81 -27.36 -14.70
N VAL D 511 49.61 -27.78 -14.32
CA VAL D 511 48.87 -28.80 -15.03
C VAL D 511 47.42 -28.34 -15.18
N ILE D 512 46.74 -28.89 -16.18
CA ILE D 512 45.39 -28.47 -16.55
C ILE D 512 44.43 -29.60 -16.24
N LEU D 513 43.38 -29.28 -15.49
CA LEU D 513 42.37 -30.24 -15.09
C LEU D 513 41.04 -29.90 -15.77
N HIS D 514 40.46 -30.88 -16.45
CA HIS D 514 39.13 -30.71 -17.05
C HIS D 514 38.10 -31.04 -15.98
N THR D 515 37.60 -30.00 -15.31
CA THR D 515 36.73 -30.20 -14.16
C THR D 515 35.47 -31.01 -14.44
N PRO D 516 34.73 -30.84 -15.58
CA PRO D 516 33.51 -31.63 -15.76
C PRO D 516 33.76 -33.13 -15.73
N THR D 517 34.60 -33.62 -16.64
CA THR D 517 34.86 -35.04 -16.73
C THR D 517 35.90 -35.54 -15.73
N GLY D 518 36.59 -34.63 -15.05
CA GLY D 518 37.61 -35.03 -14.10
C GLY D 518 38.93 -35.44 -14.71
N ARG D 519 39.07 -35.34 -16.03
CA ARG D 519 40.31 -35.72 -16.68
C ARG D 519 41.39 -34.68 -16.43
N ILE D 520 42.64 -35.07 -16.65
CA ILE D 520 43.80 -34.22 -16.42
C ILE D 520 44.53 -34.05 -17.74
N ILE D 521 44.99 -32.83 -18.00
CA ILE D 521 45.62 -32.46 -19.26
C ILE D 521 47.06 -32.06 -18.98
N ASN D 522 47.98 -32.66 -19.73
CA ASN D 522 49.42 -32.37 -19.61
C ASN D 522 49.97 -32.02 -20.98
N TYR D 523 51.10 -31.30 -20.99
CA TYR D 523 51.66 -30.77 -22.22
C TYR D 523 53.16 -31.03 -22.28
N VAL D 524 53.67 -31.04 -23.51
CA VAL D 524 55.10 -31.11 -23.78
C VAL D 524 55.49 -29.84 -24.53
N GLU D 525 56.77 -29.71 -24.86
CA GLU D 525 57.30 -28.55 -25.56
C GLU D 525 57.75 -28.96 -26.95
N ASP D 526 57.24 -28.27 -27.97
CA ASP D 526 57.65 -28.51 -29.35
C ASP D 526 58.06 -27.19 -29.98
N GLU D 527 58.40 -27.24 -31.28
CA GLU D 527 58.98 -26.07 -31.94
C GLU D 527 57.92 -25.09 -32.42
N LYS D 528 57.01 -25.55 -33.29
CA LYS D 528 56.13 -24.62 -33.99
C LYS D 528 55.07 -24.03 -33.05
N HIS D 529 54.20 -24.88 -32.51
CA HIS D 529 53.04 -24.41 -31.78
C HIS D 529 53.30 -24.33 -30.27
N GLY D 530 54.38 -23.67 -29.89
CA GLY D 530 54.65 -23.44 -28.48
C GLY D 530 54.75 -24.72 -27.68
N ILE D 531 53.72 -24.99 -26.88
CA ILE D 531 53.59 -26.22 -26.11
C ILE D 531 52.44 -27.03 -26.69
N ARG D 532 52.70 -28.30 -26.99
CA ARG D 532 51.66 -29.23 -27.44
C ARG D 532 51.16 -30.02 -26.24
N LEU D 533 49.84 -30.05 -26.06
CA LEU D 533 49.24 -30.69 -24.90
C LEU D 533 48.46 -31.93 -25.32
N PHE D 534 48.33 -32.85 -24.37
CA PHE D 534 47.80 -34.19 -24.65
C PHE D 534 46.93 -34.63 -23.48
N TRP D 535 46.14 -35.68 -23.72
CA TRP D 535 45.36 -36.31 -22.68
C TRP D 535 46.26 -37.23 -21.85
N GLN D 536 46.08 -37.19 -20.53
CA GLN D 536 46.82 -38.08 -19.64
C GLN D 536 45.89 -39.19 -19.20
N PRO D 537 46.10 -40.44 -19.63
CA PRO D 537 45.19 -41.53 -19.27
C PRO D 537 45.05 -41.73 -17.76
N PRO D 538 46.16 -41.61 -16.98
CA PRO D 538 45.98 -41.61 -15.52
C PRO D 538 45.36 -40.31 -15.03
N LEU D 539 44.83 -40.29 -13.81
CA LEU D 539 44.18 -39.11 -13.27
C LEU D 539 44.10 -39.18 -11.74
N GLU D 540 43.40 -38.23 -11.12
CA GLU D 540 43.37 -38.10 -9.68
C GLU D 540 42.61 -39.25 -9.05
N GLU D 541 42.70 -39.35 -7.73
CA GLU D 541 42.15 -40.41 -6.88
C GLU D 541 42.84 -41.75 -7.12
N GLY D 542 43.84 -41.80 -8.00
CA GLY D 542 44.65 -42.99 -8.18
C GLY D 542 44.48 -43.71 -9.51
N GLU D 543 45.40 -43.42 -10.44
CA GLU D 543 45.54 -44.13 -11.71
C GLU D 543 47.01 -44.09 -12.11
N GLU D 544 47.53 -45.23 -12.55
CA GLU D 544 48.97 -45.35 -12.78
C GLU D 544 49.30 -46.48 -13.76
N VAL D 545 50.58 -46.88 -13.77
CA VAL D 545 51.16 -48.03 -14.49
C VAL D 545 51.66 -47.62 -15.87
N ASP D 546 52.90 -47.11 -15.92
CA ASP D 546 53.78 -46.96 -17.07
C ASP D 546 53.23 -46.09 -18.21
N PRO D 547 54.01 -45.11 -18.67
CA PRO D 547 53.63 -44.38 -19.89
C PRO D 547 54.24 -45.00 -21.14
N SER D 548 53.42 -45.32 -22.14
CA SER D 548 53.98 -45.85 -23.38
C SER D 548 53.46 -45.13 -24.62
N LYS D 549 52.17 -44.81 -24.65
CA LYS D 549 51.52 -44.22 -25.82
C LYS D 549 50.60 -43.08 -25.39
N VAL D 550 50.48 -42.09 -26.27
CA VAL D 550 49.81 -40.83 -25.93
C VAL D 550 48.63 -40.63 -26.88
N GLU D 551 47.83 -39.59 -26.63
CA GLU D 551 46.63 -39.33 -27.43
C GLU D 551 46.80 -38.11 -28.33
N PHE D 552 47.34 -37.02 -27.79
CA PHE D 552 47.66 -35.82 -28.56
C PHE D 552 46.43 -35.26 -29.27
N LEU D 553 45.51 -34.74 -28.45
CA LEU D 553 44.32 -34.11 -29.00
C LEU D 553 44.72 -32.99 -29.97
N PRO D 554 43.98 -32.80 -31.06
CA PRO D 554 44.45 -31.92 -32.13
C PRO D 554 44.37 -30.45 -31.72
N LEU D 555 44.85 -29.61 -32.63
CA LEU D 555 44.75 -28.16 -32.49
C LEU D 555 43.85 -27.62 -33.59
N GLY D 556 42.91 -26.76 -33.20
CA GLY D 556 41.97 -26.20 -34.16
C GLY D 556 42.37 -24.83 -34.63
N PHE D 557 43.67 -24.59 -34.75
CA PHE D 557 44.16 -23.27 -35.11
C PHE D 557 43.67 -22.85 -36.50
N ASP D 558 43.65 -23.79 -37.45
CA ASP D 558 43.11 -23.49 -38.76
C ASP D 558 41.64 -23.10 -38.67
N GLU D 559 40.86 -23.81 -37.85
CA GLU D 559 39.46 -23.46 -37.65
C GLU D 559 39.31 -22.25 -36.73
N PHE D 560 40.22 -22.07 -35.78
CA PHE D 560 40.15 -20.92 -34.89
C PHE D 560 40.35 -19.62 -35.66
N TYR D 561 41.32 -19.59 -36.57
CA TYR D 561 41.60 -18.41 -37.36
C TYR D 561 40.79 -18.33 -38.65
N GLY D 562 40.04 -19.37 -38.98
CA GLY D 562 39.24 -19.39 -40.19
C GLY D 562 40.06 -19.44 -41.46
N PRO E 64 43.63 22.29 21.61
CA PRO E 64 44.25 21.05 21.11
C PRO E 64 43.38 19.82 21.35
N GLY E 65 43.98 18.65 21.29
CA GLY E 65 43.26 17.41 21.48
C GLY E 65 42.96 16.72 20.17
N PRO E 66 43.40 15.46 20.04
CA PRO E 66 43.15 14.74 18.78
C PRO E 66 41.69 14.60 18.44
N TYR E 67 40.83 14.43 19.44
CA TYR E 67 39.39 14.26 19.20
C TYR E 67 38.65 15.59 19.21
N LYS E 68 39.13 16.57 19.96
CA LYS E 68 38.51 17.90 19.94
C LYS E 68 38.60 18.53 18.56
N GLN E 69 39.74 18.35 17.89
CA GLN E 69 39.89 18.88 16.54
C GLN E 69 38.91 18.22 15.59
N ILE E 70 38.71 16.90 15.73
CA ILE E 70 37.75 16.20 14.87
C ILE E 70 36.34 16.69 15.14
N ALA E 71 36.00 16.90 16.42
CA ALA E 71 34.67 17.41 16.75
C ALA E 71 34.44 18.80 16.17
N GLU E 72 35.44 19.67 16.28
CA GLU E 72 35.32 21.02 15.70
C GLU E 72 35.20 20.96 14.19
N GLN E 73 35.96 20.06 13.55
CA GLN E 73 35.85 19.88 12.11
C GLN E 73 34.45 19.41 11.72
N PHE E 74 33.88 18.50 12.50
CA PHE E 74 32.51 18.05 12.24
C PHE E 74 31.52 19.20 12.37
N LEU E 75 31.68 20.02 13.42
CA LEU E 75 30.79 21.16 13.59
C LEU E 75 30.89 22.13 12.41
N TRP E 76 32.12 22.42 11.98
CA TRP E 76 32.31 23.32 10.85
C TRP E 76 31.73 22.73 9.57
N GLU E 77 31.91 21.43 9.36
CA GLU E 77 31.37 20.78 8.17
C GLU E 77 29.84 20.84 8.16
N CYS E 78 29.22 20.52 9.29
CA CYS E 78 27.76 20.58 9.36
C CYS E 78 27.26 22.01 9.21
N GLU E 79 28.07 23.00 9.60
CA GLU E 79 27.69 24.39 9.42
C GLU E 79 27.83 24.85 7.97
N ASN E 80 28.80 24.31 7.22
CA ASN E 80 29.07 24.78 5.87
C ASN E 80 28.73 23.76 4.78
N ILE E 81 28.84 22.47 5.06
CA ILE E 81 28.43 21.41 4.13
C ILE E 81 29.09 21.58 2.76
N PRO E 82 30.37 21.29 2.62
CA PRO E 82 31.05 21.46 1.34
C PRO E 82 30.76 20.32 0.39
N ASP E 83 31.22 20.49 -0.85
CA ASP E 83 31.01 19.53 -1.93
C ASP E 83 32.34 18.91 -2.34
N TYR E 84 32.34 17.59 -2.52
CA TYR E 84 33.54 16.86 -2.88
C TYR E 84 33.54 16.33 -4.31
N ARG E 85 32.42 16.40 -5.02
CA ARG E 85 32.28 15.75 -6.31
C ARG E 85 32.67 16.65 -7.48
N HIS E 86 33.23 17.83 -7.23
CA HIS E 86 33.60 18.72 -8.32
C HIS E 86 34.97 19.34 -8.09
N THR E 87 35.87 18.62 -7.43
CA THR E 87 37.23 19.12 -7.23
C THR E 87 38.05 18.92 -8.49
N PRO E 88 39.10 19.74 -8.69
CA PRO E 88 39.94 19.56 -9.88
C PRO E 88 40.57 18.17 -9.98
N GLU E 89 40.93 17.57 -8.85
CA GLU E 89 41.53 16.24 -8.89
C GLU E 89 40.57 15.20 -9.45
N VAL E 90 39.30 15.26 -9.04
CA VAL E 90 38.31 14.32 -9.54
C VAL E 90 38.11 14.51 -11.03
N ASP E 91 38.04 15.77 -11.49
CA ASP E 91 37.89 16.03 -12.92
C ASP E 91 39.08 15.51 -13.71
N LYS E 92 40.29 15.70 -13.18
CA LYS E 92 41.48 15.16 -13.86
C LYS E 92 41.43 13.64 -13.93
N LEU E 93 41.01 13.00 -12.83
CA LEU E 93 40.89 11.54 -12.83
C LEU E 93 39.77 11.05 -13.74
N LEU E 94 38.78 11.90 -14.04
CA LEU E 94 37.69 11.48 -14.91
C LEU E 94 38.13 11.39 -16.36
N ASN E 95 38.60 12.50 -16.91
CA ASN E 95 39.12 12.51 -18.28
C ASN E 95 40.62 12.23 -18.28
N GLU E 96 41.01 11.16 -17.60
CA GLU E 96 42.41 10.77 -17.51
C GLU E 96 42.77 9.89 -18.71
N ASP E 97 44.01 9.42 -18.76
CA ASP E 97 44.48 8.51 -19.80
C ASP E 97 44.54 7.10 -19.25
N PRO E 98 43.49 6.30 -19.41
CA PRO E 98 43.56 4.90 -18.92
C PRO E 98 44.65 4.10 -19.59
N VAL E 99 44.90 4.36 -20.87
CA VAL E 99 46.01 3.78 -21.61
C VAL E 99 46.71 4.92 -22.33
N PHE E 100 48.02 4.78 -22.52
CA PHE E 100 48.88 5.78 -23.15
C PHE E 100 49.05 7.00 -22.24
N GLU E 101 50.18 7.70 -22.39
CA GLU E 101 50.50 8.88 -21.61
C GLU E 101 51.02 9.99 -22.52
N LYS E 102 50.24 10.31 -23.55
CA LYS E 102 50.63 11.25 -24.60
C LYS E 102 51.40 12.44 -24.04
N LYS E 103 52.57 12.68 -24.63
CA LYS E 103 53.52 13.65 -24.11
C LYS E 103 54.42 14.12 -25.25
N GLU E 104 55.27 15.10 -24.94
CA GLU E 104 56.26 15.53 -25.92
C GLU E 104 57.26 14.42 -26.18
N ASN E 105 57.78 14.39 -27.41
CA ASN E 105 58.66 13.30 -27.80
C ASN E 105 60.02 13.45 -27.12
N PRO E 106 60.53 12.41 -26.45
CA PRO E 106 61.88 12.46 -25.86
C PRO E 106 62.95 12.01 -26.86
N SER E 107 63.19 12.87 -27.85
CA SER E 107 64.20 12.63 -28.90
C SER E 107 63.86 11.40 -29.73
N THR E 108 64.76 11.03 -30.64
CA THR E 108 64.49 9.93 -31.56
C THR E 108 64.59 8.57 -30.90
N GLU E 109 65.44 8.43 -29.88
CA GLU E 109 65.63 7.13 -29.26
C GLU E 109 64.34 6.61 -28.62
N GLU E 110 63.58 7.49 -27.97
CA GLU E 110 62.36 7.05 -27.31
C GLU E 110 61.30 6.61 -28.32
N ILE E 111 61.12 7.39 -29.39
CA ILE E 111 60.11 7.03 -30.37
C ILE E 111 60.49 5.75 -31.12
N GLU E 112 61.79 5.57 -31.42
CA GLU E 112 62.19 4.33 -32.07
C GLU E 112 62.08 3.15 -31.12
N ALA E 113 62.34 3.35 -29.83
CA ALA E 113 62.14 2.28 -28.86
C ALA E 113 60.67 1.89 -28.77
N GLU E 114 59.77 2.88 -28.78
CA GLU E 114 58.35 2.56 -28.77
C GLU E 114 57.94 1.84 -30.05
N GLN E 115 58.51 2.24 -31.18
CA GLN E 115 58.19 1.58 -32.44
C GLN E 115 58.61 0.11 -32.42
N LYS E 116 59.84 -0.17 -31.95
CA LYS E 116 60.28 -1.56 -31.90
C LYS E 116 59.51 -2.34 -30.84
N TRP E 117 59.13 -1.69 -29.73
CA TRP E 117 58.28 -2.36 -28.75
C TRP E 117 56.94 -2.75 -29.34
N TRP E 118 56.33 -1.84 -30.13
CA TRP E 118 55.07 -2.16 -30.77
C TRP E 118 55.23 -3.30 -31.77
N GLU E 119 56.32 -3.28 -32.55
CA GLU E 119 56.55 -4.35 -33.52
C GLU E 119 56.71 -5.70 -32.81
N SER E 120 57.46 -5.73 -31.71
CA SER E 120 57.61 -6.98 -30.96
C SER E 120 56.31 -7.40 -30.28
N PHE E 121 55.48 -6.43 -29.89
CA PHE E 121 54.21 -6.74 -29.25
C PHE E 121 53.23 -7.34 -30.24
N ARG E 122 53.21 -6.85 -31.48
CA ARG E 122 52.27 -7.34 -32.47
C ARG E 122 52.74 -8.61 -33.18
N ALA E 123 53.89 -9.16 -32.80
CA ALA E 123 54.40 -10.37 -33.42
C ALA E 123 54.23 -11.61 -32.56
N SER E 124 53.93 -11.46 -31.27
CA SER E 124 53.77 -12.61 -30.39
C SER E 124 52.48 -13.35 -30.74
N PRO E 125 52.53 -14.68 -30.89
CA PRO E 125 51.29 -15.42 -31.19
C PRO E 125 50.24 -15.31 -30.11
N VAL E 126 50.65 -15.06 -28.86
CA VAL E 126 49.68 -14.92 -27.78
C VAL E 126 48.78 -13.71 -28.01
N VAL E 127 49.36 -12.60 -28.48
CA VAL E 127 48.57 -11.41 -28.76
C VAL E 127 47.58 -11.67 -29.88
N GLN E 128 48.01 -12.37 -30.94
CA GLN E 128 47.11 -12.70 -32.04
C GLN E 128 45.97 -13.58 -31.55
N PHE E 129 46.28 -14.57 -30.71
CA PHE E 129 45.24 -15.44 -30.16
C PHE E 129 44.25 -14.65 -29.32
N MET E 130 44.75 -13.71 -28.50
CA MET E 130 43.85 -12.90 -27.69
C MET E 130 42.95 -12.03 -28.55
N THR E 131 43.50 -11.43 -29.62
CA THR E 131 42.67 -10.62 -30.50
C THR E 131 41.58 -11.45 -31.16
N ARG E 132 41.95 -12.65 -31.65
CA ARG E 132 40.95 -13.50 -32.29
C ARG E 132 39.88 -13.94 -31.30
N ALA E 133 40.29 -14.25 -30.06
CA ALA E 133 39.32 -14.63 -29.04
C ALA E 133 38.37 -13.49 -28.73
N GLU E 134 38.89 -12.26 -28.63
CA GLU E 134 38.02 -11.11 -28.40
C GLU E 134 37.04 -10.93 -29.54
N GLU E 135 37.49 -11.08 -30.78
CA GLU E 135 36.60 -10.96 -31.93
C GLU E 135 35.52 -12.03 -31.90
N ILE E 136 35.89 -13.27 -31.55
CA ILE E 136 34.91 -14.35 -31.49
C ILE E 136 33.88 -14.09 -30.40
N ALA E 137 34.33 -13.59 -29.24
CA ALA E 137 33.41 -13.27 -28.17
C ALA E 137 32.44 -12.17 -28.59
N ASP E 138 32.95 -11.15 -29.30
CA ASP E 138 32.08 -10.09 -29.78
C ASP E 138 31.03 -10.63 -30.75
N ASP E 139 31.45 -11.52 -31.66
CA ASP E 139 30.49 -12.10 -32.60
C ASP E 139 29.43 -12.92 -31.89
N MET E 140 29.84 -13.71 -30.88
CA MET E 140 28.89 -14.50 -30.12
C MET E 140 27.89 -13.61 -29.39
N ASN E 141 28.38 -12.53 -28.78
CA ASN E 141 27.48 -11.61 -28.09
C ASN E 141 26.51 -10.96 -29.06
N LYS E 142 26.98 -10.58 -30.25
CA LYS E 142 26.10 -9.96 -31.23
C LYS E 142 25.01 -10.93 -31.68
N MET E 143 25.37 -12.19 -31.93
CA MET E 143 24.35 -13.16 -32.34
C MET E 143 23.37 -13.45 -31.21
N GLU E 144 23.86 -13.49 -29.97
CA GLU E 144 22.97 -13.71 -28.84
C GLU E 144 21.99 -12.55 -28.68
N LEU E 145 22.46 -11.32 -28.89
CA LEU E 145 21.56 -10.18 -28.88
C LEU E 145 20.54 -10.25 -30.02
N GLU E 146 20.99 -10.68 -31.21
CA GLU E 146 20.07 -10.80 -32.34
C GLU E 146 19.00 -11.85 -32.10
N ASP E 147 19.29 -12.89 -31.32
CA ASP E 147 18.34 -13.97 -31.11
C ASP E 147 17.27 -13.65 -30.07
N ASN E 148 17.26 -12.44 -29.51
CA ASN E 148 16.29 -12.08 -28.48
C ASN E 148 15.75 -10.67 -28.72
N ASP E 149 15.37 -10.36 -29.96
CA ASP E 149 14.93 -9.01 -30.30
C ASP E 149 13.42 -8.81 -30.22
N THR E 150 12.65 -9.87 -29.99
CA THR E 150 11.19 -9.76 -29.96
C THR E 150 10.67 -10.36 -28.66
N PRO E 151 9.81 -9.65 -27.92
CA PRO E 151 9.21 -10.21 -26.72
C PRO E 151 8.11 -11.20 -27.08
N TYR E 152 7.44 -11.73 -26.05
CA TYR E 152 6.42 -12.74 -26.26
C TYR E 152 5.20 -12.18 -26.97
N ARG E 153 4.72 -11.02 -26.54
CA ARG E 153 3.52 -10.41 -27.09
C ARG E 153 3.89 -9.41 -28.18
N LYS E 154 3.15 -9.44 -29.29
CA LYS E 154 3.49 -8.63 -30.45
C LYS E 154 3.35 -7.14 -30.15
N GLU E 155 2.37 -6.76 -29.34
CA GLU E 155 2.10 -5.35 -29.08
C GLU E 155 3.20 -4.68 -28.26
N ASP E 156 4.11 -5.44 -27.68
CA ASP E 156 5.18 -4.90 -26.84
C ASP E 156 6.49 -4.73 -27.59
N LYS E 157 6.49 -4.91 -28.92
CA LYS E 157 7.73 -4.90 -29.67
C LYS E 157 8.41 -3.54 -29.63
N ASP E 158 7.65 -2.46 -29.80
CA ASP E 158 8.25 -1.13 -29.78
C ASP E 158 8.86 -0.80 -28.42
N TYR E 159 8.15 -1.13 -27.35
CA TYR E 159 8.66 -0.92 -26.01
C TYR E 159 9.91 -1.76 -25.77
N TRP E 160 9.92 -3.00 -26.27
CA TRP E 160 11.09 -3.85 -26.12
C TRP E 160 12.30 -3.27 -26.85
N ARG E 161 12.10 -2.82 -28.09
CA ARG E 161 13.22 -2.34 -28.90
C ARG E 161 13.68 -0.94 -28.53
N ALA E 162 12.84 -0.15 -27.86
CA ALA E 162 13.22 1.23 -27.57
C ALA E 162 14.23 1.34 -26.44
N ILE E 163 14.20 0.43 -25.48
CA ILE E 163 15.05 0.55 -24.29
C ILE E 163 16.47 0.12 -24.65
N PRO E 164 17.48 0.95 -24.37
CA PRO E 164 18.87 0.55 -24.63
C PRO E 164 19.33 -0.51 -23.64
N HIS E 165 20.35 -1.25 -24.07
CA HIS E 165 20.87 -2.37 -23.28
C HIS E 165 21.88 -1.90 -22.25
N VAL E 166 21.98 -2.65 -21.16
CA VAL E 166 22.86 -2.34 -20.04
C VAL E 166 24.26 -2.89 -20.31
N PRO E 167 25.31 -2.08 -20.20
CA PRO E 167 26.67 -2.60 -20.39
C PRO E 167 27.02 -3.66 -19.35
N GLY E 168 27.77 -4.66 -19.79
CA GLY E 168 28.17 -5.76 -18.93
C GLY E 168 29.54 -5.55 -18.32
N PHE E 169 30.01 -6.62 -17.65
CA PHE E 169 31.33 -6.58 -17.03
C PHE E 169 32.43 -6.44 -18.07
N ASP E 170 32.29 -7.11 -19.21
CA ASP E 170 33.27 -7.06 -20.28
C ASP E 170 33.09 -5.85 -21.18
N GLY E 171 32.14 -4.97 -20.89
CA GLY E 171 31.88 -3.82 -21.72
C GLY E 171 30.94 -4.08 -22.88
N ARG E 172 30.34 -5.25 -22.95
CA ARG E 172 29.40 -5.62 -23.99
C ARG E 172 27.96 -5.54 -23.48
N PRO E 173 27.01 -5.23 -24.36
CA PRO E 173 25.61 -5.15 -23.92
C PRO E 173 25.13 -6.48 -23.36
N MET E 174 24.31 -6.39 -22.31
CA MET E 174 23.77 -7.58 -21.67
C MET E 174 22.47 -7.98 -22.37
N PRO E 175 22.38 -9.19 -22.92
CA PRO E 175 21.14 -9.59 -23.59
C PRO E 175 20.00 -9.79 -22.59
N ARG E 176 18.78 -9.58 -23.07
CA ARG E 176 17.57 -9.83 -22.31
C ARG E 176 16.89 -11.09 -22.86
N LYS E 177 16.55 -12.01 -21.97
CA LYS E 177 15.91 -13.25 -22.39
C LYS E 177 14.48 -12.98 -22.84
N ALA E 178 14.12 -13.53 -23.99
CA ALA E 178 12.80 -13.35 -24.58
C ALA E 178 12.05 -14.67 -24.58
N ILE E 179 10.80 -14.65 -24.12
CA ILE E 179 9.98 -15.85 -24.13
C ILE E 179 9.54 -16.15 -25.56
N LYS E 180 9.75 -17.39 -25.99
CA LYS E 180 9.61 -17.75 -27.40
C LYS E 180 8.33 -18.52 -27.72
N SER E 181 7.79 -19.29 -26.77
CA SER E 181 6.66 -20.16 -27.06
C SER E 181 5.58 -19.99 -26.00
N LYS E 182 4.39 -20.47 -26.34
CA LYS E 182 3.26 -20.40 -25.40
C LYS E 182 3.51 -21.27 -24.18
N GLU E 183 4.11 -22.45 -24.37
CA GLU E 183 4.36 -23.33 -23.24
C GLU E 183 5.32 -22.71 -22.23
N GLU E 184 6.37 -22.05 -22.71
CA GLU E 184 7.31 -21.41 -21.81
C GLU E 184 6.65 -20.29 -21.01
N SER E 185 5.86 -19.46 -21.69
CA SER E 185 5.16 -18.38 -21.00
C SER E 185 4.18 -18.93 -19.96
N ASP E 186 3.45 -19.99 -20.31
CA ASP E 186 2.54 -20.60 -19.36
C ASP E 186 3.29 -21.16 -18.16
N ASP E 187 4.44 -21.79 -18.39
CA ASP E 187 5.24 -22.33 -17.29
C ASP E 187 5.68 -21.23 -16.35
N LYS E 188 6.21 -20.13 -16.90
CA LYS E 188 6.65 -19.03 -16.06
C LYS E 188 5.49 -18.43 -15.28
N PHE E 189 4.36 -18.20 -15.96
CA PHE E 189 3.19 -17.61 -15.32
C PHE E 189 2.69 -18.48 -14.18
N TRP E 190 2.56 -19.79 -14.42
CA TRP E 190 2.04 -20.68 -13.39
C TRP E 190 3.01 -20.79 -12.21
N ASP E 191 4.31 -20.88 -12.49
CA ASP E 191 5.28 -20.94 -11.41
C ASP E 191 5.19 -19.70 -10.53
N PHE E 192 5.23 -18.51 -11.14
CA PHE E 192 5.18 -17.29 -10.36
C PHE E 192 3.87 -17.18 -9.59
N MET E 193 2.74 -17.46 -10.25
CA MET E 193 1.45 -17.32 -9.59
C MET E 193 1.33 -18.27 -8.41
N LYS E 194 1.73 -19.53 -8.59
CA LYS E 194 1.65 -20.50 -7.51
C LYS E 194 2.51 -20.06 -6.33
N GLN E 195 3.77 -19.70 -6.60
CA GLN E 195 4.66 -19.32 -5.50
C GLN E 195 4.13 -18.08 -4.77
N PHE E 196 3.73 -17.06 -5.52
CA PHE E 196 3.26 -15.82 -4.91
C PHE E 196 2.00 -16.04 -4.08
N LEU E 197 1.00 -16.71 -4.66
CA LEU E 197 -0.26 -16.90 -3.96
C LEU E 197 -0.09 -17.80 -2.75
N PHE E 198 0.73 -18.86 -2.85
CA PHE E 198 0.96 -19.71 -1.70
C PHE E 198 1.70 -18.97 -0.60
N GLY E 199 2.63 -18.09 -0.97
CA GLY E 199 3.28 -17.27 0.04
C GLY E 199 2.32 -16.30 0.70
N LEU E 200 1.36 -15.77 -0.05
CA LEU E 200 0.40 -14.83 0.51
C LEU E 200 -0.49 -15.48 1.56
N TRP E 201 -0.95 -16.69 1.30
CA TRP E 201 -1.95 -17.35 2.15
C TRP E 201 -1.36 -18.39 3.09
N GLY E 202 -0.05 -18.40 3.27
CA GLY E 202 0.57 -19.28 4.24
C GLY E 202 0.49 -20.76 3.92
N PHE E 203 0.75 -21.14 2.68
CA PHE E 203 0.84 -22.53 2.28
C PHE E 203 2.30 -22.89 1.99
N ARG E 204 2.52 -24.12 1.54
CA ARG E 204 3.87 -24.59 1.27
C ARG E 204 4.33 -24.13 -0.09
N GLN E 205 5.52 -23.52 -0.14
CA GLN E 205 6.11 -23.04 -1.38
C GLN E 205 7.46 -23.72 -1.59
N ARG E 206 7.89 -23.73 -2.85
CA ARG E 206 9.13 -24.41 -3.21
C ARG E 206 10.33 -23.70 -2.60
N PRO E 207 11.37 -24.45 -2.23
CA PRO E 207 12.55 -23.83 -1.58
C PRO E 207 13.51 -23.20 -2.58
N TYR E 208 13.07 -22.09 -3.17
CA TYR E 208 13.91 -21.32 -4.07
C TYR E 208 14.83 -20.39 -3.28
N PRO E 209 15.97 -20.02 -3.84
CA PRO E 209 16.83 -19.03 -3.19
C PRO E 209 16.22 -17.65 -3.26
N PRO E 210 16.63 -16.73 -2.39
CA PRO E 210 16.06 -15.38 -2.45
C PRO E 210 16.34 -14.66 -3.75
N GLY E 211 17.38 -15.05 -4.47
CA GLY E 211 17.78 -14.37 -5.69
C GLY E 211 17.30 -14.99 -6.99
N ARG E 212 16.53 -16.06 -6.95
CA ARG E 212 16.09 -16.72 -8.18
C ARG E 212 15.07 -15.84 -8.90
N PRO E 213 15.31 -15.44 -10.14
CA PRO E 213 14.38 -14.55 -10.84
C PRO E 213 13.37 -15.30 -11.70
N ILE E 214 12.17 -14.73 -11.76
CA ILE E 214 11.11 -15.18 -12.66
C ILE E 214 10.57 -13.95 -13.36
N ASP E 215 10.58 -13.96 -14.69
CA ASP E 215 10.13 -12.81 -15.49
C ASP E 215 8.68 -13.05 -15.91
N VAL E 216 7.76 -12.70 -15.00
CA VAL E 216 6.34 -12.89 -15.28
C VAL E 216 5.73 -11.68 -15.99
N ALA E 217 6.36 -10.51 -15.90
CA ALA E 217 5.81 -9.32 -16.53
C ALA E 217 5.77 -9.47 -18.06
N GLN E 218 6.82 -10.03 -18.64
CA GLN E 218 6.83 -10.25 -20.09
C GLN E 218 5.86 -11.35 -20.49
N ALA E 219 5.72 -12.37 -19.66
CA ALA E 219 4.77 -13.44 -19.96
C ALA E 219 3.34 -12.92 -19.96
N ILE E 220 2.99 -12.08 -18.99
CA ILE E 220 1.65 -11.51 -18.95
C ILE E 220 1.45 -10.51 -20.07
N GLY E 221 2.43 -9.63 -20.27
CA GLY E 221 2.31 -8.55 -21.22
C GLY E 221 2.18 -7.21 -20.53
N TYR E 222 2.93 -6.21 -21.00
CA TYR E 222 2.94 -4.92 -20.33
C TYR E 222 1.61 -4.18 -20.53
N LYS E 223 1.11 -4.15 -21.76
CA LYS E 223 -0.14 -3.45 -22.02
C LYS E 223 -1.33 -4.13 -21.35
N ARG E 224 -1.31 -5.47 -21.26
CA ARG E 224 -2.36 -6.18 -20.54
C ARG E 224 -2.37 -5.79 -19.07
N LEU E 225 -1.19 -5.70 -18.46
CA LEU E 225 -1.10 -5.23 -17.08
C LEU E 225 -1.62 -3.80 -16.95
N GLU E 226 -1.25 -2.94 -17.91
CA GLU E 226 -1.72 -1.56 -17.89
C GLU E 226 -3.24 -1.49 -17.90
N LYS E 227 -3.87 -2.25 -18.80
CA LYS E 227 -5.33 -2.24 -18.90
C LYS E 227 -5.97 -2.80 -17.64
N ARG E 228 -5.49 -3.96 -17.17
CA ARG E 228 -6.09 -4.60 -16.01
C ARG E 228 -5.99 -3.71 -14.78
N TYR E 229 -4.83 -3.09 -14.56
CA TYR E 229 -4.70 -2.28 -13.35
C TYR E 229 -5.27 -0.87 -13.53
N TYR E 230 -5.49 -0.41 -14.76
CA TYR E 230 -6.34 0.76 -14.94
C TYR E 230 -7.76 0.47 -14.47
N ASP E 231 -8.29 -0.69 -14.86
CA ASP E 231 -9.61 -1.08 -14.39
C ASP E 231 -9.62 -1.22 -12.88
N PHE E 232 -8.55 -1.81 -12.31
CA PHE E 232 -8.46 -1.96 -10.87
C PHE E 232 -8.43 -0.60 -10.16
N ILE E 233 -7.65 0.34 -10.69
CA ILE E 233 -7.51 1.64 -10.05
C ILE E 233 -8.82 2.42 -10.13
N MET E 234 -9.56 2.27 -11.22
CA MET E 234 -10.80 3.04 -11.37
C MET E 234 -11.83 2.70 -10.31
N LYS E 235 -11.68 1.58 -9.59
CA LYS E 235 -12.65 1.17 -8.58
C LYS E 235 -12.10 1.28 -7.15
N THR E 236 -11.02 2.02 -6.94
CA THR E 236 -10.40 2.11 -5.63
C THR E 236 -10.23 3.56 -5.22
N GLY E 237 -10.15 3.77 -3.89
CA GLY E 237 -9.97 5.08 -3.32
C GLY E 237 -9.16 4.99 -2.04
N GLY E 238 -8.84 6.15 -1.48
CA GLY E 238 -8.06 6.21 -0.26
C GLY E 238 -6.57 6.33 -0.52
N TRP E 239 -6.18 7.32 -1.31
CA TRP E 239 -4.81 7.51 -1.72
C TRP E 239 -4.11 8.56 -0.85
N TRP E 240 -2.78 8.48 -0.84
CA TRP E 240 -1.95 9.42 -0.10
C TRP E 240 -0.72 9.77 -0.92
N TYR E 241 -0.20 10.97 -0.68
CA TYR E 241 1.02 11.41 -1.34
C TYR E 241 1.88 12.18 -0.33
N LYS E 242 3.15 12.34 -0.66
CA LYS E 242 4.10 13.03 0.19
C LYS E 242 4.39 14.42 -0.36
N ASP E 243 4.44 15.40 0.53
CA ASP E 243 4.79 16.76 0.15
C ASP E 243 6.31 16.92 0.17
N ARG E 244 6.79 18.16 0.08
CA ARG E 244 8.24 18.38 0.05
C ARG E 244 8.90 17.93 1.35
N LEU E 245 8.29 18.26 2.49
CA LEU E 245 8.89 17.93 3.77
C LEU E 245 8.73 16.46 4.14
N GLY E 246 7.94 15.70 3.39
CA GLY E 246 7.75 14.29 3.65
C GLY E 246 6.49 13.93 4.41
N ARG E 247 5.63 14.90 4.72
CA ARG E 247 4.40 14.61 5.41
C ARG E 247 3.40 13.96 4.46
N SER E 248 2.44 13.23 5.04
CA SER E 248 1.43 12.52 4.26
C SER E 248 0.19 13.39 4.11
N ARG E 249 -0.28 13.52 2.87
CA ARG E 249 -1.47 14.30 2.56
C ARG E 249 -2.54 13.38 2.01
N GLY E 250 -3.76 13.52 2.51
CA GLY E 250 -4.87 12.70 2.11
C GLY E 250 -5.91 12.57 3.19
N PRO E 251 -6.84 11.61 3.03
CA PRO E 251 -6.99 10.66 1.93
C PRO E 251 -7.60 11.31 0.70
N CYS E 252 -7.38 10.75 -0.48
CA CYS E 252 -7.86 11.36 -1.72
C CYS E 252 -8.58 10.32 -2.56
N GLU E 253 -9.57 10.79 -3.32
CA GLU E 253 -10.23 9.99 -4.34
C GLU E 253 -9.63 10.31 -5.69
N ILE E 254 -10.14 9.65 -6.74
CA ILE E 254 -9.66 9.91 -8.09
C ILE E 254 -9.98 11.35 -8.49
N ILE E 255 -11.14 11.86 -8.08
CA ILE E 255 -11.48 13.25 -8.36
C ILE E 255 -10.57 14.19 -7.59
N THR E 256 -10.22 13.84 -6.34
CA THR E 256 -9.29 14.65 -5.57
C THR E 256 -7.91 14.67 -6.23
N LEU E 257 -7.45 13.51 -6.71
CA LEU E 257 -6.16 13.47 -7.39
C LEU E 257 -6.20 14.27 -8.68
N LYS E 258 -7.30 14.21 -9.43
CA LYS E 258 -7.44 15.02 -10.63
C LYS E 258 -7.38 16.50 -10.30
N THR E 259 -8.08 16.91 -9.23
CA THR E 259 -8.08 18.32 -8.84
C THR E 259 -6.68 18.78 -8.44
N ALA E 260 -5.96 17.96 -7.68
CA ALA E 260 -4.60 18.31 -7.30
C ALA E 260 -3.68 18.37 -8.52
N TYR E 261 -3.84 17.42 -9.45
CA TYR E 261 -2.99 17.38 -10.63
C TYR E 261 -3.21 18.58 -11.53
N GLY E 262 -4.46 19.02 -11.67
CA GLY E 262 -4.77 20.14 -12.54
C GLY E 262 -4.27 21.47 -12.04
N ALA E 263 -4.02 21.59 -10.74
CA ALA E 263 -3.56 22.84 -10.14
C ALA E 263 -2.04 22.94 -10.05
N GLY E 264 -1.31 21.92 -10.50
CA GLY E 264 0.12 21.90 -10.37
C GLY E 264 0.63 21.45 -9.02
N ILE E 265 -0.26 21.16 -8.07
CA ILE E 265 0.15 20.68 -6.77
C ILE E 265 0.76 19.28 -6.89
N ILE E 266 0.24 18.45 -7.79
CA ILE E 266 0.70 17.09 -7.97
C ILE E 266 1.13 16.92 -9.42
N ASP E 267 2.31 16.31 -9.63
CA ASP E 267 2.82 16.02 -10.96
C ASP E 267 3.13 14.53 -11.07
N ARG E 268 3.75 14.15 -12.18
CA ARG E 268 4.04 12.74 -12.43
C ARG E 268 5.13 12.19 -11.53
N ASP E 269 5.92 13.06 -10.88
CA ASP E 269 7.04 12.63 -10.05
C ASP E 269 6.67 12.52 -8.58
N THR E 270 5.41 12.75 -8.22
CA THR E 270 5.01 12.72 -6.83
C THR E 270 4.87 11.28 -6.34
N PHE E 271 5.41 11.00 -5.16
CA PHE E 271 5.31 9.68 -4.56
C PHE E 271 3.91 9.46 -4.01
N ILE E 272 3.30 8.32 -4.35
CA ILE E 272 1.92 8.03 -4.01
C ILE E 272 1.85 6.63 -3.43
N TRP E 273 0.82 6.39 -2.61
CA TRP E 273 0.53 5.06 -2.08
C TRP E 273 -0.92 4.72 -2.33
N GLY E 274 -1.16 3.49 -2.81
CA GLY E 274 -2.49 3.04 -3.14
C GLY E 274 -2.92 1.82 -2.37
N GLU E 275 -3.97 1.14 -2.84
CA GLU E 275 -4.55 0.04 -2.08
C GLU E 275 -3.61 -1.15 -2.00
N ASP E 276 -3.26 -1.72 -3.15
CA ASP E 276 -2.58 -3.01 -3.20
C ASP E 276 -1.11 -2.90 -3.57
N MET E 277 -0.47 -1.78 -3.26
CA MET E 277 0.96 -1.63 -3.49
C MET E 277 1.72 -1.78 -2.18
N ASP E 278 2.97 -2.23 -2.29
CA ASP E 278 3.79 -2.54 -1.13
C ASP E 278 4.63 -1.35 -0.65
N GLU E 279 4.93 -0.40 -1.53
CA GLU E 279 5.78 0.73 -1.17
C GLU E 279 5.37 1.93 -1.98
N TRP E 280 5.79 3.11 -1.51
CA TRP E 280 5.48 4.35 -2.21
C TRP E 280 6.26 4.42 -3.51
N ALA E 281 5.60 4.91 -4.56
CA ALA E 281 6.18 4.95 -5.89
C ALA E 281 5.70 6.21 -6.59
N PRO E 282 6.45 6.70 -7.58
CA PRO E 282 5.96 7.83 -8.37
C PRO E 282 4.72 7.47 -9.17
N ILE E 283 3.94 8.50 -9.49
CA ILE E 283 2.70 8.30 -10.23
C ILE E 283 2.97 7.72 -11.61
N HIS E 284 4.04 8.18 -12.26
CA HIS E 284 4.35 7.72 -13.60
C HIS E 284 4.63 6.22 -13.63
N MET E 285 5.26 5.70 -12.58
CA MET E 285 5.70 4.31 -12.59
C MET E 285 4.55 3.33 -12.36
N VAL E 286 3.49 3.75 -11.66
CA VAL E 286 2.40 2.84 -11.33
C VAL E 286 1.61 2.48 -12.58
N TYR E 287 1.31 1.20 -12.74
CA TYR E 287 0.54 0.73 -13.89
C TYR E 287 -0.87 1.27 -13.85
N GLY E 288 -1.29 1.93 -14.93
CA GLY E 288 -2.67 2.34 -15.08
C GLY E 288 -3.08 3.59 -14.32
N LEU E 289 -2.15 4.25 -13.64
CA LEU E 289 -2.51 5.44 -12.86
C LEU E 289 -2.49 6.71 -13.70
N GLU E 290 -1.53 6.85 -14.60
CA GLU E 290 -1.50 8.03 -15.47
C GLU E 290 -2.72 8.13 -16.37
N PRO E 291 -3.18 7.08 -17.06
CA PRO E 291 -4.42 7.22 -17.85
C PRO E 291 -5.63 7.57 -17.00
N ALA E 292 -5.69 7.09 -15.75
CA ALA E 292 -6.86 7.35 -14.92
C ALA E 292 -6.94 8.81 -14.49
N ILE E 293 -5.79 9.44 -14.23
CA ILE E 293 -5.76 10.79 -13.71
C ILE E 293 -5.67 11.80 -14.85
N ALA E 294 -4.65 11.67 -15.69
CA ALA E 294 -4.34 12.68 -16.70
C ALA E 294 -5.25 12.50 -17.91
N THR E 295 -6.48 12.95 -17.77
CA THR E 295 -7.40 13.03 -18.88
C THR E 295 -7.16 14.33 -19.65
N TRP E 296 -7.94 14.55 -20.72
CA TRP E 296 -7.70 15.71 -21.56
C TRP E 296 -7.98 17.01 -20.80
N GLU E 297 -9.04 17.05 -19.99
CA GLU E 297 -9.33 18.25 -19.23
C GLU E 297 -8.30 18.50 -18.13
N VAL E 298 -7.78 17.43 -17.53
CA VAL E 298 -6.74 17.59 -16.51
C VAL E 298 -5.46 18.16 -17.14
N ARG E 299 -5.08 17.63 -18.30
CA ARG E 299 -3.92 18.17 -19.00
C ARG E 299 -4.14 19.62 -19.41
N LEU E 300 -5.36 19.94 -19.86
CA LEU E 300 -5.67 21.33 -20.22
C LEU E 300 -5.53 22.26 -19.02
N GLY E 301 -6.06 21.83 -17.87
CA GLY E 301 -5.96 22.66 -16.67
C GLY E 301 -4.52 22.84 -16.22
N ALA E 302 -3.73 21.77 -16.25
CA ALA E 302 -2.33 21.88 -15.86
C ALA E 302 -1.57 22.80 -16.80
N ALA E 303 -1.82 22.69 -18.11
CA ALA E 303 -1.16 23.56 -19.07
C ALA E 303 -1.56 25.02 -18.85
N ALA E 304 -2.84 25.26 -18.56
CA ALA E 304 -3.29 26.63 -18.31
C ALA E 304 -2.62 27.21 -17.08
N THR E 305 -2.55 26.42 -16.00
CA THR E 305 -1.88 26.89 -14.79
C THR E 305 -0.42 27.21 -15.04
N ALA E 306 0.28 26.31 -15.75
CA ALA E 306 1.69 26.54 -16.05
C ALA E 306 1.88 27.79 -16.89
N PHE E 307 1.02 27.98 -17.91
CA PHE E 307 1.12 29.16 -18.75
C PHE E 307 0.91 30.44 -17.94
N LEU E 308 -0.12 30.45 -17.09
CA LEU E 308 -0.41 31.65 -16.31
C LEU E 308 0.74 31.99 -15.38
N HIS E 309 1.28 30.99 -14.68
CA HIS E 309 2.35 31.28 -13.73
C HIS E 309 3.65 31.66 -14.45
N LYS E 310 3.92 31.05 -15.60
CA LYS E 310 5.09 31.44 -16.38
C LYS E 310 4.97 32.88 -16.84
N LEU E 311 3.78 33.28 -17.29
CA LEU E 311 3.58 34.67 -17.69
C LEU E 311 3.71 35.61 -16.49
N GLN E 312 3.23 35.18 -15.33
CA GLN E 312 3.35 36.00 -14.13
C GLN E 312 4.82 36.23 -13.76
N LYS E 313 5.63 35.19 -13.84
CA LYS E 313 7.04 35.31 -13.48
C LYS E 313 7.89 35.95 -14.57
N GLY E 314 7.32 36.22 -15.74
CA GLY E 314 8.07 36.81 -16.83
C GLY E 314 8.75 35.81 -17.74
N ILE E 315 8.69 34.52 -17.42
CA ILE E 315 9.29 33.49 -18.27
C ILE E 315 8.51 33.39 -19.58
N PRO E 316 9.17 33.35 -20.73
CA PRO E 316 8.43 33.15 -21.98
C PRO E 316 7.72 31.82 -21.98
N PRO E 317 6.54 31.75 -22.61
CA PRO E 317 5.75 30.51 -22.53
C PRO E 317 6.43 29.29 -23.12
N TRP E 318 7.25 29.46 -24.16
CA TRP E 318 7.84 28.30 -24.83
C TRP E 318 8.91 27.62 -23.99
N VAL E 319 9.49 28.31 -23.01
CA VAL E 319 10.52 27.73 -22.16
C VAL E 319 9.89 26.70 -21.24
N PRO E 320 10.37 25.45 -21.25
CA PRO E 320 9.76 24.42 -20.41
C PRO E 320 10.13 24.60 -18.95
N LEU E 321 9.35 23.95 -18.09
CA LEU E 321 9.61 23.97 -16.66
C LEU E 321 10.88 23.18 -16.35
N LYS E 322 11.44 23.45 -15.18
CA LYS E 322 12.62 22.70 -14.73
C LYS E 322 12.28 21.24 -14.55
N GLY E 323 13.15 20.36 -15.06
CA GLY E 323 12.89 18.94 -15.02
C GLY E 323 11.93 18.43 -16.07
N ARG E 324 11.63 19.24 -17.10
CA ARG E 324 10.70 18.84 -18.14
C ARG E 324 11.31 18.96 -19.54
N GLU E 325 12.63 19.11 -19.64
CA GLU E 325 13.26 19.21 -20.95
C GLU E 325 13.17 17.86 -21.67
N PRO E 326 13.02 17.86 -22.99
CA PRO E 326 12.92 16.59 -23.72
C PRO E 326 14.28 15.91 -23.83
N LYS E 327 14.32 14.63 -23.46
CA LYS E 327 15.53 13.84 -23.51
C LYS E 327 15.22 12.47 -24.07
N THR E 328 16.24 11.82 -24.62
CA THR E 328 16.13 10.46 -25.13
C THR E 328 16.67 9.47 -24.10
N TYR E 329 16.47 8.19 -24.38
CA TYR E 329 16.95 7.14 -23.49
C TYR E 329 18.47 7.13 -23.40
N LYS E 330 19.14 7.35 -24.53
CA LYS E 330 20.60 7.33 -24.56
C LYS E 330 21.18 8.42 -23.67
N GLN E 331 20.59 9.63 -23.71
CA GLN E 331 21.09 10.72 -22.89
C GLN E 331 20.92 10.42 -21.40
N LEU E 332 19.78 9.85 -21.01
CA LEU E 332 19.56 9.52 -19.62
C LEU E 332 20.55 8.44 -19.16
N GLN E 333 20.78 7.42 -19.99
CA GLN E 333 21.74 6.39 -19.63
C GLN E 333 23.14 6.97 -19.50
N LYS E 334 23.51 7.87 -20.42
CA LYS E 334 24.81 8.52 -20.34
C LYS E 334 24.95 9.33 -19.06
N GLU E 335 23.90 10.07 -18.68
CA GLU E 335 23.95 10.84 -17.45
C GLU E 335 24.12 9.95 -16.22
N ALA E 336 23.37 8.85 -16.17
CA ALA E 336 23.48 7.95 -15.03
C ALA E 336 24.88 7.33 -14.95
N ILE E 337 25.42 6.88 -16.08
CA ILE E 337 26.75 6.28 -16.08
C ILE E 337 27.79 7.31 -15.70
N GLU E 338 27.64 8.55 -16.17
CA GLU E 338 28.59 9.60 -15.83
C GLU E 338 28.55 9.92 -14.34
N SER E 339 27.36 9.94 -13.74
CA SER E 339 27.26 10.19 -12.31
C SER E 339 27.94 9.08 -11.51
N LYS E 340 27.71 7.82 -11.91
CA LYS E 340 28.36 6.71 -11.21
C LYS E 340 29.87 6.79 -11.36
N LYS E 341 30.34 7.12 -12.57
CA LYS E 341 31.78 7.24 -12.79
C LYS E 341 32.38 8.36 -11.95
N ARG E 342 31.67 9.49 -11.84
CA ARG E 342 32.16 10.59 -11.02
C ARG E 342 32.25 10.19 -9.55
N ASP E 343 31.25 9.46 -9.05
CA ASP E 343 31.31 8.99 -7.67
C ASP E 343 32.49 8.04 -7.46
N MET E 344 32.71 7.13 -8.40
CA MET E 344 33.84 6.22 -8.28
C MET E 344 35.16 6.96 -8.33
N ALA E 345 35.25 8.00 -9.17
CA ALA E 345 36.46 8.80 -9.23
C ALA E 345 36.69 9.56 -7.92
N VAL E 346 35.62 10.06 -7.30
CA VAL E 346 35.75 10.70 -5.99
C VAL E 346 36.27 9.69 -4.97
N LEU E 347 35.76 8.46 -5.02
CA LEU E 347 36.26 7.42 -4.12
C LEU E 347 37.74 7.14 -4.36
N GLU E 348 38.16 7.10 -5.63
CA GLU E 348 39.54 6.76 -5.95
C GLU E 348 40.50 7.87 -5.56
N ALA E 349 40.10 9.13 -5.75
CA ALA E 349 41.01 10.25 -5.50
C ALA E 349 41.42 10.32 -4.04
N ASN E 350 40.48 10.09 -3.13
CA ASN E 350 40.76 10.15 -1.70
C ASN E 350 41.38 8.86 -1.17
N GLY E 351 41.57 7.86 -2.02
CA GLY E 351 42.06 6.57 -1.57
C GLY E 351 41.03 5.49 -1.82
N GLY E 352 40.44 4.98 -0.74
CA GLY E 352 39.37 4.01 -0.87
C GLY E 352 38.19 4.35 0.03
N VAL E 353 38.19 5.56 0.57
CA VAL E 353 37.17 5.99 1.52
C VAL E 353 36.58 7.31 1.05
N TRP E 354 35.36 7.57 1.49
CA TRP E 354 34.69 8.83 1.17
C TRP E 354 35.24 9.94 2.07
N PRO E 355 35.61 11.09 1.52
CA PRO E 355 36.18 12.16 2.34
C PRO E 355 35.15 12.76 3.30
N GLY E 356 35.66 13.31 4.39
CA GLY E 356 34.85 13.99 5.37
C GLY E 356 34.73 13.19 6.66
N VAL E 357 34.38 13.91 7.73
CA VAL E 357 34.17 13.32 9.04
C VAL E 357 32.71 13.30 9.44
N ARG E 358 31.84 13.88 8.65
CA ARG E 358 30.40 13.95 8.93
C ARG E 358 29.66 13.14 7.88
N THR E 359 28.78 12.25 8.33
CA THR E 359 28.01 11.44 7.40
C THR E 359 27.10 12.32 6.56
N PRO E 360 26.93 12.01 5.28
CA PRO E 360 26.09 12.85 4.42
C PRO E 360 24.65 12.86 4.88
N SER E 361 23.96 13.97 4.59
CA SER E 361 22.59 14.14 5.05
C SER E 361 21.66 13.08 4.47
N HIS E 362 21.86 12.73 3.20
CA HIS E 362 21.00 11.73 2.57
C HIS E 362 21.15 10.35 3.20
N ALA E 363 22.24 10.10 3.94
CA ALA E 363 22.39 8.84 4.64
C ALA E 363 21.58 8.76 5.91
N LEU E 364 20.99 9.87 6.36
CA LEU E 364 20.13 9.90 7.53
C LEU E 364 18.65 9.73 7.19
N PHE E 365 18.28 9.84 5.91
CA PHE E 365 16.91 9.71 5.46
C PHE E 365 16.01 10.75 6.13
N LEU E 366 16.40 12.02 5.99
CA LEU E 366 15.61 13.10 6.54
C LEU E 366 14.25 13.20 5.85
N TRP E 367 14.22 13.07 4.52
CA TRP E 367 12.96 13.14 3.80
C TRP E 367 12.06 11.96 4.10
N ALA E 368 12.64 10.76 4.18
CA ALA E 368 11.85 9.57 4.45
C ALA E 368 11.28 9.56 5.86
N SER E 369 11.84 10.36 6.77
CA SER E 369 11.35 10.48 8.14
C SER E 369 10.70 11.83 8.39
N GLY E 370 10.11 12.42 7.34
CA GLY E 370 9.51 13.73 7.48
C GLY E 370 8.32 13.75 8.42
N SER E 371 7.56 12.66 8.47
CA SER E 371 6.35 12.60 9.29
C SER E 371 6.64 12.62 10.78
N GLU E 372 7.91 12.44 11.18
CA GLU E 372 8.29 12.49 12.59
C GLU E 372 9.08 13.75 12.93
N LEU E 373 9.15 14.71 12.01
CA LEU E 373 9.94 15.92 12.26
C LEU E 373 9.39 16.69 13.44
N THR E 374 8.06 16.87 13.49
CA THR E 374 7.45 17.57 14.61
C THR E 374 7.63 16.79 15.91
N THR E 375 7.53 15.45 15.84
CA THR E 375 7.68 14.65 17.05
C THR E 375 9.08 14.76 17.63
N VAL E 376 10.11 14.74 16.78
CA VAL E 376 11.48 14.84 17.29
C VAL E 376 11.88 16.28 17.58
N LEU E 377 11.20 17.28 17.01
CA LEU E 377 11.56 18.67 17.29
C LEU E 377 11.30 19.02 18.75
N GLU E 378 10.15 18.63 19.27
CA GLU E 378 9.81 18.84 20.67
C GLU E 378 9.56 17.50 21.34
N SER E 379 10.27 17.25 22.44
CA SER E 379 10.16 15.97 23.13
C SER E 379 10.59 16.17 24.57
N ASP E 380 9.65 16.02 25.50
CA ASP E 380 9.90 16.18 26.93
C ASP E 380 9.59 14.86 27.63
N HIS E 381 9.62 14.89 28.96
CA HIS E 381 9.31 13.72 29.78
C HIS E 381 7.92 13.81 30.39
N MET E 382 7.05 14.65 29.83
CA MET E 382 5.64 14.74 30.20
C MET E 382 4.76 14.54 28.96
N PRO E 383 3.53 14.06 29.15
CA PRO E 383 2.66 13.82 27.98
C PRO E 383 2.44 15.06 27.12
N ASN E 384 2.28 16.22 27.73
CA ASN E 384 2.08 17.48 27.01
C ASN E 384 0.94 17.37 26.00
N LYS E 385 -0.17 16.76 26.43
CA LYS E 385 -1.34 16.60 25.58
C LYS E 385 -2.50 17.47 26.03
N PHE E 386 -2.92 17.35 27.28
CA PHE E 386 -3.99 18.20 27.80
C PHE E 386 -3.46 19.47 28.46
N ILE E 387 -2.20 19.46 28.91
CA ILE E 387 -1.57 20.65 29.47
C ILE E 387 -0.24 20.86 28.77
N PRO E 388 -0.21 21.59 27.65
CA PRO E 388 1.07 21.84 26.97
C PRO E 388 2.02 22.65 27.85
N LYS E 389 3.26 22.78 27.37
CA LYS E 389 4.30 23.41 28.16
C LYS E 389 3.97 24.88 28.45
N GLN E 390 3.49 25.61 27.44
CA GLN E 390 3.14 27.01 27.64
C GLN E 390 2.04 27.16 28.67
N LEU E 391 0.98 26.36 28.55
CA LEU E 391 -0.09 26.39 29.54
C LEU E 391 0.42 26.00 30.91
N ARG E 392 1.38 25.07 30.98
CA ARG E 392 2.00 24.72 32.25
C ARG E 392 2.72 25.91 32.85
N LEU E 393 3.44 26.69 32.03
CA LEU E 393 4.11 27.87 32.53
C LEU E 393 3.12 28.91 33.04
N GLU E 394 2.01 29.10 32.32
CA GLU E 394 0.99 30.04 32.79
C GLU E 394 0.39 29.57 34.12
N LEU E 395 0.14 28.27 34.24
CA LEU E 395 -0.38 27.73 35.50
C LEU E 395 0.62 27.94 36.64
N ALA E 396 1.91 27.73 36.36
CA ALA E 396 2.93 27.99 37.37
C ALA E 396 2.96 29.45 37.77
N LYS E 397 2.73 30.35 36.81
CA LYS E 397 2.59 31.77 37.15
C LYS E 397 1.39 31.99 38.07
N VAL E 398 0.27 31.34 37.78
CA VAL E 398 -0.93 31.54 38.57
C VAL E 398 -0.83 30.80 39.90
N ILE E 399 -0.43 29.54 39.88
CA ILE E 399 -0.34 28.70 41.06
C ILE E 399 1.10 28.68 41.53
N PRO E 400 1.42 29.23 42.71
CA PRO E 400 2.83 29.33 43.13
C PRO E 400 3.55 28.00 43.24
N GLY E 401 3.04 27.11 44.09
CA GLY E 401 3.71 25.85 44.34
C GLY E 401 3.22 24.70 43.49
N LEU E 402 3.34 24.83 42.17
CA LEU E 402 2.84 23.80 41.26
C LEU E 402 3.87 22.68 41.13
N ARG E 403 3.43 21.44 41.32
CA ARG E 403 4.27 20.27 41.20
C ARG E 403 3.82 19.40 40.02
N PRO E 404 4.74 18.63 39.42
CA PRO E 404 4.37 17.86 38.22
C PRO E 404 3.29 16.83 38.45
N TRP E 405 3.15 16.30 39.67
CA TRP E 405 2.19 15.23 39.89
C TRP E 405 0.75 15.72 39.72
N GLU E 406 0.48 16.99 40.02
CA GLU E 406 -0.85 17.53 39.79
C GLU E 406 -1.18 17.55 38.30
N VAL E 407 -0.23 17.97 37.48
CA VAL E 407 -0.44 17.96 36.03
C VAL E 407 -0.64 16.54 35.52
N ILE E 408 0.16 15.60 36.04
CA ILE E 408 0.02 14.20 35.63
C ILE E 408 -1.35 13.67 36.01
N SER E 409 -1.83 14.00 37.21
CA SER E 409 -3.15 13.55 37.65
C SER E 409 -4.24 14.13 36.78
N ILE E 410 -4.14 15.41 36.43
CA ILE E 410 -5.14 16.03 35.56
C ILE E 410 -5.15 15.35 34.20
N GLU E 411 -3.96 15.08 33.65
CA GLU E 411 -3.88 14.39 32.37
C GLU E 411 -4.50 13.00 32.44
N GLN E 412 -4.23 12.27 33.53
CA GLN E 412 -4.81 10.95 33.70
C GLN E 412 -6.34 11.01 33.77
N ALA E 413 -6.86 11.98 34.53
CA ALA E 413 -8.31 12.12 34.62
C ALA E 413 -8.93 12.44 33.27
N MET E 414 -8.31 13.34 32.52
CA MET E 414 -8.85 13.71 31.21
C MET E 414 -8.79 12.52 30.24
N ASP E 415 -7.70 11.75 30.27
CA ASP E 415 -7.59 10.57 29.44
C ASP E 415 -8.48 9.42 29.93
N GLN E 416 -8.98 9.51 31.16
CA GLN E 416 -9.99 8.56 31.63
C GLN E 416 -11.39 8.97 31.20
N ILE E 417 -11.68 10.26 31.13
CA ILE E 417 -13.01 10.71 30.74
C ILE E 417 -13.31 10.31 29.30
N SER E 418 -12.39 10.62 28.38
CA SER E 418 -12.49 10.17 27.00
C SER E 418 -11.56 8.98 26.82
N TYR E 419 -11.99 8.02 26.00
CA TYR E 419 -11.34 6.71 25.89
C TYR E 419 -11.32 6.04 27.26
N GLY E 420 -12.51 5.72 27.77
CA GLY E 420 -12.69 5.19 29.11
C GLY E 420 -11.65 4.17 29.54
N GLY E 421 -11.53 3.10 28.78
CA GLY E 421 -10.45 2.15 28.95
C GLY E 421 -10.05 1.62 27.59
N GLU E 422 -10.63 2.21 26.56
CA GLU E 422 -10.55 1.77 25.18
C GLU E 422 -9.35 2.42 24.50
N TRP E 423 -9.35 2.41 23.16
CA TRP E 423 -8.24 2.83 22.30
C TRP E 423 -7.09 1.83 22.35
N TYR E 424 -7.44 0.54 22.29
CA TYR E 424 -6.52 -0.52 21.92
C TYR E 424 -7.34 -1.59 21.22
N ARG E 425 -6.67 -2.38 20.39
CA ARG E 425 -7.32 -3.51 19.73
C ARG E 425 -6.58 -4.79 20.09
N GLU E 426 -7.17 -5.92 19.68
CA GLU E 426 -6.58 -7.21 19.95
C GLU E 426 -5.29 -7.37 19.15
N PRO E 427 -4.42 -8.29 19.56
CA PRO E 427 -3.18 -8.53 18.81
C PRO E 427 -3.44 -8.85 17.35
N LEU E 428 -2.35 -8.92 16.59
CA LEU E 428 -2.40 -8.90 15.14
C LEU E 428 -2.54 -10.29 14.52
N GLY E 429 -3.23 -11.20 15.20
CA GLY E 429 -3.52 -12.50 14.61
C GLY E 429 -4.88 -13.05 14.98
N THR E 430 -5.72 -12.23 15.61
CA THR E 430 -7.00 -12.69 16.12
C THR E 430 -8.16 -12.51 15.13
N TYR E 431 -7.93 -11.86 14.00
CA TYR E 431 -8.98 -11.64 13.01
C TYR E 431 -8.59 -12.23 11.66
N THR E 432 -7.96 -13.40 11.67
CA THR E 432 -7.52 -14.07 10.47
C THR E 432 -8.44 -15.24 10.16
N THR E 433 -8.95 -15.28 8.93
CA THR E 433 -9.90 -16.31 8.52
C THR E 433 -9.35 -17.28 7.49
N GLY E 434 -8.38 -16.88 6.68
CA GLY E 434 -7.90 -17.70 5.60
C GLY E 434 -8.84 -17.66 4.41
N PRO E 435 -8.62 -18.54 3.44
CA PRO E 435 -9.52 -18.59 2.27
C PRO E 435 -10.93 -18.95 2.69
N PRO E 436 -11.93 -18.20 2.22
CA PRO E 436 -13.31 -18.45 2.66
C PRO E 436 -13.84 -19.83 2.29
N TYR E 437 -13.46 -20.37 1.14
CA TYR E 437 -14.04 -21.63 0.68
C TYR E 437 -13.63 -22.80 1.58
N ILE E 438 -12.48 -22.71 2.23
CA ILE E 438 -12.01 -23.81 3.06
C ILE E 438 -12.94 -24.02 4.25
N ARG E 439 -13.52 -22.95 4.79
CA ARG E 439 -14.42 -23.09 5.93
C ARG E 439 -15.67 -23.89 5.56
N GLU E 440 -16.30 -23.56 4.43
CA GLU E 440 -17.48 -24.30 4.02
C GLU E 440 -17.13 -25.72 3.58
N TRP E 441 -15.93 -25.91 3.00
CA TRP E 441 -15.49 -27.27 2.71
C TRP E 441 -15.34 -28.08 4.00
N ASN E 442 -14.80 -27.47 5.05
CA ASN E 442 -14.70 -28.13 6.34
C ASN E 442 -16.08 -28.46 6.89
N ARG E 443 -17.03 -27.53 6.75
CA ARG E 443 -18.39 -27.79 7.23
C ARG E 443 -19.01 -28.98 6.52
N SER E 444 -18.85 -29.04 5.19
CA SER E 444 -19.35 -30.19 4.44
C SER E 444 -18.68 -31.48 4.89
N VAL E 445 -17.36 -31.43 5.12
CA VAL E 445 -16.63 -32.61 5.56
C VAL E 445 -17.13 -33.10 6.90
N MET E 446 -17.35 -32.18 7.85
CA MET E 446 -17.83 -32.58 9.16
C MET E 446 -19.25 -33.12 9.10
N ARG E 447 -20.10 -32.55 8.25
CA ARG E 447 -21.44 -33.09 8.09
C ARG E 447 -21.40 -34.50 7.53
N LEU E 448 -20.57 -34.75 6.52
CA LEU E 448 -20.45 -36.09 5.97
C LEU E 448 -19.89 -37.06 7.02
N PHE E 449 -18.92 -36.61 7.82
CA PHE E 449 -18.37 -37.45 8.87
C PHE E 449 -19.42 -37.80 9.90
N ARG E 450 -20.25 -36.83 10.29
CA ARG E 450 -21.32 -37.12 11.24
C ARG E 450 -22.32 -38.11 10.66
N ILE E 451 -22.62 -37.98 9.37
CA ILE E 451 -23.50 -38.94 8.72
C ILE E 451 -22.88 -40.35 8.77
N PHE E 452 -21.59 -40.45 8.47
CA PHE E 452 -20.95 -41.76 8.42
C PHE E 452 -20.88 -42.38 9.81
N TYR E 453 -20.48 -41.60 10.82
CA TYR E 453 -20.17 -42.16 12.13
C TYR E 453 -21.38 -42.82 12.78
N ASN E 454 -22.59 -42.33 12.48
CA ASN E 454 -23.79 -42.84 13.13
C ASN E 454 -24.33 -44.08 12.42
N LEU E 455 -24.37 -44.07 11.09
CA LEU E 455 -24.98 -45.15 10.31
C LEU E 455 -24.01 -45.68 9.28
N SER E 456 -24.15 -46.96 8.94
CA SER E 456 -23.31 -47.62 7.95
C SER E 456 -21.82 -47.52 8.32
N GLY F 158 -61.19 29.28 -14.31
CA GLY F 158 -61.17 27.93 -14.86
C GLY F 158 -60.40 26.94 -14.01
N ILE F 159 -59.74 27.46 -12.98
CA ILE F 159 -58.95 26.61 -12.09
C ILE F 159 -59.84 25.61 -11.36
N ALA F 160 -61.08 25.99 -11.06
CA ALA F 160 -61.98 25.11 -10.33
C ALA F 160 -62.22 23.81 -11.09
N ASP F 161 -62.39 23.89 -12.42
CA ASP F 161 -62.61 22.69 -13.21
C ASP F 161 -61.45 21.72 -13.10
N GLU F 162 -60.23 22.20 -13.35
CA GLU F 162 -59.07 21.33 -13.30
C GLU F 162 -58.83 20.78 -11.89
N THR F 163 -59.11 21.59 -10.87
CA THR F 163 -58.96 21.09 -9.51
C THR F 163 -59.96 19.97 -9.21
N LEU F 164 -61.20 20.10 -9.69
CA LEU F 164 -62.16 19.04 -9.44
C LEU F 164 -61.88 17.80 -10.31
N GLN F 165 -61.18 17.95 -11.43
CA GLN F 165 -60.70 16.76 -12.12
C GLN F 165 -59.55 16.09 -11.36
N VAL F 166 -58.59 16.88 -10.89
CA VAL F 166 -57.40 16.28 -10.27
C VAL F 166 -57.69 15.74 -8.87
N VAL F 167 -58.75 16.21 -8.20
CA VAL F 167 -59.09 15.62 -6.92
C VAL F 167 -59.51 14.17 -7.08
N LEU F 168 -60.12 13.83 -8.23
CA LEU F 168 -60.46 12.44 -8.48
C LEU F 168 -59.23 11.56 -8.53
N ALA F 169 -58.18 12.03 -9.23
CA ALA F 169 -56.91 11.30 -9.24
C ALA F 169 -56.26 11.28 -7.87
N THR F 170 -56.43 12.35 -7.09
CA THR F 170 -55.90 12.38 -5.73
C THR F 170 -56.49 11.24 -4.90
N LEU F 171 -57.82 11.14 -4.89
CA LEU F 171 -58.47 10.02 -4.20
C LEU F 171 -58.05 8.69 -4.81
N GLY F 172 -57.92 8.64 -6.13
CA GLY F 172 -57.42 7.47 -6.82
C GLY F 172 -56.14 6.93 -6.23
N PHE F 173 -55.06 7.72 -6.26
CA PHE F 173 -53.81 7.14 -5.79
C PHE F 173 -53.69 7.09 -4.26
N ILE F 174 -54.44 7.92 -3.51
CA ILE F 174 -54.41 7.74 -2.06
C ILE F 174 -54.99 6.37 -1.71
N PHE F 175 -56.10 5.98 -2.34
CA PHE F 175 -56.60 4.63 -2.12
C PHE F 175 -55.70 3.57 -2.74
N LEU F 176 -55.02 3.89 -3.85
CA LEU F 176 -54.12 2.92 -4.46
C LEU F 176 -52.99 2.54 -3.51
N TYR F 177 -52.31 3.52 -2.93
CA TYR F 177 -51.25 3.17 -1.97
C TYR F 177 -51.79 2.96 -0.57
N THR F 178 -53.10 3.08 -0.37
CA THR F 178 -53.75 2.43 0.75
C THR F 178 -54.01 0.95 0.48
N TYR F 179 -53.93 0.51 -0.78
CA TYR F 179 -54.19 -0.87 -1.13
C TYR F 179 -52.99 -1.54 -1.82
N ILE F 180 -51.82 -1.42 -1.19
CA ILE F 180 -50.57 -2.05 -1.63
C ILE F 180 -50.12 -2.77 -0.36
N ILE F 181 -48.91 -3.34 -0.32
CA ILE F 181 -48.37 -4.01 0.89
C ILE F 181 -48.74 -3.25 2.16
N THR F 182 -48.58 -1.91 2.09
CA THR F 182 -49.12 -1.05 3.11
C THR F 182 -50.56 -1.44 3.43
N GLY F 183 -51.34 -1.86 2.44
CA GLY F 183 -52.70 -2.32 2.72
C GLY F 183 -52.75 -3.56 3.57
N GLU F 184 -51.83 -4.51 3.35
CA GLU F 184 -51.82 -5.75 4.13
C GLU F 184 -51.44 -5.55 5.60
N GLU F 185 -50.38 -4.79 5.92
CA GLU F 185 -50.28 -4.47 7.36
C GLU F 185 -51.23 -3.36 7.79
N LEU F 186 -51.82 -2.67 6.83
CA LEU F 186 -52.63 -1.52 7.12
C LEU F 186 -54.08 -1.90 7.34
N VAL F 187 -54.47 -3.14 7.07
CA VAL F 187 -55.73 -3.62 7.62
C VAL F 187 -55.74 -3.39 9.13
N LYS F 188 -54.79 -3.99 9.85
CA LYS F 188 -54.68 -3.72 11.28
C LYS F 188 -54.45 -2.25 11.55
N LEU F 189 -53.41 -1.67 10.93
CA LEU F 189 -53.01 -0.31 11.29
C LEU F 189 -54.12 0.70 11.00
N ALA F 190 -54.51 0.84 9.73
CA ALA F 190 -55.51 1.81 9.34
C ALA F 190 -56.89 1.49 9.89
N ARG F 191 -57.26 0.22 10.04
CA ARG F 191 -58.56 -0.08 10.64
C ARG F 191 -58.63 0.46 12.05
N ASP F 192 -57.59 0.20 12.86
CA ASP F 192 -57.50 0.84 14.17
C ASP F 192 -57.54 2.36 14.04
N TYR F 193 -56.92 2.90 12.98
CA TYR F 193 -56.86 4.35 12.82
C TYR F 193 -58.21 4.96 12.48
N ILE F 194 -59.09 4.21 11.81
CA ILE F 194 -60.29 4.78 11.21
C ILE F 194 -61.56 4.45 12.01
N ARG F 195 -61.66 3.26 12.61
CA ARG F 195 -62.93 2.90 13.24
C ARG F 195 -63.29 3.82 14.39
N PHE F 196 -62.33 4.59 14.91
CA PHE F 196 -62.61 5.72 15.79
C PHE F 196 -61.88 6.96 15.28
N LEU F 197 -62.01 7.25 13.98
CA LEU F 197 -61.53 8.52 13.47
C LEU F 197 -62.26 9.64 14.19
N MET F 198 -61.50 10.61 14.71
CA MET F 198 -61.99 11.57 15.70
C MET F 198 -62.51 10.80 16.92
N GLY F 199 -61.57 10.08 17.53
CA GLY F 199 -61.86 9.20 18.64
C GLY F 199 -60.61 8.70 19.34
N ARG F 200 -60.58 7.40 19.65
CA ARG F 200 -59.46 6.85 20.43
C ARG F 200 -58.11 7.03 19.77
N PRO F 201 -57.90 6.65 18.49
CA PRO F 201 -56.57 6.86 17.91
C PRO F 201 -56.13 8.30 17.91
N LYS F 202 -57.04 9.25 17.65
CA LYS F 202 -56.69 10.66 17.66
C LYS F 202 -56.15 11.09 19.01
N THR F 203 -56.61 10.46 20.10
CA THR F 203 -56.19 10.84 21.44
C THR F 203 -55.06 9.98 21.98
N VAL F 204 -54.75 8.84 21.38
CA VAL F 204 -53.70 7.96 21.89
C VAL F 204 -52.44 8.00 21.03
N ARG F 205 -52.58 7.94 19.70
CA ARG F 205 -51.40 7.93 18.84
C ARG F 205 -50.77 9.31 18.70
N LEU F 206 -51.57 10.37 18.84
CA LEU F 206 -51.02 11.72 18.77
C LEU F 206 -50.04 11.98 19.91
N THR F 207 -50.33 11.45 21.09
CA THR F 207 -49.41 11.60 22.22
C THR F 207 -48.05 11.00 21.88
N ARG F 208 -48.03 9.77 21.34
CA ARG F 208 -46.77 9.19 20.89
C ARG F 208 -46.17 10.00 19.75
N ALA F 209 -47.01 10.68 18.97
CA ALA F 209 -46.51 11.49 17.87
C ALA F 209 -45.69 12.67 18.39
N MET F 210 -46.22 13.43 19.35
CA MET F 210 -45.41 14.55 19.85
C MET F 210 -44.48 14.14 20.97
N ASP F 211 -44.47 12.87 21.39
CA ASP F 211 -43.48 12.43 22.37
C ASP F 211 -42.06 12.66 21.86
N SER F 212 -41.79 12.33 20.58
CA SER F 212 -40.46 12.59 20.06
C SER F 212 -40.17 14.08 19.96
N TRP F 213 -41.20 14.88 19.63
CA TRP F 213 -40.99 16.30 19.45
C TRP F 213 -40.62 16.97 20.76
N ASN F 214 -41.52 16.92 21.75
CA ASN F 214 -41.17 17.47 23.05
C ASN F 214 -40.02 16.70 23.69
N GLY F 215 -39.73 15.49 23.19
CA GLY F 215 -38.54 14.79 23.64
C GLY F 215 -37.27 15.54 23.29
N PHE F 216 -36.98 15.67 22.00
CA PHE F 216 -35.72 16.34 21.69
C PHE F 216 -35.77 17.81 22.10
N LEU F 217 -36.97 18.38 22.28
CA LEU F 217 -37.04 19.67 22.96
C LEU F 217 -36.49 19.58 24.38
N GLU F 218 -36.85 18.53 25.12
CA GLU F 218 -36.38 18.41 26.50
C GLU F 218 -34.88 18.10 26.56
N LYS F 219 -34.37 17.27 25.64
CA LYS F 219 -32.93 17.11 25.54
C LYS F 219 -32.21 18.41 25.19
N MET F 220 -32.74 19.23 24.27
CA MET F 220 -32.07 20.50 24.02
C MET F 220 -32.12 21.41 25.25
N SER F 221 -33.23 21.35 26.00
CA SER F 221 -33.30 22.09 27.26
C SER F 221 -32.24 21.59 28.24
N ARG F 222 -32.05 20.27 28.33
CA ARG F 222 -31.06 19.74 29.26
C ARG F 222 -29.66 20.19 28.84
N GLN F 223 -29.35 20.11 27.54
CA GLN F 223 -28.09 20.65 27.04
C GLN F 223 -27.93 22.11 27.44
N ARG F 224 -29.03 22.88 27.45
CA ARG F 224 -28.96 24.23 27.97
C ARG F 224 -28.58 24.25 29.45
N VAL F 225 -29.14 23.33 30.24
CA VAL F 225 -29.05 23.44 31.69
C VAL F 225 -27.88 22.67 32.32
N TYR F 226 -27.36 21.63 31.66
CA TYR F 226 -26.35 20.78 32.28
C TYR F 226 -24.96 21.02 31.70
N ASP F 227 -24.75 22.17 31.07
CA ASP F 227 -23.47 22.50 30.44
C ASP F 227 -22.62 23.45 31.27
N GLU F 228 -22.94 23.65 32.55
CA GLU F 228 -22.28 24.69 33.32
C GLU F 228 -20.96 24.21 33.96
N TYR F 229 -21.03 23.17 34.81
CA TYR F 229 -19.87 22.70 35.55
C TYR F 229 -19.67 21.20 35.40
N TRP F 230 -20.22 20.60 34.34
CA TRP F 230 -20.16 19.14 34.22
C TRP F 230 -18.73 18.64 34.12
N LEU F 231 -17.87 19.36 33.38
CA LEU F 231 -16.49 18.92 33.21
C LEU F 231 -15.75 18.94 34.54
N GLU F 232 -16.02 19.94 35.38
CA GLU F 232 -15.35 20.02 36.67
C GLU F 232 -15.68 18.80 37.53
N LYS F 233 -16.97 18.48 37.67
CA LYS F 233 -17.35 17.33 38.49
C LYS F 233 -16.90 16.01 37.85
N ALA F 234 -16.87 15.94 36.53
CA ALA F 234 -16.35 14.75 35.88
C ALA F 234 -14.87 14.54 36.20
N ILE F 235 -14.08 15.62 36.17
CA ILE F 235 -12.67 15.51 36.49
C ILE F 235 -12.47 15.16 37.96
N ILE F 236 -13.24 15.80 38.85
CA ILE F 236 -13.08 15.55 40.29
C ILE F 236 -13.46 14.12 40.62
N ASN F 237 -14.55 13.62 40.05
CA ASN F 237 -15.05 12.28 40.36
C ASN F 237 -14.42 11.24 39.44
N THR F 238 -13.08 11.22 39.39
CA THR F 238 -12.35 10.25 38.58
C THR F 238 -11.10 9.79 39.32
N PRO F 239 -10.93 8.49 39.54
CA PRO F 239 -9.75 8.02 40.27
C PRO F 239 -8.52 7.98 39.39
N THR F 240 -7.38 8.34 39.98
CA THR F 240 -6.09 8.31 39.31
C THR F 240 -5.07 7.71 40.28
N TRP F 241 -3.78 7.82 39.93
CA TRP F 241 -2.73 7.37 40.83
C TRP F 241 -2.70 8.22 42.09
N TYR F 242 -3.14 9.47 42.01
CA TYR F 242 -3.04 10.42 43.11
C TYR F 242 -4.41 10.81 43.68
N ASP F 243 -5.32 11.25 42.83
CA ASP F 243 -6.60 11.80 43.27
C ASP F 243 -7.70 10.76 43.19
N SER F 244 -8.71 10.93 44.05
CA SER F 244 -9.88 10.07 44.06
C SER F 244 -11.01 10.82 44.76
N PRO F 245 -12.26 10.55 44.41
CA PRO F 245 -13.38 11.22 45.10
C PRO F 245 -13.41 10.95 46.60
N GLU F 246 -12.99 9.77 47.03
CA GLU F 246 -12.98 9.46 48.46
C GLU F 246 -12.03 10.39 49.21
N LYS F 247 -10.85 10.65 48.64
CA LYS F 247 -9.91 11.56 49.28
C LYS F 247 -10.48 12.98 49.36
N TYR F 248 -11.15 13.43 48.31
CA TYR F 248 -11.73 14.76 48.32
C TYR F 248 -12.81 14.86 49.40
N ARG F 249 -13.76 13.93 49.40
CA ARG F 249 -14.88 14.02 50.33
C ARG F 249 -14.49 13.65 51.76
N ARG F 250 -13.35 13.01 51.96
CA ARG F 250 -12.91 12.67 53.31
C ARG F 250 -12.39 13.89 54.07
N VAL F 251 -11.64 14.76 53.40
CA VAL F 251 -11.08 15.96 54.00
C VAL F 251 -11.43 17.16 53.14
N ILE F 252 -12.06 18.16 53.76
CA ILE F 252 -12.48 19.35 53.04
C ILE F 252 -11.27 20.15 52.56
#